data_2ECB
#
_entry.id   2ECB
#
_entity_poly.entity_id   1
_entity_poly.type   'polypeptide(L)'
_entity_poly.pdbx_seq_one_letter_code
;GSSGSSGPDFTPQKFKEKTAEQLRVLQASFLNSSVLTDEELNRLRAQTKLTRREIDAWFTEKKKSKALKEEKMEIDESNA
GSSSGPSSG
;
_entity_poly.pdbx_strand_id   A
#
# COMPACT_ATOMS: atom_id res chain seq x y z
N GLY A 1 -41.78 15.10 3.77
CA GLY A 1 -41.00 13.87 3.74
C GLY A 1 -39.54 14.10 4.09
N SER A 2 -38.65 13.59 3.24
CA SER A 2 -37.21 13.74 3.47
C SER A 2 -36.67 14.97 2.74
N SER A 3 -35.57 15.50 3.25
CA SER A 3 -34.95 16.69 2.66
C SER A 3 -34.96 16.59 1.14
N GLY A 4 -34.27 15.60 0.60
CA GLY A 4 -34.21 15.42 -0.84
C GLY A 4 -33.04 14.55 -1.27
N SER A 5 -31.93 15.19 -1.64
CA SER A 5 -30.75 14.46 -2.08
C SER A 5 -29.59 14.67 -1.10
N SER A 6 -29.38 15.93 -0.70
CA SER A 6 -28.30 16.27 0.22
C SER A 6 -26.94 15.93 -0.38
N GLY A 7 -26.85 16.06 -1.71
CA GLY A 7 -25.59 15.77 -2.38
C GLY A 7 -25.50 14.32 -2.83
N PRO A 8 -24.85 14.09 -3.98
CA PRO A 8 -24.68 12.74 -4.54
C PRO A 8 -23.72 11.89 -3.72
N ASP A 9 -23.42 10.70 -4.21
CA ASP A 9 -22.51 9.79 -3.52
C ASP A 9 -21.08 9.99 -4.00
N PHE A 10 -20.14 9.98 -3.07
CA PHE A 10 -18.73 10.16 -3.39
C PHE A 10 -18.26 9.13 -4.41
N THR A 11 -17.38 9.55 -5.31
CA THR A 11 -16.86 8.66 -6.34
C THR A 11 -15.40 8.31 -6.09
N PRO A 12 -15.02 7.08 -6.43
CA PRO A 12 -13.64 6.60 -6.24
C PRO A 12 -12.66 7.27 -7.19
N GLN A 13 -11.37 7.19 -6.87
CA GLN A 13 -10.33 7.80 -7.69
C GLN A 13 -8.95 7.30 -7.27
N LYS A 14 -8.15 6.90 -8.24
CA LYS A 14 -6.81 6.41 -7.98
C LYS A 14 -5.86 7.57 -7.66
N PHE A 15 -4.72 7.25 -7.04
CA PHE A 15 -3.74 8.26 -6.68
C PHE A 15 -2.35 7.88 -7.21
N LYS A 16 -2.11 8.17 -8.48
CA LYS A 16 -0.83 7.85 -9.11
C LYS A 16 0.03 9.10 -9.22
N GLU A 17 0.39 9.67 -8.08
CA GLU A 17 1.22 10.88 -8.05
C GLU A 17 1.74 11.15 -6.65
N LYS A 18 3.04 10.90 -6.45
CA LYS A 18 3.66 11.11 -5.15
C LYS A 18 5.07 11.68 -5.31
N THR A 19 5.57 12.34 -4.28
CA THR A 19 6.90 12.93 -4.31
C THR A 19 7.92 12.03 -3.61
N ALA A 20 9.14 12.01 -4.13
CA ALA A 20 10.20 11.20 -3.56
C ALA A 20 10.21 11.30 -2.04
N GLU A 21 9.92 12.49 -1.53
CA GLU A 21 9.90 12.72 -0.09
C GLU A 21 8.80 11.91 0.57
N GLN A 22 7.61 11.96 0.00
CA GLN A 22 6.46 11.23 0.54
C GLN A 22 6.69 9.72 0.45
N LEU A 23 7.07 9.26 -0.73
CA LEU A 23 7.32 7.84 -0.95
C LEU A 23 8.38 7.32 0.01
N ARG A 24 9.55 7.95 -0.02
CA ARG A 24 10.65 7.56 0.85
C ARG A 24 10.15 7.22 2.25
N VAL A 25 9.04 7.84 2.64
CA VAL A 25 8.46 7.61 3.95
C VAL A 25 7.55 6.38 3.94
N LEU A 26 6.47 6.46 3.18
CA LEU A 26 5.52 5.35 3.08
C LEU A 26 6.24 4.03 2.84
N GLN A 27 7.21 4.05 1.94
CA GLN A 27 7.98 2.85 1.62
C GLN A 27 8.79 2.39 2.83
N ALA A 28 9.32 3.35 3.59
CA ALA A 28 10.11 3.04 4.76
C ALA A 28 9.23 2.52 5.90
N SER A 29 7.93 2.78 5.79
CA SER A 29 6.99 2.34 6.81
C SER A 29 6.32 1.03 6.40
N PHE A 30 5.56 1.07 5.31
CA PHE A 30 4.87 -0.11 4.82
C PHE A 30 5.75 -1.36 4.95
N LEU A 31 7.05 -1.18 4.73
CA LEU A 31 7.99 -2.28 4.82
C LEU A 31 7.95 -2.92 6.21
N ASN A 32 8.19 -2.11 7.23
CA ASN A 32 8.18 -2.59 8.61
C ASN A 32 6.85 -3.26 8.94
N SER A 33 5.76 -2.60 8.58
CA SER A 33 4.42 -3.13 8.85
C SER A 33 3.55 -3.04 7.59
N SER A 34 3.54 -4.11 6.81
CA SER A 34 2.75 -4.15 5.58
C SER A 34 1.34 -3.63 5.83
N VAL A 35 0.77 -4.00 6.97
CA VAL A 35 -0.58 -3.57 7.33
C VAL A 35 -0.55 -2.25 8.11
N LEU A 36 -1.30 -1.27 7.62
CA LEU A 36 -1.37 0.04 8.26
C LEU A 36 -2.28 -0.01 9.50
N THR A 37 -1.88 0.70 10.54
CA THR A 37 -2.65 0.75 11.78
C THR A 37 -3.12 2.17 12.09
N ASP A 38 -4.18 2.28 12.88
CA ASP A 38 -4.71 3.59 13.25
C ASP A 38 -3.61 4.52 13.73
N GLU A 39 -2.60 3.95 14.38
CA GLU A 39 -1.47 4.73 14.89
C GLU A 39 -0.53 5.12 13.76
N GLU A 40 0.17 4.14 13.22
CA GLU A 40 1.11 4.38 12.12
C GLU A 40 0.49 5.29 11.07
N LEU A 41 -0.80 5.10 10.81
CA LEU A 41 -1.51 5.90 9.82
C LEU A 41 -1.34 7.39 10.11
N ASN A 42 -1.67 7.79 11.33
CA ASN A 42 -1.56 9.19 11.74
C ASN A 42 -0.16 9.73 11.43
N ARG A 43 0.84 9.16 12.07
CA ARG A 43 2.22 9.59 11.88
C ARG A 43 2.49 9.91 10.40
N LEU A 44 2.20 8.95 9.54
CA LEU A 44 2.40 9.12 8.11
C LEU A 44 1.54 10.27 7.57
N ARG A 45 0.34 10.41 8.12
CA ARG A 45 -0.58 11.46 7.69
C ARG A 45 0.08 12.83 7.81
N ALA A 46 1.03 12.94 8.73
CA ALA A 46 1.74 14.20 8.94
C ALA A 46 3.06 14.22 8.18
N GLN A 47 3.67 13.05 8.03
CA GLN A 47 4.95 12.94 7.33
C GLN A 47 4.75 13.12 5.82
N THR A 48 3.88 12.29 5.24
CA THR A 48 3.61 12.35 3.82
C THR A 48 2.66 13.49 3.49
N LYS A 49 2.08 14.09 4.53
CA LYS A 49 1.15 15.21 4.35
C LYS A 49 0.01 14.81 3.43
N LEU A 50 -0.29 13.52 3.37
CA LEU A 50 -1.37 13.01 2.52
C LEU A 50 -2.61 12.68 3.36
N THR A 51 -3.63 12.15 2.69
CA THR A 51 -4.86 11.79 3.38
C THR A 51 -4.81 10.35 3.89
N ARG A 52 -5.60 10.06 4.92
CA ARG A 52 -5.64 8.73 5.50
C ARG A 52 -6.02 7.68 4.45
N ARG A 53 -6.96 8.04 3.58
CA ARG A 53 -7.43 7.14 2.54
C ARG A 53 -6.31 6.83 1.55
N GLU A 54 -5.58 7.87 1.15
CA GLU A 54 -4.48 7.71 0.21
C GLU A 54 -3.43 6.75 0.76
N ILE A 55 -2.90 7.07 1.94
CA ILE A 55 -1.89 6.24 2.57
C ILE A 55 -2.33 4.78 2.62
N ASP A 56 -3.42 4.53 3.33
CA ASP A 56 -3.95 3.17 3.45
C ASP A 56 -4.03 2.49 2.09
N ALA A 57 -4.73 3.12 1.15
CA ALA A 57 -4.88 2.58 -0.19
C ALA A 57 -3.54 2.16 -0.76
N TRP A 58 -2.52 3.01 -0.56
CA TRP A 58 -1.19 2.72 -1.06
C TRP A 58 -0.63 1.43 -0.45
N PHE A 59 -0.57 1.39 0.87
CA PHE A 59 -0.07 0.22 1.58
C PHE A 59 -0.66 -1.06 1.01
N THR A 60 -1.95 -1.03 0.71
CA THR A 60 -2.64 -2.19 0.16
C THR A 60 -2.01 -2.62 -1.17
N GLU A 61 -2.20 -1.79 -2.20
CA GLU A 61 -1.64 -2.09 -3.51
C GLU A 61 -0.23 -2.67 -3.40
N LYS A 62 0.62 -1.98 -2.66
CA LYS A 62 2.00 -2.42 -2.47
C LYS A 62 2.06 -3.92 -2.29
N LYS A 63 1.31 -4.44 -1.32
CA LYS A 63 1.29 -5.86 -1.05
C LYS A 63 1.33 -6.67 -2.34
N LYS A 64 0.43 -6.36 -3.26
CA LYS A 64 0.38 -7.05 -4.54
C LYS A 64 1.75 -7.10 -5.19
N SER A 65 2.43 -5.96 -5.21
CA SER A 65 3.77 -5.87 -5.80
C SER A 65 4.65 -7.02 -5.32
N LYS A 66 4.57 -7.32 -4.03
CA LYS A 66 5.36 -8.39 -3.44
C LYS A 66 4.98 -9.74 -4.05
N ALA A 67 3.69 -9.95 -4.25
CA ALA A 67 3.19 -11.20 -4.83
C ALA A 67 4.13 -11.71 -5.91
N LEU A 68 4.67 -10.79 -6.71
CA LEU A 68 5.58 -11.15 -7.79
C LEU A 68 6.85 -11.79 -7.24
N LYS A 69 7.29 -12.86 -7.88
CA LYS A 69 8.50 -13.56 -7.46
C LYS A 69 9.71 -12.63 -7.50
N GLU A 70 9.93 -11.91 -6.40
CA GLU A 70 11.05 -10.98 -6.30
C GLU A 70 12.35 -11.66 -6.73
N GLU A 71 13.35 -10.85 -7.05
CA GLU A 71 14.64 -11.37 -7.48
C GLU A 71 15.30 -12.18 -6.37
N LYS A 72 16.39 -12.87 -6.72
CA LYS A 72 17.12 -13.69 -5.75
C LYS A 72 17.17 -13.00 -4.40
N MET A 73 16.93 -13.77 -3.33
CA MET A 73 16.96 -13.23 -1.98
C MET A 73 18.27 -13.57 -1.29
N GLU A 74 18.55 -12.89 -0.18
CA GLU A 74 19.78 -13.12 0.57
C GLU A 74 19.50 -13.90 1.86
N ILE A 75 19.99 -15.13 1.92
CA ILE A 75 19.78 -15.97 3.09
C ILE A 75 20.59 -15.46 4.28
N ASP A 76 21.76 -14.90 4.00
CA ASP A 76 22.62 -14.36 5.04
C ASP A 76 21.82 -13.58 6.07
N GLU A 77 21.63 -14.18 7.24
CA GLU A 77 20.87 -13.54 8.31
C GLU A 77 21.67 -12.39 8.92
N SER A 78 21.00 -11.24 9.09
CA SER A 78 21.64 -10.06 9.65
C SER A 78 22.65 -10.45 10.74
N ASN A 79 23.87 -9.93 10.61
CA ASN A 79 24.92 -10.22 11.58
C ASN A 79 24.59 -9.62 12.94
N ALA A 80 25.12 -10.24 13.99
CA ALA A 80 24.88 -9.77 15.35
C ALA A 80 26.09 -9.01 15.88
N GLY A 81 26.02 -8.62 17.16
CA GLY A 81 27.11 -7.89 17.77
C GLY A 81 27.39 -8.34 19.18
N SER A 82 28.31 -7.66 19.86
CA SER A 82 28.67 -8.00 21.23
C SER A 82 29.14 -6.77 21.99
N SER A 83 29.56 -6.98 23.24
CA SER A 83 30.03 -5.88 24.08
C SER A 83 30.93 -6.40 25.19
N SER A 84 31.79 -5.53 25.70
CA SER A 84 32.71 -5.90 26.77
C SER A 84 32.71 -4.85 27.88
N GLY A 85 33.49 -5.08 28.92
CA GLY A 85 33.58 -4.15 30.02
C GLY A 85 34.25 -4.74 31.24
N PRO A 86 35.59 -4.73 31.25
CA PRO A 86 36.39 -5.26 32.36
C PRO A 86 36.28 -4.41 33.62
N SER A 87 36.98 -4.82 34.66
CA SER A 87 36.97 -4.10 35.93
C SER A 87 38.35 -4.09 36.57
N SER A 88 38.49 -3.32 37.65
CA SER A 88 39.76 -3.20 38.36
C SER A 88 39.59 -2.47 39.68
N GLY A 89 40.59 -2.58 40.54
CA GLY A 89 40.53 -1.92 41.84
C GLY A 89 41.85 -2.00 42.58
N GLY A 1 -26.06 -0.26 5.69
CA GLY A 1 -27.09 -0.99 6.40
C GLY A 1 -28.02 -0.07 7.17
N SER A 2 -28.42 -0.50 8.36
CA SER A 2 -29.32 0.28 9.19
C SER A 2 -28.62 1.51 9.75
N SER A 3 -27.50 1.28 10.43
CA SER A 3 -26.72 2.37 11.01
C SER A 3 -25.60 2.81 10.08
N GLY A 4 -25.67 4.06 9.61
CA GLY A 4 -24.66 4.57 8.72
C GLY A 4 -25.17 4.72 7.29
N SER A 5 -24.36 5.35 6.44
CA SER A 5 -24.74 5.57 5.05
C SER A 5 -24.06 4.55 4.14
N SER A 6 -24.75 4.14 3.09
CA SER A 6 -24.22 3.18 2.14
C SER A 6 -22.79 3.52 1.75
N GLY A 7 -21.99 2.49 1.46
CA GLY A 7 -20.61 2.71 1.08
C GLY A 7 -20.42 3.95 0.23
N PRO A 8 -19.27 4.60 0.38
CA PRO A 8 -18.95 5.81 -0.39
C PRO A 8 -18.71 5.54 -1.86
N ASP A 9 -19.79 5.62 -2.65
CA ASP A 9 -19.71 5.37 -4.08
C ASP A 9 -19.36 6.65 -4.83
N PHE A 10 -18.13 6.72 -5.32
CA PHE A 10 -17.66 7.90 -6.06
C PHE A 10 -17.12 7.50 -7.42
N THR A 11 -16.58 8.48 -8.14
CA THR A 11 -16.03 8.23 -9.48
C THR A 11 -14.89 7.22 -9.41
N PRO A 12 -14.63 6.56 -10.55
CA PRO A 12 -13.56 5.57 -10.65
C PRO A 12 -12.17 6.19 -10.57
N GLN A 13 -12.13 7.50 -10.38
CA GLN A 13 -10.86 8.22 -10.30
C GLN A 13 -9.80 7.36 -9.62
N LYS A 14 -8.64 7.24 -10.27
CA LYS A 14 -7.54 6.45 -9.73
C LYS A 14 -6.52 7.34 -9.03
N PHE A 15 -6.93 7.94 -7.90
CA PHE A 15 -6.06 8.81 -7.14
C PHE A 15 -4.71 8.15 -6.89
N LYS A 16 -3.75 8.42 -7.78
CA LYS A 16 -2.41 7.85 -7.67
C LYS A 16 -1.35 8.90 -8.00
N GLU A 17 -0.61 9.32 -6.97
CA GLU A 17 0.43 10.32 -7.15
C GLU A 17 1.23 10.52 -5.85
N LYS A 18 2.45 10.01 -5.83
CA LYS A 18 3.31 10.13 -4.66
C LYS A 18 4.64 10.77 -5.03
N THR A 19 5.04 11.78 -4.26
CA THR A 19 6.29 12.48 -4.50
C THR A 19 7.46 11.78 -3.80
N ALA A 20 8.65 11.89 -4.38
CA ALA A 20 9.84 11.28 -3.81
C ALA A 20 9.78 11.28 -2.29
N GLU A 21 9.83 12.47 -1.71
CA GLU A 21 9.78 12.61 -0.25
C GLU A 21 8.74 11.67 0.36
N GLN A 22 7.51 11.81 -0.09
CA GLN A 22 6.42 10.97 0.40
C GLN A 22 6.78 9.49 0.29
N LEU A 23 7.19 9.08 -0.91
CA LEU A 23 7.55 7.69 -1.15
C LEU A 23 8.63 7.23 -0.16
N ARG A 24 9.77 7.90 -0.17
CA ARG A 24 10.87 7.56 0.72
C ARG A 24 10.35 7.25 2.12
N VAL A 25 9.18 7.79 2.44
CA VAL A 25 8.57 7.58 3.75
C VAL A 25 7.62 6.38 3.73
N LEU A 26 6.52 6.52 2.97
CA LEU A 26 5.53 5.45 2.87
C LEU A 26 6.21 4.11 2.65
N GLN A 27 7.25 4.09 1.82
CA GLN A 27 7.98 2.87 1.52
C GLN A 27 8.72 2.37 2.76
N ALA A 28 9.27 3.30 3.52
CA ALA A 28 10.02 2.96 4.74
C ALA A 28 9.08 2.44 5.82
N SER A 29 7.79 2.74 5.67
CA SER A 29 6.79 2.31 6.65
C SER A 29 6.21 0.95 6.27
N PHE A 30 5.55 0.90 5.12
CA PHE A 30 4.94 -0.33 4.64
C PHE A 30 5.87 -1.51 4.86
N LEU A 31 7.15 -1.33 4.54
CA LEU A 31 8.15 -2.38 4.69
C LEU A 31 8.03 -3.04 6.06
N ASN A 32 8.29 -2.27 7.11
CA ASN A 32 8.21 -2.78 8.47
C ASN A 32 7.02 -3.73 8.62
N SER A 33 5.90 -3.38 8.01
CA SER A 33 4.69 -4.21 8.08
C SER A 33 3.66 -3.73 7.07
N SER A 34 3.49 -4.50 6.01
CA SER A 34 2.52 -4.16 4.95
C SER A 34 1.20 -3.69 5.56
N VAL A 35 0.89 -4.19 6.76
CA VAL A 35 -0.33 -3.83 7.45
C VAL A 35 -0.21 -2.46 8.10
N LEU A 36 -1.12 -1.56 7.78
CA LEU A 36 -1.12 -0.21 8.35
C LEU A 36 -1.97 -0.15 9.60
N THR A 37 -1.36 0.25 10.72
CA THR A 37 -2.07 0.36 11.98
C THR A 37 -2.60 1.77 12.19
N ASP A 38 -3.84 1.86 12.67
CA ASP A 38 -4.46 3.16 12.92
C ASP A 38 -3.44 4.17 13.42
N GLU A 39 -2.60 3.75 14.36
CA GLU A 39 -1.58 4.61 14.92
C GLU A 39 -0.57 5.04 13.85
N GLU A 40 -0.04 4.06 13.13
CA GLU A 40 0.94 4.34 12.08
C GLU A 40 0.36 5.28 11.04
N LEU A 41 -0.91 5.08 10.71
CA LEU A 41 -1.59 5.92 9.72
C LEU A 41 -1.54 7.39 10.13
N ASN A 42 -1.71 7.66 11.41
CA ASN A 42 -1.67 9.02 11.92
C ASN A 42 -0.31 9.66 11.67
N ARG A 43 0.73 9.04 12.21
CA ARG A 43 2.09 9.54 12.04
C ARG A 43 2.39 9.85 10.57
N LEU A 44 1.99 8.95 9.70
CA LEU A 44 2.20 9.11 8.26
C LEU A 44 1.41 10.31 7.73
N ARG A 45 0.13 10.36 8.06
CA ARG A 45 -0.73 11.45 7.62
C ARG A 45 -0.05 12.80 7.83
N ALA A 46 0.89 12.85 8.77
CA ALA A 46 1.62 14.08 9.06
C ALA A 46 2.95 14.11 8.31
N GLN A 47 3.63 12.98 8.27
CA GLN A 47 4.92 12.89 7.58
C GLN A 47 4.75 13.12 6.08
N THR A 48 3.93 12.29 5.45
CA THR A 48 3.70 12.39 4.02
C THR A 48 2.75 13.55 3.71
N LYS A 49 2.08 14.06 4.73
CA LYS A 49 1.16 15.17 4.58
C LYS A 49 0.03 14.80 3.61
N LEU A 50 -0.35 13.53 3.61
CA LEU A 50 -1.42 13.05 2.73
C LEU A 50 -2.67 12.73 3.54
N THR A 51 -3.67 12.18 2.85
CA THR A 51 -4.93 11.82 3.51
C THR A 51 -4.94 10.36 3.91
N ARG A 52 -5.69 10.04 4.96
CA ARG A 52 -5.78 8.67 5.45
C ARG A 52 -6.09 7.71 4.30
N ARG A 53 -6.86 8.16 3.34
CA ARG A 53 -7.23 7.35 2.19
C ARG A 53 -6.03 7.15 1.26
N GLU A 54 -5.26 8.21 1.07
CA GLU A 54 -4.09 8.16 0.20
C GLU A 54 -3.07 7.16 0.72
N ILE A 55 -2.85 7.16 2.03
CA ILE A 55 -1.91 6.25 2.66
C ILE A 55 -2.45 4.83 2.69
N ASP A 56 -3.57 4.65 3.40
CA ASP A 56 -4.20 3.33 3.51
C ASP A 56 -4.25 2.64 2.15
N ALA A 57 -4.78 3.34 1.15
CA ALA A 57 -4.89 2.80 -0.19
C ALA A 57 -3.52 2.38 -0.73
N TRP A 58 -2.53 3.26 -0.58
CA TRP A 58 -1.18 2.99 -1.05
C TRP A 58 -0.68 1.66 -0.52
N PHE A 59 -0.62 1.55 0.80
CA PHE A 59 -0.16 0.32 1.45
C PHE A 59 -0.85 -0.91 0.85
N THR A 60 -2.17 -0.83 0.75
CA THR A 60 -2.96 -1.94 0.20
C THR A 60 -2.37 -2.42 -1.12
N GLU A 61 -1.79 -1.49 -1.87
CA GLU A 61 -1.19 -1.83 -3.16
C GLU A 61 0.19 -2.47 -2.98
N LYS A 62 1.03 -1.81 -2.18
CA LYS A 62 2.38 -2.31 -1.92
C LYS A 62 2.35 -3.80 -1.58
N LYS A 63 1.28 -4.23 -0.94
CA LYS A 63 1.13 -5.64 -0.57
C LYS A 63 1.32 -6.55 -1.77
N LYS A 64 0.61 -6.25 -2.85
CA LYS A 64 0.71 -7.04 -4.08
C LYS A 64 2.14 -7.46 -4.34
N SER A 65 3.07 -6.51 -4.21
CA SER A 65 4.49 -6.79 -4.43
C SER A 65 4.92 -8.06 -3.71
N LYS A 66 4.50 -8.19 -2.45
CA LYS A 66 4.84 -9.36 -1.66
C LYS A 66 3.86 -10.49 -1.90
N ALA A 67 2.65 -10.14 -2.33
CA ALA A 67 1.62 -11.12 -2.61
C ALA A 67 1.60 -11.50 -4.08
N LEU A 68 2.73 -11.33 -4.75
CA LEU A 68 2.85 -11.65 -6.17
C LEU A 68 2.58 -13.13 -6.42
N LYS A 69 2.28 -13.48 -7.66
CA LYS A 69 2.01 -14.86 -8.03
C LYS A 69 3.30 -15.60 -8.39
N GLU A 70 3.94 -16.19 -7.38
CA GLU A 70 5.19 -16.90 -7.59
C GLU A 70 5.28 -18.10 -6.64
N GLU A 71 5.26 -19.30 -7.20
CA GLU A 71 5.35 -20.52 -6.41
C GLU A 71 6.79 -21.00 -6.30
N LYS A 72 7.46 -21.11 -7.45
CA LYS A 72 8.85 -21.56 -7.49
C LYS A 72 9.74 -20.53 -8.18
N MET A 73 10.21 -19.56 -7.42
CA MET A 73 11.07 -18.52 -7.97
C MET A 73 12.43 -19.07 -8.34
N GLU A 74 12.99 -19.89 -7.45
CA GLU A 74 14.30 -20.50 -7.67
C GLU A 74 14.24 -21.54 -8.78
N ILE A 75 14.68 -21.16 -9.97
CA ILE A 75 14.68 -22.07 -11.12
C ILE A 75 15.25 -23.42 -10.75
N ASP A 76 14.39 -24.43 -10.65
CA ASP A 76 14.81 -25.78 -10.30
C ASP A 76 13.92 -26.82 -10.98
N GLU A 77 14.27 -28.09 -10.80
CA GLU A 77 13.50 -29.17 -11.39
C GLU A 77 12.03 -29.11 -10.96
N SER A 78 11.13 -29.27 -11.92
CA SER A 78 9.70 -29.21 -11.65
C SER A 78 8.90 -29.66 -12.86
N ASN A 79 7.62 -29.92 -12.66
CA ASN A 79 6.73 -30.35 -13.74
C ASN A 79 5.52 -29.45 -13.85
N ALA A 80 5.28 -28.93 -15.05
CA ALA A 80 4.16 -28.04 -15.29
C ALA A 80 3.35 -28.50 -16.50
N GLY A 81 2.26 -27.79 -16.78
CA GLY A 81 1.41 -28.14 -17.91
C GLY A 81 0.28 -27.15 -18.12
N SER A 82 -0.35 -27.21 -19.29
CA SER A 82 -1.44 -26.32 -19.62
C SER A 82 -2.15 -26.75 -20.90
N SER A 83 -3.47 -26.62 -20.91
CA SER A 83 -4.27 -27.00 -22.07
C SER A 83 -5.42 -26.03 -22.30
N SER A 84 -5.82 -25.87 -23.55
CA SER A 84 -6.91 -24.96 -23.90
C SER A 84 -7.81 -25.58 -24.96
N GLY A 85 -8.87 -24.87 -25.33
CA GLY A 85 -9.79 -25.36 -26.32
C GLY A 85 -10.71 -24.28 -26.85
N PRO A 86 -11.02 -24.33 -28.15
CA PRO A 86 -11.89 -23.34 -28.80
C PRO A 86 -13.34 -23.48 -28.36
N SER A 87 -14.19 -22.58 -28.85
CA SER A 87 -15.60 -22.60 -28.50
C SER A 87 -16.48 -22.67 -29.75
N SER A 88 -17.73 -23.07 -29.57
CA SER A 88 -18.66 -23.19 -30.69
C SER A 88 -19.45 -21.89 -30.88
N GLY A 89 -20.25 -21.54 -29.87
CA GLY A 89 -21.04 -20.33 -29.95
C GLY A 89 -22.31 -20.43 -29.12
N GLY A 1 -43.64 15.35 11.07
CA GLY A 1 -42.34 15.76 10.56
C GLY A 1 -41.41 14.60 10.32
N SER A 2 -40.93 14.46 9.09
CA SER A 2 -40.02 13.38 8.74
C SER A 2 -38.75 13.93 8.09
N SER A 3 -37.60 13.61 8.68
CA SER A 3 -36.33 14.07 8.16
C SER A 3 -36.15 13.65 6.71
N GLY A 4 -35.50 14.51 5.93
CA GLY A 4 -35.27 14.21 4.53
C GLY A 4 -34.45 15.28 3.83
N SER A 5 -33.17 15.00 3.62
CA SER A 5 -32.28 15.95 2.96
C SER A 5 -31.44 15.26 1.89
N SER A 6 -31.61 15.68 0.64
CA SER A 6 -30.87 15.10 -0.47
C SER A 6 -29.58 15.87 -0.72
N GLY A 7 -28.45 15.25 -0.40
CA GLY A 7 -27.16 15.88 -0.60
C GLY A 7 -26.22 15.06 -1.44
N PRO A 8 -25.37 15.73 -2.24
CA PRO A 8 -24.40 15.05 -3.11
C PRO A 8 -23.29 14.38 -2.33
N ASP A 9 -23.13 13.07 -2.53
CA ASP A 9 -22.10 12.30 -1.85
C ASP A 9 -21.36 11.40 -2.82
N PHE A 10 -20.19 11.85 -3.26
CA PHE A 10 -19.38 11.08 -4.20
C PHE A 10 -18.31 10.29 -3.46
N THR A 11 -17.69 9.33 -4.17
CA THR A 11 -16.66 8.50 -3.58
C THR A 11 -15.29 8.86 -4.14
N PRO A 12 -14.26 8.80 -3.27
CA PRO A 12 -12.88 9.11 -3.65
C PRO A 12 -12.28 8.07 -4.58
N GLN A 13 -11.35 8.49 -5.43
CA GLN A 13 -10.70 7.59 -6.36
C GLN A 13 -9.25 7.34 -5.97
N LYS A 14 -8.67 6.28 -6.52
CA LYS A 14 -7.28 5.92 -6.22
C LYS A 14 -6.31 6.81 -7.00
N PHE A 15 -5.74 7.79 -6.33
CA PHE A 15 -4.79 8.70 -6.96
C PHE A 15 -3.40 8.07 -7.05
N LYS A 16 -2.66 8.44 -8.09
CA LYS A 16 -1.31 7.91 -8.29
C LYS A 16 -0.32 9.05 -8.54
N GLU A 17 -0.36 10.06 -7.68
CA GLU A 17 0.54 11.20 -7.82
C GLU A 17 1.26 11.48 -6.50
N LYS A 18 2.37 10.79 -6.28
CA LYS A 18 3.15 10.96 -5.06
C LYS A 18 4.52 11.53 -5.37
N THR A 19 5.18 12.09 -4.35
CA THR A 19 6.50 12.67 -4.51
C THR A 19 7.57 11.82 -3.83
N ALA A 20 8.79 11.87 -4.35
CA ALA A 20 9.89 11.10 -3.79
C ALA A 20 9.88 11.17 -2.26
N GLU A 21 9.67 12.37 -1.72
CA GLU A 21 9.63 12.56 -0.28
C GLU A 21 8.58 11.66 0.36
N GLN A 22 7.35 11.76 -0.12
CA GLN A 22 6.26 10.95 0.40
C GLN A 22 6.59 9.47 0.34
N LEU A 23 6.95 8.99 -0.85
CA LEU A 23 7.30 7.59 -1.04
C LEU A 23 8.38 7.16 -0.04
N ARG A 24 9.52 7.83 -0.09
CA ARG A 24 10.63 7.52 0.81
C ARG A 24 10.11 7.15 2.20
N VAL A 25 9.01 7.77 2.59
CA VAL A 25 8.41 7.51 3.90
C VAL A 25 7.52 6.27 3.87
N LEU A 26 6.40 6.38 3.15
CA LEU A 26 5.46 5.27 3.03
C LEU A 26 6.20 3.95 2.86
N GLN A 27 7.20 3.94 1.99
CA GLN A 27 7.99 2.75 1.74
C GLN A 27 8.75 2.31 2.98
N ALA A 28 9.22 3.28 3.76
CA ALA A 28 9.96 3.01 4.98
C ALA A 28 9.02 2.47 6.07
N SER A 29 7.76 2.89 6.02
CA SER A 29 6.77 2.45 7.00
C SER A 29 6.18 1.11 6.61
N PHE A 30 5.48 1.08 5.48
CA PHE A 30 4.86 -0.14 5.00
C PHE A 30 5.78 -1.34 5.20
N LEU A 31 7.06 -1.16 4.91
CA LEU A 31 8.04 -2.23 5.06
C LEU A 31 7.91 -2.89 6.43
N ASN A 32 8.15 -2.12 7.48
CA ASN A 32 8.05 -2.63 8.84
C ASN A 32 6.79 -3.45 9.03
N SER A 33 5.66 -2.89 8.60
CA SER A 33 4.37 -3.57 8.71
C SER A 33 3.53 -3.35 7.46
N SER A 34 3.11 -4.46 6.86
CA SER A 34 2.30 -4.41 5.64
C SER A 34 0.92 -3.82 5.93
N VAL A 35 0.32 -4.24 7.05
CA VAL A 35 -0.99 -3.76 7.45
C VAL A 35 -0.89 -2.43 8.18
N LEU A 36 -1.60 -1.42 7.67
CA LEU A 36 -1.58 -0.10 8.28
C LEU A 36 -2.44 -0.07 9.54
N THR A 37 -1.92 0.54 10.60
CA THR A 37 -2.62 0.63 11.86
C THR A 37 -2.95 2.09 12.20
N ASP A 38 -4.08 2.30 12.86
CA ASP A 38 -4.51 3.64 13.24
C ASP A 38 -3.33 4.46 13.74
N GLU A 39 -2.39 3.80 14.39
CA GLU A 39 -1.20 4.46 14.92
C GLU A 39 -0.28 4.92 13.80
N GLU A 40 0.36 3.97 13.15
CA GLU A 40 1.27 4.28 12.05
C GLU A 40 0.62 5.23 11.05
N LEU A 41 -0.62 4.94 10.70
CA LEU A 41 -1.36 5.77 9.75
C LEU A 41 -1.19 7.25 10.08
N ASN A 42 -1.47 7.62 11.32
CA ASN A 42 -1.35 9.01 11.76
C ASN A 42 0.04 9.56 11.43
N ARG A 43 1.06 8.96 12.02
CA ARG A 43 2.43 9.40 11.78
C ARG A 43 2.63 9.80 10.32
N LEU A 44 2.29 8.89 9.42
CA LEU A 44 2.43 9.15 7.99
C LEU A 44 1.53 10.31 7.56
N ARG A 45 0.27 10.27 7.99
CA ARG A 45 -0.68 11.31 7.65
C ARG A 45 -0.09 12.69 7.86
N ALA A 46 0.90 12.78 8.74
CA ALA A 46 1.56 14.04 9.05
C ALA A 46 2.80 14.23 8.17
N GLN A 47 3.72 13.29 8.25
CA GLN A 47 4.95 13.36 7.47
C GLN A 47 4.65 13.53 5.98
N THR A 48 3.89 12.59 5.43
CA THR A 48 3.52 12.64 4.02
C THR A 48 2.52 13.76 3.75
N LYS A 49 1.95 14.31 4.80
CA LYS A 49 0.99 15.40 4.69
C LYS A 49 -0.19 14.98 3.81
N LEU A 50 -0.48 13.68 3.80
CA LEU A 50 -1.58 13.16 3.00
C LEU A 50 -2.73 12.72 3.89
N THR A 51 -3.77 12.14 3.27
CA THR A 51 -4.93 11.68 4.02
C THR A 51 -4.98 10.16 4.07
N ARG A 52 -5.48 9.62 5.19
CA ARG A 52 -5.57 8.18 5.37
C ARG A 52 -5.98 7.50 4.07
N ARG A 53 -7.02 8.02 3.43
CA ARG A 53 -7.53 7.45 2.18
C ARG A 53 -6.38 7.25 1.19
N GLU A 54 -5.53 8.26 1.05
CA GLU A 54 -4.40 8.19 0.14
C GLU A 54 -3.37 7.17 0.62
N ILE A 55 -3.05 7.22 1.90
CA ILE A 55 -2.08 6.31 2.49
C ILE A 55 -2.62 4.88 2.49
N ASP A 56 -3.64 4.63 3.30
CA ASP A 56 -4.24 3.30 3.38
C ASP A 56 -4.29 2.64 2.01
N ALA A 57 -4.77 3.38 1.02
CA ALA A 57 -4.87 2.85 -0.34
C ALA A 57 -3.51 2.41 -0.86
N TRP A 58 -2.47 3.18 -0.53
CA TRP A 58 -1.11 2.86 -0.95
C TRP A 58 -0.64 1.55 -0.34
N PHE A 59 -0.44 1.56 0.98
CA PHE A 59 0.02 0.37 1.68
C PHE A 59 -0.56 -0.90 1.05
N THR A 60 -1.85 -0.86 0.75
CA THR A 60 -2.53 -2.00 0.14
C THR A 60 -1.85 -2.42 -1.16
N GLU A 61 -1.93 -1.55 -2.16
CA GLU A 61 -1.32 -1.82 -3.45
C GLU A 61 0.07 -2.46 -3.28
N LYS A 62 0.90 -1.82 -2.47
CA LYS A 62 2.25 -2.31 -2.23
C LYS A 62 2.25 -3.82 -2.00
N LYS A 63 1.20 -4.31 -1.34
CA LYS A 63 1.07 -5.73 -1.05
C LYS A 63 1.24 -6.55 -2.33
N LYS A 64 0.57 -6.13 -3.39
CA LYS A 64 0.63 -6.82 -4.67
C LYS A 64 2.06 -7.27 -4.97
N SER A 65 3.02 -6.41 -4.62
CA SER A 65 4.44 -6.72 -4.86
C SER A 65 4.81 -8.06 -4.25
N LYS A 66 4.36 -8.30 -3.03
CA LYS A 66 4.64 -9.55 -2.33
C LYS A 66 4.10 -10.74 -3.11
N ALA A 67 3.25 -10.46 -4.10
CA ALA A 67 2.65 -11.51 -4.91
C ALA A 67 3.39 -11.66 -6.23
N LEU A 68 4.64 -11.20 -6.26
CA LEU A 68 5.46 -11.28 -7.47
C LEU A 68 6.04 -12.67 -7.64
N LYS A 69 6.59 -12.94 -8.82
CA LYS A 69 7.19 -14.24 -9.12
C LYS A 69 6.16 -15.35 -8.99
N GLU A 70 4.94 -15.08 -9.43
CA GLU A 70 3.86 -16.06 -9.37
C GLU A 70 3.30 -16.34 -10.76
N GLU A 71 2.50 -17.40 -10.86
CA GLU A 71 1.90 -17.78 -12.13
C GLU A 71 1.33 -16.56 -12.85
N LYS A 72 0.94 -16.76 -14.11
CA LYS A 72 0.38 -15.68 -14.91
C LYS A 72 -1.08 -15.43 -14.53
N MET A 73 -1.33 -15.20 -13.25
CA MET A 73 -2.68 -14.95 -12.76
C MET A 73 -3.32 -13.80 -13.54
N GLU A 74 -2.55 -12.74 -13.75
CA GLU A 74 -3.05 -11.57 -14.47
C GLU A 74 -3.13 -11.84 -15.96
N ILE A 75 -4.32 -12.20 -16.44
CA ILE A 75 -4.53 -12.49 -17.85
C ILE A 75 -4.39 -11.24 -18.70
N ASP A 76 -3.31 -11.17 -19.46
CA ASP A 76 -3.05 -10.02 -20.32
C ASP A 76 -4.18 -9.83 -21.32
N GLU A 77 -4.25 -8.63 -21.91
CA GLU A 77 -5.29 -8.32 -22.88
C GLU A 77 -4.70 -7.63 -24.11
N SER A 78 -5.33 -7.85 -25.25
CA SER A 78 -4.87 -7.26 -26.50
C SER A 78 -4.31 -5.86 -26.27
N ASN A 79 -3.00 -5.71 -26.43
CA ASN A 79 -2.34 -4.43 -26.24
C ASN A 79 -0.90 -4.46 -26.73
N ALA A 80 -0.28 -3.30 -26.84
CA ALA A 80 1.09 -3.19 -27.30
C ALA A 80 1.62 -1.78 -27.15
N GLY A 81 2.94 -1.63 -27.18
CA GLY A 81 3.55 -0.33 -27.05
C GLY A 81 5.07 -0.38 -27.13
N SER A 82 5.64 0.45 -28.01
CA SER A 82 7.09 0.48 -28.18
C SER A 82 7.57 1.92 -28.39
N SER A 83 8.85 2.14 -28.13
CA SER A 83 9.44 3.47 -28.28
C SER A 83 10.95 3.38 -28.49
N SER A 84 11.51 4.40 -29.13
CA SER A 84 12.94 4.44 -29.40
C SER A 84 13.40 5.84 -29.74
N GLY A 85 14.69 6.00 -29.99
CA GLY A 85 15.24 7.31 -30.31
C GLY A 85 16.41 7.22 -31.27
N PRO A 86 16.12 7.04 -32.57
CA PRO A 86 17.14 6.93 -33.60
C PRO A 86 17.85 8.26 -33.86
N SER A 87 18.82 8.25 -34.78
CA SER A 87 19.57 9.46 -35.11
C SER A 87 19.78 9.57 -36.61
N SER A 88 20.26 10.72 -37.06
CA SER A 88 20.50 10.96 -38.47
C SER A 88 21.95 10.66 -38.84
N GLY A 89 22.88 11.35 -38.18
CA GLY A 89 24.29 11.15 -38.46
C GLY A 89 25.07 12.45 -38.48
N GLY A 1 -21.17 -6.57 -20.55
CA GLY A 1 -20.81 -7.70 -19.71
C GLY A 1 -19.96 -7.30 -18.53
N SER A 2 -20.43 -7.59 -17.33
CA SER A 2 -19.71 -7.24 -16.11
C SER A 2 -19.20 -8.50 -15.40
N SER A 3 -17.90 -8.53 -15.13
CA SER A 3 -17.29 -9.68 -14.47
C SER A 3 -16.21 -9.22 -13.50
N GLY A 4 -16.17 -9.84 -12.32
CA GLY A 4 -15.18 -9.49 -11.32
C GLY A 4 -13.76 -9.56 -11.86
N SER A 5 -13.18 -8.40 -12.13
CA SER A 5 -11.83 -8.33 -12.65
C SER A 5 -10.81 -8.85 -11.63
N SER A 6 -9.93 -9.73 -12.09
CA SER A 6 -8.92 -10.31 -11.21
C SER A 6 -7.65 -9.47 -11.21
N GLY A 7 -7.01 -9.37 -12.38
CA GLY A 7 -5.80 -8.59 -12.50
C GLY A 7 -5.21 -8.63 -13.89
N PRO A 8 -5.70 -7.75 -14.77
CA PRO A 8 -5.24 -7.67 -16.16
C PRO A 8 -3.82 -7.14 -16.26
N ASP A 9 -3.26 -7.18 -17.47
CA ASP A 9 -1.91 -6.70 -17.71
C ASP A 9 -1.76 -5.25 -17.24
N PHE A 10 -2.50 -4.35 -17.89
CA PHE A 10 -2.45 -2.93 -17.55
C PHE A 10 -2.73 -2.72 -16.07
N THR A 11 -1.84 -1.99 -15.40
CA THR A 11 -2.00 -1.72 -13.98
C THR A 11 -3.35 -1.09 -13.68
N PRO A 12 -3.91 -1.42 -12.50
CA PRO A 12 -5.21 -0.89 -12.07
C PRO A 12 -5.15 0.59 -11.74
N GLN A 13 -6.21 1.31 -12.10
CA GLN A 13 -6.28 2.74 -11.84
C GLN A 13 -5.86 3.06 -10.41
N LYS A 14 -4.69 3.68 -10.27
CA LYS A 14 -4.17 4.04 -8.96
C LYS A 14 -3.68 5.49 -8.95
N PHE A 15 -3.34 5.98 -7.76
CA PHE A 15 -2.86 7.34 -7.61
C PHE A 15 -1.33 7.38 -7.64
N LYS A 16 -0.78 8.02 -8.67
CA LYS A 16 0.67 8.12 -8.82
C LYS A 16 1.10 9.59 -8.85
N GLU A 17 0.50 10.40 -7.99
CA GLU A 17 0.82 11.82 -7.92
C GLU A 17 1.56 12.15 -6.64
N LYS A 18 2.33 11.19 -6.14
CA LYS A 18 3.09 11.37 -4.90
C LYS A 18 4.50 11.88 -5.21
N THR A 19 5.15 12.44 -4.20
CA THR A 19 6.50 12.96 -4.35
C THR A 19 7.52 12.05 -3.68
N ALA A 20 8.75 12.06 -4.20
CA ALA A 20 9.82 11.23 -3.64
C ALA A 20 9.81 11.27 -2.12
N GLU A 21 9.85 12.48 -1.56
CA GLU A 21 9.85 12.65 -0.11
C GLU A 21 8.78 11.79 0.53
N GLN A 22 7.53 11.98 0.11
CA GLN A 22 6.41 11.23 0.65
C GLN A 22 6.69 9.73 0.58
N LEU A 23 7.06 9.24 -0.60
CA LEU A 23 7.35 7.83 -0.80
C LEU A 23 8.43 7.36 0.18
N ARG A 24 9.61 7.95 0.07
CA ARG A 24 10.73 7.58 0.94
C ARG A 24 10.23 7.22 2.33
N VAL A 25 9.25 7.97 2.82
CA VAL A 25 8.68 7.73 4.14
C VAL A 25 7.72 6.56 4.12
N LEU A 26 6.76 6.60 3.20
CA LEU A 26 5.77 5.53 3.07
C LEU A 26 6.45 4.18 2.87
N GLN A 27 7.28 4.08 1.85
CA GLN A 27 8.00 2.85 1.56
C GLN A 27 8.77 2.37 2.78
N ALA A 28 9.35 3.31 3.52
CA ALA A 28 10.12 2.98 4.71
C ALA A 28 9.21 2.51 5.84
N SER A 29 7.92 2.79 5.70
CA SER A 29 6.95 2.40 6.72
C SER A 29 6.28 1.08 6.35
N PHE A 30 5.65 1.03 5.18
CA PHE A 30 4.98 -0.17 4.71
C PHE A 30 5.90 -1.38 4.82
N LEU A 31 7.18 -1.18 4.54
CA LEU A 31 8.15 -2.26 4.61
C LEU A 31 8.14 -2.93 5.99
N ASN A 32 8.40 -2.13 7.02
CA ASN A 32 8.42 -2.64 8.39
C ASN A 32 7.22 -3.54 8.64
N SER A 33 6.02 -2.98 8.47
CA SER A 33 4.79 -3.74 8.67
C SER A 33 3.83 -3.55 7.51
N SER A 34 3.82 -4.53 6.61
CA SER A 34 2.94 -4.48 5.43
C SER A 34 1.62 -3.81 5.78
N VAL A 35 0.92 -4.36 6.76
CA VAL A 35 -0.36 -3.82 7.18
C VAL A 35 -0.19 -2.48 7.89
N LEU A 36 -1.18 -1.60 7.74
CA LEU A 36 -1.13 -0.29 8.36
C LEU A 36 -1.96 -0.25 9.64
N THR A 37 -1.40 0.35 10.69
CA THR A 37 -2.09 0.44 11.97
C THR A 37 -2.66 1.84 12.20
N ASP A 38 -3.91 1.90 12.62
CA ASP A 38 -4.57 3.18 12.88
C ASP A 38 -3.58 4.20 13.43
N GLU A 39 -2.66 3.73 14.27
CA GLU A 39 -1.67 4.61 14.87
C GLU A 39 -0.63 5.05 13.84
N GLU A 40 0.01 4.09 13.20
CA GLU A 40 1.02 4.38 12.19
C GLU A 40 0.46 5.32 11.12
N LEU A 41 -0.74 5.02 10.65
CA LEU A 41 -1.38 5.83 9.62
C LEU A 41 -1.25 7.32 9.96
N ASN A 42 -1.77 7.71 11.12
CA ASN A 42 -1.71 9.11 11.55
C ASN A 42 -0.30 9.68 11.35
N ARG A 43 0.69 8.98 11.91
CA ARG A 43 2.07 9.42 11.80
C ARG A 43 2.40 9.83 10.37
N LEU A 44 2.18 8.92 9.44
CA LEU A 44 2.45 9.18 8.03
C LEU A 44 1.54 10.29 7.49
N ARG A 45 0.32 10.35 8.01
CA ARG A 45 -0.64 11.36 7.59
C ARG A 45 -0.07 12.76 7.78
N ALA A 46 0.88 12.89 8.70
CA ALA A 46 1.50 14.18 8.98
C ALA A 46 2.83 14.31 8.25
N GLN A 47 3.64 13.25 8.29
CA GLN A 47 4.94 13.25 7.63
C GLN A 47 4.79 13.49 6.13
N THR A 48 3.97 12.66 5.48
CA THR A 48 3.75 12.79 4.05
C THR A 48 2.76 13.91 3.74
N LYS A 49 2.02 14.32 4.76
CA LYS A 49 1.03 15.38 4.60
C LYS A 49 -0.03 15.00 3.57
N LEU A 50 -0.34 13.71 3.51
CA LEU A 50 -1.34 13.21 2.57
C LEU A 50 -2.63 12.84 3.30
N THR A 51 -3.57 12.27 2.56
CA THR A 51 -4.85 11.87 3.13
C THR A 51 -4.80 10.44 3.66
N ARG A 52 -5.65 10.13 4.63
CA ARG A 52 -5.70 8.81 5.22
C ARG A 52 -5.96 7.74 4.15
N ARG A 53 -6.79 8.10 3.17
CA ARG A 53 -7.12 7.18 2.09
C ARG A 53 -5.90 6.90 1.22
N GLU A 54 -5.17 7.94 0.87
CA GLU A 54 -3.98 7.81 0.04
C GLU A 54 -2.99 6.82 0.66
N ILE A 55 -2.68 7.03 1.93
CA ILE A 55 -1.75 6.16 2.64
C ILE A 55 -2.31 4.75 2.78
N ASP A 56 -3.43 4.64 3.49
CA ASP A 56 -4.08 3.34 3.70
C ASP A 56 -4.20 2.58 2.38
N ALA A 57 -4.72 3.25 1.36
CA ALA A 57 -4.89 2.64 0.06
C ALA A 57 -3.54 2.21 -0.54
N TRP A 58 -2.56 3.09 -0.44
CA TRP A 58 -1.23 2.80 -0.97
C TRP A 58 -0.69 1.50 -0.39
N PHE A 59 -0.58 1.45 0.94
CA PHE A 59 -0.07 0.26 1.61
C PHE A 59 -0.70 -1.00 1.03
N THR A 60 -2.01 -0.96 0.81
CA THR A 60 -2.73 -2.10 0.25
C THR A 60 -2.08 -2.58 -1.03
N GLU A 61 -2.15 -1.76 -2.07
CA GLU A 61 -1.57 -2.11 -3.36
C GLU A 61 -0.16 -2.68 -3.19
N LYS A 62 0.67 -1.96 -2.45
CA LYS A 62 2.04 -2.39 -2.20
C LYS A 62 2.10 -3.90 -1.91
N LYS A 63 1.10 -4.39 -1.20
CA LYS A 63 1.03 -5.80 -0.85
C LYS A 63 0.96 -6.66 -2.10
N LYS A 64 -0.02 -6.38 -2.96
CA LYS A 64 -0.20 -7.13 -4.19
C LYS A 64 1.15 -7.42 -4.85
N SER A 65 1.98 -6.39 -4.96
CA SER A 65 3.30 -6.53 -5.57
C SER A 65 4.04 -7.73 -5.00
N LYS A 66 3.92 -7.93 -3.69
CA LYS A 66 4.57 -9.05 -3.01
C LYS A 66 4.13 -10.38 -3.61
N ALA A 67 2.86 -10.44 -4.00
CA ALA A 67 2.30 -11.66 -4.59
C ALA A 67 3.31 -12.32 -5.54
N LEU A 68 3.82 -11.54 -6.49
CA LEU A 68 4.79 -12.05 -7.45
C LEU A 68 5.90 -12.82 -6.75
N LYS A 69 6.57 -13.70 -7.50
CA LYS A 69 7.66 -14.48 -6.95
C LYS A 69 8.51 -13.66 -5.98
N GLU A 70 8.24 -13.81 -4.69
CA GLU A 70 8.98 -13.08 -3.67
C GLU A 70 10.48 -13.40 -3.74
N GLU A 71 11.30 -12.41 -3.42
CA GLU A 71 12.75 -12.59 -3.44
C GLU A 71 13.20 -13.54 -2.34
N LYS A 72 12.69 -13.33 -1.14
CA LYS A 72 13.04 -14.17 0.00
C LYS A 72 12.26 -15.49 -0.03
N MET A 73 12.38 -16.22 -1.14
CA MET A 73 11.69 -17.49 -1.29
C MET A 73 12.41 -18.39 -2.29
N GLU A 74 12.45 -19.68 -1.99
CA GLU A 74 13.12 -20.63 -2.87
C GLU A 74 12.13 -21.21 -3.90
N ILE A 75 12.30 -20.82 -5.15
CA ILE A 75 11.44 -21.30 -6.22
C ILE A 75 12.23 -21.61 -7.48
N ASP A 76 12.23 -22.89 -7.87
CA ASP A 76 12.94 -23.33 -9.06
C ASP A 76 12.35 -22.69 -10.31
N GLU A 77 12.87 -21.52 -10.67
CA GLU A 77 12.39 -20.81 -11.85
C GLU A 77 12.89 -21.48 -13.14
N SER A 78 12.15 -21.29 -14.21
CA SER A 78 12.50 -21.88 -15.50
C SER A 78 13.81 -21.31 -16.03
N ASN A 79 14.66 -22.18 -16.55
CA ASN A 79 15.95 -21.75 -17.09
C ASN A 79 15.82 -20.44 -17.87
N ALA A 80 16.88 -19.64 -17.86
CA ALA A 80 16.88 -18.37 -18.56
C ALA A 80 18.28 -18.01 -19.05
N GLY A 81 18.37 -17.59 -20.31
CA GLY A 81 19.65 -17.23 -20.88
C GLY A 81 19.62 -15.87 -21.56
N SER A 82 20.17 -14.87 -20.89
CA SER A 82 20.20 -13.51 -21.44
C SER A 82 18.91 -13.20 -22.19
N SER A 83 17.79 -13.61 -21.61
CA SER A 83 16.48 -13.38 -22.22
C SER A 83 15.91 -12.03 -21.80
N SER A 84 16.03 -11.04 -22.68
CA SER A 84 15.53 -9.70 -22.39
C SER A 84 14.11 -9.76 -21.86
N GLY A 85 13.69 -8.70 -21.17
CA GLY A 85 12.35 -8.65 -20.62
C GLY A 85 11.73 -7.28 -20.75
N PRO A 86 10.40 -7.24 -20.93
CA PRO A 86 9.65 -5.99 -21.07
C PRO A 86 9.59 -5.19 -19.77
N SER A 87 9.98 -3.93 -19.83
CA SER A 87 9.97 -3.06 -18.66
C SER A 87 9.56 -1.64 -19.03
N SER A 88 8.58 -1.11 -18.30
CA SER A 88 8.09 0.24 -18.56
C SER A 88 9.18 1.27 -18.33
N GLY A 89 9.00 2.46 -18.90
CA GLY A 89 9.99 3.52 -18.75
C GLY A 89 9.40 4.90 -18.95
N GLY A 1 -19.56 11.11 17.12
CA GLY A 1 -19.08 10.59 15.85
C GLY A 1 -20.22 10.26 14.90
N SER A 2 -20.25 10.92 13.75
CA SER A 2 -21.29 10.70 12.76
C SER A 2 -20.69 10.54 11.36
N SER A 3 -21.20 9.57 10.61
CA SER A 3 -20.71 9.31 9.27
C SER A 3 -21.63 8.34 8.54
N GLY A 4 -21.98 8.67 7.29
CA GLY A 4 -22.85 7.81 6.51
C GLY A 4 -22.65 7.99 5.02
N SER A 5 -21.86 7.10 4.42
CA SER A 5 -21.58 7.18 2.99
C SER A 5 -22.16 5.96 2.26
N SER A 6 -22.92 6.22 1.22
CA SER A 6 -23.54 5.15 0.44
C SER A 6 -23.30 5.35 -1.06
N GLY A 7 -23.35 4.26 -1.82
CA GLY A 7 -23.14 4.34 -3.25
C GLY A 7 -21.80 3.80 -3.67
N PRO A 8 -21.72 3.27 -4.90
CA PRO A 8 -20.48 2.70 -5.44
C PRO A 8 -19.44 3.76 -5.73
N ASP A 9 -18.21 3.32 -5.99
CA ASP A 9 -17.11 4.24 -6.28
C ASP A 9 -17.13 4.67 -7.74
N PHE A 10 -17.67 5.87 -7.99
CA PHE A 10 -17.76 6.39 -9.34
C PHE A 10 -16.36 6.65 -9.92
N THR A 11 -15.58 7.47 -9.22
CA THR A 11 -14.24 7.80 -9.66
C THR A 11 -13.23 6.76 -9.18
N PRO A 12 -12.21 6.49 -10.00
CA PRO A 12 -11.17 5.52 -9.67
C PRO A 12 -10.25 6.01 -8.55
N GLN A 13 -9.31 5.16 -8.15
CA GLN A 13 -8.37 5.51 -7.10
C GLN A 13 -6.93 5.38 -7.58
N LYS A 14 -6.67 5.88 -8.78
CA LYS A 14 -5.33 5.83 -9.36
C LYS A 14 -4.61 7.15 -9.16
N PHE A 15 -3.98 7.31 -8.00
CA PHE A 15 -3.25 8.53 -7.68
C PHE A 15 -1.77 8.39 -8.04
N LYS A 16 -1.25 9.37 -8.77
CA LYS A 16 0.14 9.35 -9.20
C LYS A 16 0.80 10.71 -8.95
N GLU A 17 0.49 11.32 -7.81
CA GLU A 17 1.04 12.63 -7.47
C GLU A 17 1.89 12.54 -6.21
N LYS A 18 2.50 11.38 -5.98
CA LYS A 18 3.33 11.17 -4.81
C LYS A 18 4.77 11.63 -5.07
N THR A 19 5.32 12.41 -4.14
CA THR A 19 6.67 12.92 -4.27
C THR A 19 7.68 11.97 -3.62
N ALA A 20 8.96 12.18 -3.91
CA ALA A 20 10.02 11.35 -3.35
C ALA A 20 9.96 11.34 -1.83
N GLU A 21 9.67 12.50 -1.25
CA GLU A 21 9.60 12.62 0.20
C GLU A 21 8.44 11.80 0.76
N GLN A 22 7.27 11.90 0.11
CA GLN A 22 6.09 11.17 0.54
C GLN A 22 6.32 9.67 0.44
N LEU A 23 6.96 9.23 -0.64
CA LEU A 23 7.24 7.82 -0.86
C LEU A 23 8.25 7.31 0.16
N ARG A 24 9.45 7.88 0.15
CA ARG A 24 10.50 7.48 1.07
C ARG A 24 9.92 7.10 2.42
N VAL A 25 9.13 7.99 3.00
CA VAL A 25 8.50 7.74 4.29
C VAL A 25 7.62 6.49 4.25
N LEU A 26 6.56 6.56 3.46
CA LEU A 26 5.64 5.43 3.33
C LEU A 26 6.40 4.13 3.12
N GLN A 27 7.18 4.06 2.04
CA GLN A 27 7.96 2.88 1.73
C GLN A 27 8.73 2.40 2.95
N ALA A 28 9.18 3.35 3.76
CA ALA A 28 9.95 3.03 4.96
C ALA A 28 9.05 2.45 6.05
N SER A 29 7.76 2.79 5.98
CA SER A 29 6.80 2.29 6.96
C SER A 29 6.20 0.96 6.52
N PHE A 30 5.48 0.99 5.39
CA PHE A 30 4.85 -0.22 4.87
C PHE A 30 5.78 -1.43 5.02
N LEU A 31 7.08 -1.20 4.81
CA LEU A 31 8.06 -2.27 4.93
C LEU A 31 7.92 -3.00 6.26
N ASN A 32 8.15 -2.27 7.35
CA ASN A 32 8.05 -2.84 8.68
C ASN A 32 6.90 -3.84 8.76
N SER A 33 5.77 -3.48 8.16
CA SER A 33 4.60 -4.35 8.15
C SER A 33 3.63 -3.95 7.04
N SER A 34 3.53 -4.81 6.02
CA SER A 34 2.65 -4.55 4.90
C SER A 34 1.34 -3.93 5.36
N VAL A 35 0.83 -4.41 6.48
CA VAL A 35 -0.42 -3.91 7.03
C VAL A 35 -0.24 -2.51 7.62
N LEU A 36 -1.35 -1.81 7.83
CA LEU A 36 -1.31 -0.46 8.37
C LEU A 36 -2.09 -0.39 9.68
N THR A 37 -1.60 0.43 10.61
CA THR A 37 -2.25 0.59 11.91
C THR A 37 -2.50 2.06 12.22
N ASP A 38 -3.66 2.35 12.79
CA ASP A 38 -4.02 3.72 13.13
C ASP A 38 -2.80 4.50 13.59
N GLU A 39 -2.02 3.92 14.49
CA GLU A 39 -0.82 4.56 15.01
C GLU A 39 0.05 5.07 13.87
N GLU A 40 0.49 4.16 12.99
CA GLU A 40 1.33 4.53 11.87
C GLU A 40 0.60 5.47 10.92
N LEU A 41 -0.56 5.03 10.44
CA LEU A 41 -1.37 5.83 9.53
C LEU A 41 -1.31 7.31 9.90
N ASN A 42 -1.51 7.60 11.18
CA ASN A 42 -1.47 8.98 11.66
C ASN A 42 -0.15 9.64 11.31
N ARG A 43 0.93 9.14 11.88
CA ARG A 43 2.26 9.68 11.62
C ARG A 43 2.44 9.99 10.13
N LEU A 44 2.31 8.97 9.30
CA LEU A 44 2.46 9.14 7.86
C LEU A 44 1.56 10.27 7.35
N ARG A 45 0.39 10.41 7.96
CA ARG A 45 -0.55 11.44 7.56
C ARG A 45 0.08 12.83 7.71
N ALA A 46 0.98 12.96 8.67
CA ALA A 46 1.65 14.23 8.92
C ALA A 46 2.95 14.33 8.13
N GLN A 47 3.60 13.18 7.91
CA GLN A 47 4.85 13.13 7.18
C GLN A 47 4.61 13.33 5.69
N THR A 48 3.78 12.47 5.11
CA THR A 48 3.47 12.54 3.69
C THR A 48 2.43 13.61 3.41
N LYS A 49 1.86 14.17 4.47
CA LYS A 49 0.85 15.23 4.34
C LYS A 49 -0.34 14.73 3.51
N LEU A 50 -0.56 13.43 3.52
CA LEU A 50 -1.67 12.83 2.78
C LEU A 50 -2.81 12.46 3.71
N THR A 51 -3.87 11.90 3.15
CA THR A 51 -5.03 11.49 3.93
C THR A 51 -5.09 9.97 4.09
N ARG A 52 -5.75 9.51 5.15
CA ARG A 52 -5.88 8.09 5.41
C ARG A 52 -6.17 7.32 4.13
N ARG A 53 -6.83 7.98 3.18
CA ARG A 53 -7.16 7.37 1.91
C ARG A 53 -5.90 6.99 1.13
N GLU A 54 -5.19 8.01 0.66
CA GLU A 54 -3.96 7.79 -0.11
C GLU A 54 -3.09 6.75 0.57
N ILE A 55 -2.71 7.02 1.81
CA ILE A 55 -1.86 6.10 2.57
C ILE A 55 -2.46 4.69 2.58
N ASP A 56 -3.58 4.53 3.27
CA ASP A 56 -4.24 3.24 3.36
C ASP A 56 -4.25 2.53 2.01
N ALA A 57 -4.86 3.18 1.02
CA ALA A 57 -4.94 2.62 -0.32
C ALA A 57 -3.56 2.22 -0.84
N TRP A 58 -2.57 3.05 -0.55
CA TRP A 58 -1.20 2.79 -0.98
C TRP A 58 -0.68 1.48 -0.38
N PHE A 59 -0.53 1.47 0.94
CA PHE A 59 -0.04 0.29 1.64
C PHE A 59 -0.66 -0.98 1.06
N THR A 60 -1.97 -0.95 0.83
CA THR A 60 -2.68 -2.10 0.28
C THR A 60 -2.06 -2.54 -1.04
N GLU A 61 -2.22 -1.72 -2.07
CA GLU A 61 -1.68 -2.03 -3.38
C GLU A 61 -0.26 -2.59 -3.27
N LYS A 62 0.58 -1.89 -2.51
CA LYS A 62 1.96 -2.32 -2.32
C LYS A 62 2.04 -3.81 -2.07
N LYS A 63 1.05 -4.34 -1.35
CA LYS A 63 1.02 -5.76 -1.04
C LYS A 63 1.04 -6.60 -2.32
N LYS A 64 0.26 -6.19 -3.30
CA LYS A 64 0.20 -6.89 -4.58
C LYS A 64 1.59 -7.08 -5.17
N SER A 65 2.51 -6.20 -4.80
CA SER A 65 3.88 -6.27 -5.28
C SER A 65 4.68 -7.30 -4.51
N LYS A 66 4.28 -7.55 -3.27
CA LYS A 66 4.97 -8.51 -2.41
C LYS A 66 4.85 -9.92 -3.00
N ALA A 67 3.80 -10.16 -3.76
CA ALA A 67 3.58 -11.46 -4.38
C ALA A 67 4.71 -11.82 -5.33
N LEU A 68 5.13 -10.85 -6.14
CA LEU A 68 6.21 -11.06 -7.09
C LEU A 68 7.51 -11.41 -6.37
N LYS A 69 8.19 -12.44 -6.85
CA LYS A 69 9.46 -12.87 -6.26
C LYS A 69 9.30 -13.12 -4.76
N GLU A 70 8.20 -13.78 -4.39
CA GLU A 70 7.92 -14.08 -2.99
C GLU A 70 8.86 -15.17 -2.49
N GLU A 71 9.64 -14.86 -1.46
CA GLU A 71 10.57 -15.82 -0.88
C GLU A 71 9.84 -16.80 0.04
N LYS A 72 9.92 -18.09 -0.30
CA LYS A 72 9.26 -19.12 0.50
C LYS A 72 7.75 -18.99 0.43
N MET A 73 7.21 -18.97 -0.79
CA MET A 73 5.77 -18.85 -0.99
C MET A 73 5.02 -19.79 -0.05
N GLU A 74 3.74 -19.48 0.19
CA GLU A 74 2.92 -20.29 1.07
C GLU A 74 1.73 -20.89 0.30
N ILE A 75 1.85 -22.15 -0.08
CA ILE A 75 0.80 -22.83 -0.81
C ILE A 75 0.38 -24.13 -0.12
N ASP A 76 -0.91 -24.40 -0.12
CA ASP A 76 -1.43 -25.61 0.51
C ASP A 76 -1.13 -26.84 -0.33
N GLU A 77 -1.46 -28.01 0.19
CA GLU A 77 -1.21 -29.27 -0.51
C GLU A 77 -2.07 -29.37 -1.77
N SER A 78 -1.43 -29.63 -2.90
CA SER A 78 -2.15 -29.75 -4.17
C SER A 78 -3.13 -30.92 -4.13
N ASN A 79 -4.17 -30.84 -4.96
CA ASN A 79 -5.18 -31.89 -5.03
C ASN A 79 -4.67 -33.07 -5.84
N ALA A 80 -4.83 -34.27 -5.29
CA ALA A 80 -4.39 -35.49 -5.96
C ALA A 80 -5.30 -35.82 -7.14
N GLY A 81 -4.87 -36.76 -7.97
CA GLY A 81 -5.65 -37.17 -9.12
C GLY A 81 -6.51 -38.38 -8.84
N SER A 82 -6.81 -39.15 -9.89
CA SER A 82 -7.63 -40.33 -9.76
C SER A 82 -7.62 -41.16 -11.05
N SER A 83 -8.15 -42.38 -10.97
CA SER A 83 -8.20 -43.25 -12.13
C SER A 83 -9.28 -42.82 -13.11
N SER A 84 -9.27 -43.40 -14.31
CA SER A 84 -10.24 -43.07 -15.33
C SER A 84 -11.42 -44.04 -15.29
N GLY A 85 -12.47 -43.72 -16.04
CA GLY A 85 -13.64 -44.59 -16.08
C GLY A 85 -14.52 -44.32 -17.28
N PRO A 86 -15.64 -45.05 -17.38
CA PRO A 86 -16.58 -44.91 -18.50
C PRO A 86 -17.33 -43.58 -18.46
N SER A 87 -17.83 -43.15 -19.61
CA SER A 87 -18.56 -41.89 -19.71
C SER A 87 -19.17 -41.73 -21.10
N SER A 88 -20.49 -41.55 -21.14
CA SER A 88 -21.19 -41.38 -22.42
C SER A 88 -20.94 -39.99 -22.99
N GLY A 89 -21.45 -39.77 -24.20
CA GLY A 89 -21.27 -38.47 -24.84
C GLY A 89 -22.32 -38.21 -25.92
N GLY A 1 -37.12 4.87 10.14
CA GLY A 1 -35.68 4.80 10.29
C GLY A 1 -34.95 5.48 9.14
N SER A 2 -35.31 6.74 8.88
CA SER A 2 -34.69 7.50 7.79
C SER A 2 -33.81 8.61 8.36
N SER A 3 -32.59 8.27 8.72
CA SER A 3 -31.64 9.23 9.27
C SER A 3 -31.74 10.57 8.53
N GLY A 4 -31.85 10.49 7.21
CA GLY A 4 -31.94 11.70 6.40
C GLY A 4 -31.59 11.46 4.95
N SER A 5 -30.36 11.81 4.58
CA SER A 5 -29.90 11.64 3.21
C SER A 5 -28.40 11.90 3.11
N SER A 6 -27.64 10.85 2.84
CA SER A 6 -26.19 10.96 2.72
C SER A 6 -25.69 10.26 1.45
N GLY A 7 -25.02 11.02 0.58
CA GLY A 7 -24.51 10.46 -0.65
C GLY A 7 -24.47 11.47 -1.77
N PRO A 8 -23.56 12.46 -1.67
CA PRO A 8 -23.41 13.51 -2.68
C PRO A 8 -22.83 12.98 -3.98
N ASP A 9 -22.55 11.68 -4.01
CA ASP A 9 -21.99 11.05 -5.20
C ASP A 9 -20.61 11.63 -5.53
N PHE A 10 -19.76 11.71 -4.52
CA PHE A 10 -18.42 12.26 -4.71
C PHE A 10 -17.79 11.74 -6.01
N THR A 11 -17.53 12.66 -6.92
CA THR A 11 -16.94 12.31 -8.21
C THR A 11 -15.70 11.43 -8.02
N PRO A 12 -15.40 10.61 -9.04
CA PRO A 12 -14.24 9.71 -9.01
C PRO A 12 -12.92 10.47 -9.10
N GLN A 13 -12.11 10.33 -8.05
CA GLN A 13 -10.81 11.00 -8.01
C GLN A 13 -9.68 10.00 -8.19
N LYS A 14 -8.61 10.43 -8.85
CA LYS A 14 -7.45 9.58 -9.09
C LYS A 14 -6.21 10.13 -8.40
N PHE A 15 -5.95 9.61 -7.20
CA PHE A 15 -4.79 10.05 -6.42
C PHE A 15 -3.71 8.98 -6.42
N LYS A 16 -2.82 9.04 -7.40
CA LYS A 16 -1.73 8.07 -7.52
C LYS A 16 -0.38 8.79 -7.61
N GLU A 17 -0.42 10.11 -7.73
CA GLU A 17 0.79 10.90 -7.83
C GLU A 17 1.44 11.09 -6.46
N LYS A 18 2.74 10.89 -6.39
CA LYS A 18 3.48 11.03 -5.13
C LYS A 18 4.90 11.51 -5.40
N THR A 19 5.45 12.28 -4.46
CA THR A 19 6.81 12.80 -4.58
C THR A 19 7.80 11.90 -3.88
N ALA A 20 9.02 11.83 -4.42
CA ALA A 20 10.07 11.00 -3.83
C ALA A 20 10.07 11.11 -2.32
N GLU A 21 9.95 12.33 -1.81
CA GLU A 21 9.95 12.57 -0.37
C GLU A 21 8.83 11.77 0.30
N GLN A 22 7.62 11.89 -0.23
CA GLN A 22 6.47 11.19 0.32
C GLN A 22 6.69 9.69 0.29
N LEU A 23 7.16 9.18 -0.85
CA LEU A 23 7.41 7.75 -1.01
C LEU A 23 8.46 7.27 -0.01
N ARG A 24 9.65 7.84 -0.11
CA ARG A 24 10.75 7.47 0.79
C ARG A 24 10.23 7.17 2.20
N VAL A 25 9.13 7.84 2.57
CA VAL A 25 8.54 7.64 3.88
C VAL A 25 7.55 6.47 3.87
N LEU A 26 6.52 6.59 3.05
CA LEU A 26 5.50 5.54 2.95
C LEU A 26 6.15 4.18 2.77
N GLN A 27 7.12 4.09 1.87
CA GLN A 27 7.82 2.84 1.61
C GLN A 27 8.53 2.34 2.86
N ALA A 28 9.28 3.24 3.51
CA ALA A 28 10.00 2.90 4.72
C ALA A 28 9.05 2.42 5.82
N SER A 29 7.83 2.93 5.79
CA SER A 29 6.83 2.56 6.79
C SER A 29 6.19 1.22 6.44
N PHE A 30 5.52 1.17 5.30
CA PHE A 30 4.86 -0.06 4.86
C PHE A 30 5.77 -1.27 5.05
N LEU A 31 7.07 -1.09 4.79
CA LEU A 31 8.04 -2.16 4.94
C LEU A 31 7.91 -2.83 6.31
N ASN A 32 8.16 -2.05 7.36
CA ASN A 32 8.07 -2.56 8.72
C ASN A 32 6.84 -3.46 8.89
N SER A 33 5.73 -3.07 8.26
CA SER A 33 4.50 -3.84 8.34
C SER A 33 3.62 -3.56 7.12
N SER A 34 3.50 -4.56 6.25
CA SER A 34 2.68 -4.43 5.05
C SER A 34 1.31 -3.83 5.38
N VAL A 35 0.75 -4.25 6.50
CA VAL A 35 -0.55 -3.76 6.94
C VAL A 35 -0.41 -2.50 7.78
N LEU A 36 -1.21 -1.48 7.47
CA LEU A 36 -1.18 -0.23 8.19
C LEU A 36 -2.08 -0.28 9.42
N THR A 37 -1.64 0.35 10.50
CA THR A 37 -2.40 0.37 11.75
C THR A 37 -2.94 1.76 12.02
N ASP A 38 -4.09 1.82 12.70
CA ASP A 38 -4.71 3.09 13.04
C ASP A 38 -3.68 4.09 13.56
N GLU A 39 -2.57 3.57 14.07
CA GLU A 39 -1.51 4.42 14.60
C GLU A 39 -0.54 4.84 13.50
N GLU A 40 0.22 3.89 12.98
CA GLU A 40 1.18 4.17 11.92
C GLU A 40 0.57 5.08 10.86
N LEU A 41 -0.75 4.97 10.68
CA LEU A 41 -1.45 5.78 9.70
C LEU A 41 -1.32 7.27 10.02
N ASN A 42 -1.66 7.64 11.25
CA ASN A 42 -1.58 9.03 11.68
C ASN A 42 -0.19 9.59 11.42
N ARG A 43 0.82 8.98 12.04
CA ARG A 43 2.21 9.43 11.88
C ARG A 43 2.47 9.84 10.43
N LEU A 44 2.29 8.90 9.51
CA LEU A 44 2.52 9.17 8.10
C LEU A 44 1.66 10.33 7.61
N ARG A 45 0.39 10.33 8.04
CA ARG A 45 -0.55 11.39 7.65
C ARG A 45 0.08 12.76 7.86
N ALA A 46 0.90 12.89 8.89
CA ALA A 46 1.56 14.15 9.19
C ALA A 46 2.86 14.30 8.40
N GLN A 47 3.61 13.20 8.28
CA GLN A 47 4.87 13.21 7.55
C GLN A 47 4.64 13.54 6.08
N THR A 48 3.82 12.74 5.41
CA THR A 48 3.52 12.95 4.00
C THR A 48 2.38 13.95 3.83
N LYS A 49 1.84 14.43 4.95
CA LYS A 49 0.74 15.39 4.91
C LYS A 49 -0.37 14.91 3.98
N LEU A 50 -0.53 13.60 3.88
CA LEU A 50 -1.55 13.01 3.02
C LEU A 50 -2.79 12.63 3.84
N THR A 51 -3.75 12.00 3.17
CA THR A 51 -4.97 11.57 3.83
C THR A 51 -4.97 10.07 4.08
N ARG A 52 -5.75 9.63 5.07
CA ARG A 52 -5.83 8.22 5.41
C ARG A 52 -6.10 7.38 4.16
N ARG A 53 -6.90 7.92 3.26
CA ARG A 53 -7.24 7.22 2.01
C ARG A 53 -5.99 7.00 1.16
N GLU A 54 -5.26 8.07 0.90
CA GLU A 54 -4.05 7.98 0.09
C GLU A 54 -3.07 6.97 0.68
N ILE A 55 -2.75 7.13 1.96
CA ILE A 55 -1.83 6.22 2.63
C ILE A 55 -2.42 4.83 2.76
N ASP A 56 -3.49 4.71 3.55
CA ASP A 56 -4.15 3.44 3.75
C ASP A 56 -4.27 2.67 2.44
N ALA A 57 -4.72 3.36 1.40
CA ALA A 57 -4.89 2.74 0.09
C ALA A 57 -3.54 2.32 -0.49
N TRP A 58 -2.56 3.21 -0.40
CA TRP A 58 -1.23 2.93 -0.93
C TRP A 58 -0.68 1.63 -0.32
N PHE A 59 -0.60 1.57 1.00
CA PHE A 59 -0.10 0.40 1.69
C PHE A 59 -0.69 -0.88 1.10
N THR A 60 -2.00 -0.85 0.83
CA THR A 60 -2.69 -2.00 0.27
C THR A 60 -2.02 -2.46 -1.02
N GLU A 61 -2.12 -1.65 -2.06
CA GLU A 61 -1.53 -1.98 -3.36
C GLU A 61 -0.11 -2.53 -3.18
N LYS A 62 0.69 -1.85 -2.37
CA LYS A 62 2.06 -2.27 -2.11
C LYS A 62 2.12 -3.76 -1.82
N LYS A 63 1.10 -4.27 -1.15
CA LYS A 63 1.03 -5.69 -0.81
C LYS A 63 1.21 -6.56 -2.06
N LYS A 64 0.53 -6.18 -3.13
CA LYS A 64 0.60 -6.91 -4.39
C LYS A 64 2.06 -7.18 -4.78
N SER A 65 2.96 -6.35 -4.26
CA SER A 65 4.38 -6.49 -4.55
C SER A 65 4.96 -7.71 -3.85
N LYS A 66 4.52 -7.95 -2.62
CA LYS A 66 5.00 -9.08 -1.83
C LYS A 66 4.61 -10.41 -2.50
N ALA A 67 3.44 -10.42 -3.14
CA ALA A 67 2.95 -11.62 -3.82
C ALA A 67 4.03 -12.21 -4.70
N LEU A 68 4.59 -11.39 -5.59
CA LEU A 68 5.62 -11.84 -6.51
C LEU A 68 6.67 -12.67 -5.78
N LYS A 69 7.03 -13.81 -6.35
CA LYS A 69 8.03 -14.69 -5.76
C LYS A 69 9.11 -13.89 -5.04
N GLU A 70 9.18 -14.04 -3.72
CA GLU A 70 10.17 -13.33 -2.93
C GLU A 70 11.44 -14.17 -2.76
N GLU A 71 12.57 -13.50 -2.58
CA GLU A 71 13.84 -14.18 -2.41
C GLU A 71 13.87 -14.95 -1.09
N LYS A 72 13.28 -14.36 -0.05
CA LYS A 72 13.23 -14.99 1.26
C LYS A 72 11.96 -15.81 1.43
N MET A 73 11.97 -17.03 0.91
CA MET A 73 10.81 -17.91 0.99
C MET A 73 11.24 -19.37 1.04
N GLU A 74 10.40 -20.21 1.63
CA GLU A 74 10.70 -21.64 1.74
C GLU A 74 9.76 -22.46 0.86
N ILE A 75 10.13 -22.59 -0.41
CA ILE A 75 9.33 -23.35 -1.37
C ILE A 75 7.85 -22.99 -1.25
N ASP A 76 7.55 -21.71 -1.34
CA ASP A 76 6.17 -21.24 -1.24
C ASP A 76 5.44 -21.40 -2.57
N GLU A 77 4.55 -22.38 -2.63
CA GLU A 77 3.79 -22.66 -3.85
C GLU A 77 2.65 -23.63 -3.58
N SER A 78 1.43 -23.21 -3.88
CA SER A 78 0.26 -24.05 -3.67
C SER A 78 -0.98 -23.43 -4.32
N ASN A 79 -2.07 -24.19 -4.34
CA ASN A 79 -3.31 -23.72 -4.93
C ASN A 79 -4.52 -24.20 -4.13
N ALA A 80 -5.42 -23.27 -3.82
CA ALA A 80 -6.62 -23.59 -3.04
C ALA A 80 -7.74 -22.61 -3.34
N GLY A 81 -8.94 -23.15 -3.59
CA GLY A 81 -10.08 -22.30 -3.89
C GLY A 81 -10.67 -22.59 -5.25
N SER A 82 -11.22 -23.79 -5.41
CA SER A 82 -11.83 -24.19 -6.67
C SER A 82 -12.68 -25.46 -6.50
N SER A 83 -13.99 -25.30 -6.67
CA SER A 83 -14.91 -26.42 -6.53
C SER A 83 -16.10 -26.28 -7.47
N SER A 84 -16.60 -27.41 -7.97
CA SER A 84 -17.72 -27.40 -8.88
C SER A 84 -19.02 -27.10 -8.13
N GLY A 85 -19.27 -27.85 -7.06
CA GLY A 85 -20.47 -27.64 -6.27
C GLY A 85 -21.28 -28.91 -6.11
N PRO A 86 -21.92 -29.07 -4.94
CA PRO A 86 -22.74 -30.24 -4.63
C PRO A 86 -24.01 -30.30 -5.45
N SER A 87 -23.95 -30.97 -6.59
CA SER A 87 -25.10 -31.10 -7.48
C SER A 87 -25.95 -32.31 -7.10
N SER A 88 -27.18 -32.06 -6.68
CA SER A 88 -28.09 -33.12 -6.29
C SER A 88 -27.35 -34.20 -5.49
N GLY A 89 -26.49 -33.76 -4.59
CA GLY A 89 -25.73 -34.69 -3.77
C GLY A 89 -26.33 -34.87 -2.39
N GLY A 1 -22.61 17.42 24.74
CA GLY A 1 -23.67 17.25 23.77
C GLY A 1 -23.55 18.20 22.59
N SER A 2 -22.57 17.94 21.72
CA SER A 2 -22.34 18.78 20.56
C SER A 2 -22.88 18.11 19.30
N SER A 3 -23.13 18.92 18.27
CA SER A 3 -23.65 18.40 17.01
C SER A 3 -22.83 18.92 15.83
N GLY A 4 -22.57 18.05 14.86
CA GLY A 4 -21.80 18.45 13.69
C GLY A 4 -21.01 17.30 13.11
N SER A 5 -21.67 16.49 12.28
CA SER A 5 -21.03 15.34 11.66
C SER A 5 -20.62 15.66 10.23
N SER A 6 -19.88 14.75 9.61
CA SER A 6 -19.42 14.94 8.23
C SER A 6 -19.22 13.59 7.53
N GLY A 7 -19.59 13.53 6.26
CA GLY A 7 -19.44 12.31 5.50
C GLY A 7 -18.42 12.43 4.37
N PRO A 8 -17.71 11.33 4.09
CA PRO A 8 -16.68 11.31 3.04
C PRO A 8 -17.30 11.39 1.64
N ASP A 9 -17.23 12.56 1.03
CA ASP A 9 -17.77 12.76 -0.30
C ASP A 9 -17.05 11.89 -1.32
N PHE A 10 -17.54 10.67 -1.49
CA PHE A 10 -16.94 9.73 -2.44
C PHE A 10 -16.92 10.32 -3.84
N THR A 11 -15.79 10.16 -4.54
CA THR A 11 -15.65 10.68 -5.89
C THR A 11 -15.15 9.59 -6.84
N PRO A 12 -15.65 9.63 -8.09
CA PRO A 12 -15.27 8.65 -9.11
C PRO A 12 -13.83 8.83 -9.58
N GLN A 13 -13.18 9.89 -9.11
CA GLN A 13 -11.80 10.16 -9.47
C GLN A 13 -10.84 9.29 -8.68
N LYS A 14 -9.67 9.04 -9.24
CA LYS A 14 -8.66 8.21 -8.59
C LYS A 14 -7.43 9.04 -8.23
N PHE A 15 -6.84 8.74 -7.07
CA PHE A 15 -5.66 9.46 -6.61
C PHE A 15 -4.42 8.58 -6.72
N LYS A 16 -3.62 8.82 -7.76
CA LYS A 16 -2.40 8.05 -7.97
C LYS A 16 -1.23 8.97 -8.33
N GLU A 17 -0.73 9.70 -7.34
CA GLU A 17 0.38 10.62 -7.55
C GLU A 17 1.01 11.03 -6.22
N LYS A 18 2.28 10.67 -6.05
CA LYS A 18 3.01 11.00 -4.83
C LYS A 18 4.37 11.61 -5.15
N THR A 19 5.04 12.11 -4.12
CA THR A 19 6.36 12.72 -4.29
C THR A 19 7.45 11.85 -3.70
N ALA A 20 8.69 12.09 -4.10
CA ALA A 20 9.83 11.33 -3.62
C ALA A 20 9.82 11.25 -2.10
N GLU A 21 9.64 12.39 -1.44
CA GLU A 21 9.61 12.46 0.01
C GLU A 21 8.50 11.57 0.58
N GLN A 22 7.29 11.77 0.08
CA GLN A 22 6.14 10.99 0.53
C GLN A 22 6.44 9.50 0.49
N LEU A 23 7.01 9.05 -0.62
CA LEU A 23 7.36 7.63 -0.78
C LEU A 23 8.37 7.20 0.27
N ARG A 24 9.56 7.79 0.20
CA ARG A 24 10.63 7.47 1.14
C ARG A 24 10.06 7.16 2.53
N VAL A 25 9.08 7.96 2.96
CA VAL A 25 8.45 7.76 4.26
C VAL A 25 7.51 6.56 4.24
N LEU A 26 6.49 6.63 3.39
CA LEU A 26 5.52 5.55 3.28
C LEU A 26 6.22 4.19 3.18
N GLN A 27 7.10 4.07 2.20
CA GLN A 27 7.85 2.83 1.99
C GLN A 27 8.51 2.37 3.28
N ALA A 28 9.07 3.32 4.01
CA ALA A 28 9.75 3.01 5.28
C ALA A 28 8.76 2.44 6.29
N SER A 29 7.48 2.71 6.09
CA SER A 29 6.44 2.23 6.98
C SER A 29 5.88 0.89 6.51
N PHE A 30 5.40 0.87 5.27
CA PHE A 30 4.85 -0.35 4.69
C PHE A 30 5.83 -1.51 4.80
N LEU A 31 7.10 -1.23 4.52
CA LEU A 31 8.14 -2.26 4.59
C LEU A 31 8.15 -2.92 5.97
N ASN A 32 8.08 -2.10 7.01
CA ASN A 32 8.09 -2.62 8.38
C ASN A 32 6.92 -3.58 8.61
N SER A 33 5.71 -3.09 8.36
CA SER A 33 4.51 -3.89 8.53
C SER A 33 3.48 -3.59 7.45
N SER A 34 3.21 -4.57 6.60
CA SER A 34 2.26 -4.41 5.51
C SER A 34 0.92 -3.89 6.04
N VAL A 35 0.49 -4.43 7.18
CA VAL A 35 -0.77 -4.02 7.79
C VAL A 35 -0.66 -2.62 8.39
N LEU A 36 -1.44 -1.69 7.86
CA LEU A 36 -1.43 -0.31 8.34
C LEU A 36 -2.16 -0.20 9.68
N THR A 37 -1.49 0.39 10.67
CA THR A 37 -2.07 0.56 11.99
C THR A 37 -2.39 2.03 12.27
N ASP A 38 -3.53 2.27 12.91
CA ASP A 38 -3.95 3.62 13.23
C ASP A 38 -2.74 4.50 13.56
N GLU A 39 -1.90 4.02 14.48
CA GLU A 39 -0.70 4.76 14.87
C GLU A 39 0.13 5.14 13.66
N GLU A 40 0.56 4.13 12.91
CA GLU A 40 1.37 4.35 11.71
C GLU A 40 0.67 5.30 10.74
N LEU A 41 -0.57 4.97 10.41
CA LEU A 41 -1.35 5.80 9.49
C LEU A 41 -1.31 7.26 9.90
N ASN A 42 -1.45 7.52 11.20
CA ASN A 42 -1.42 8.88 11.72
C ASN A 42 -0.09 9.55 11.42
N ARG A 43 0.99 8.95 11.92
CA ARG A 43 2.33 9.49 11.71
C ARG A 43 2.55 9.83 10.24
N LEU A 44 2.24 8.88 9.36
CA LEU A 44 2.42 9.09 7.92
C LEU A 44 1.53 10.21 7.42
N ARG A 45 0.33 10.31 8.00
CA ARG A 45 -0.62 11.36 7.62
C ARG A 45 0.00 12.74 7.76
N ALA A 46 0.95 12.87 8.68
CA ALA A 46 1.62 14.14 8.92
C ALA A 46 2.91 14.23 8.11
N GLN A 47 3.64 13.11 8.03
CA GLN A 47 4.89 13.08 7.29
C GLN A 47 4.65 13.31 5.80
N THR A 48 3.80 12.48 5.21
CA THR A 48 3.49 12.59 3.78
C THR A 48 2.50 13.72 3.52
N LYS A 49 1.91 14.24 4.60
CA LYS A 49 0.94 15.32 4.49
C LYS A 49 -0.23 14.92 3.61
N LEU A 50 -0.53 13.62 3.59
CA LEU A 50 -1.63 13.10 2.78
C LEU A 50 -2.81 12.70 3.67
N THR A 51 -3.86 12.18 3.05
CA THR A 51 -5.04 11.75 3.78
C THR A 51 -5.05 10.23 3.96
N ARG A 52 -5.68 9.77 5.04
CA ARG A 52 -5.77 8.34 5.33
C ARG A 52 -6.03 7.55 4.05
N ARG A 53 -7.02 7.99 3.28
CA ARG A 53 -7.37 7.32 2.03
C ARG A 53 -6.13 7.01 1.21
N GLU A 54 -5.43 8.06 0.80
CA GLU A 54 -4.22 7.91 0.00
C GLU A 54 -3.30 6.85 0.60
N ILE A 55 -2.79 7.12 1.79
CA ILE A 55 -1.90 6.18 2.48
C ILE A 55 -2.49 4.77 2.48
N ASP A 56 -3.59 4.60 3.19
CA ASP A 56 -4.25 3.30 3.27
C ASP A 56 -4.23 2.59 1.92
N ALA A 57 -4.77 3.25 0.90
CA ALA A 57 -4.79 2.68 -0.44
C ALA A 57 -3.40 2.28 -0.90
N TRP A 58 -2.44 3.17 -0.74
CA TRP A 58 -1.07 2.91 -1.14
C TRP A 58 -0.58 1.58 -0.58
N PHE A 59 -0.56 1.48 0.75
CA PHE A 59 -0.12 0.26 1.41
C PHE A 59 -0.80 -0.97 0.82
N THR A 60 -2.14 -0.95 0.82
CA THR A 60 -2.91 -2.06 0.28
C THR A 60 -2.39 -2.48 -1.09
N GLU A 61 -1.98 -1.50 -1.89
CA GLU A 61 -1.45 -1.77 -3.22
C GLU A 61 -0.06 -2.39 -3.15
N LYS A 62 0.82 -1.76 -2.37
CA LYS A 62 2.18 -2.24 -2.22
C LYS A 62 2.19 -3.73 -1.89
N LYS A 63 1.21 -4.17 -1.11
CA LYS A 63 1.12 -5.58 -0.73
C LYS A 63 1.21 -6.49 -1.95
N LYS A 64 0.49 -6.13 -3.00
CA LYS A 64 0.49 -6.91 -4.24
C LYS A 64 1.91 -7.18 -4.70
N SER A 65 2.75 -6.14 -4.66
CA SER A 65 4.13 -6.26 -5.09
C SER A 65 4.82 -7.43 -4.38
N LYS A 66 4.28 -7.82 -3.23
CA LYS A 66 4.82 -8.93 -2.46
C LYS A 66 4.62 -10.26 -3.17
N ALA A 67 3.55 -10.34 -3.96
CA ALA A 67 3.24 -11.56 -4.71
C ALA A 67 4.44 -12.01 -5.54
N LEU A 68 4.99 -11.09 -6.31
CA LEU A 68 6.15 -11.38 -7.15
C LEU A 68 7.23 -12.11 -6.36
N LYS A 69 7.97 -12.97 -7.03
CA LYS A 69 9.04 -13.72 -6.40
C LYS A 69 8.51 -14.56 -5.25
N GLU A 70 7.36 -15.20 -5.47
CA GLU A 70 6.74 -16.04 -4.45
C GLU A 70 7.80 -16.82 -3.66
N GLU A 71 7.88 -16.55 -2.37
CA GLU A 71 8.84 -17.23 -1.51
C GLU A 71 8.57 -18.73 -1.45
N LYS A 72 7.31 -19.08 -1.22
CA LYS A 72 6.91 -20.48 -1.14
C LYS A 72 7.71 -21.33 -2.11
N MET A 73 7.83 -20.86 -3.35
CA MET A 73 8.58 -21.58 -4.37
C MET A 73 9.84 -22.20 -3.79
N GLU A 74 10.02 -23.50 -4.02
CA GLU A 74 11.18 -24.21 -3.52
C GLU A 74 12.34 -24.14 -4.52
N ILE A 75 13.48 -23.64 -4.05
CA ILE A 75 14.65 -23.52 -4.91
C ILE A 75 15.75 -24.48 -4.46
N ASP A 76 16.21 -25.30 -5.40
CA ASP A 76 17.27 -26.27 -5.10
C ASP A 76 18.26 -25.70 -4.10
N GLU A 77 18.13 -26.11 -2.85
CA GLU A 77 19.03 -25.64 -1.79
C GLU A 77 18.86 -26.48 -0.52
N SER A 78 19.72 -26.24 0.45
CA SER A 78 19.67 -26.96 1.71
C SER A 78 18.23 -27.18 2.15
N ASN A 79 18.01 -28.26 2.90
CA ASN A 79 16.68 -28.59 3.39
C ASN A 79 16.67 -28.72 4.91
N ALA A 80 15.55 -28.36 5.52
CA ALA A 80 15.41 -28.43 6.98
C ALA A 80 13.97 -28.18 7.41
N GLY A 81 13.50 -28.96 8.37
CA GLY A 81 12.14 -28.80 8.86
C GLY A 81 12.03 -29.01 10.36
N SER A 82 10.92 -28.55 10.93
CA SER A 82 10.70 -28.67 12.36
C SER A 82 9.30 -28.20 12.74
N SER A 83 8.63 -28.97 13.60
CA SER A 83 7.28 -28.63 14.04
C SER A 83 6.94 -29.33 15.35
N SER A 84 5.82 -28.96 15.94
CA SER A 84 5.37 -29.56 17.20
C SER A 84 3.90 -29.27 17.45
N GLY A 85 3.29 -30.05 18.33
CA GLY A 85 1.89 -29.87 18.65
C GLY A 85 1.43 -30.75 19.80
N PRO A 86 1.66 -30.28 21.04
CA PRO A 86 1.27 -31.03 22.25
C PRO A 86 -0.24 -31.08 22.43
N SER A 87 -0.67 -31.61 23.57
CA SER A 87 -2.09 -31.73 23.87
C SER A 87 -2.33 -31.79 25.38
N SER A 88 -3.57 -31.56 25.79
CA SER A 88 -3.93 -31.60 27.21
C SER A 88 -5.42 -31.87 27.39
N GLY A 89 -5.84 -32.03 28.63
CA GLY A 89 -7.23 -32.29 28.93
C GLY A 89 -7.51 -33.76 29.16
N GLY A 1 -31.44 8.21 9.22
CA GLY A 1 -31.48 6.77 9.05
C GLY A 1 -31.23 6.36 7.62
N SER A 2 -32.23 5.73 7.00
CA SER A 2 -32.11 5.27 5.63
C SER A 2 -30.73 4.67 5.36
N SER A 3 -30.25 3.88 6.32
CA SER A 3 -28.94 3.25 6.21
C SER A 3 -29.09 1.73 6.07
N GLY A 4 -28.22 1.14 5.25
CA GLY A 4 -28.26 -0.30 5.05
C GLY A 4 -27.76 -0.71 3.67
N SER A 5 -28.54 -0.37 2.64
CA SER A 5 -28.17 -0.71 1.28
C SER A 5 -27.19 0.31 0.71
N SER A 6 -27.52 1.59 0.85
CA SER A 6 -26.67 2.66 0.34
C SER A 6 -25.20 2.35 0.61
N GLY A 7 -24.36 2.54 -0.41
CA GLY A 7 -22.95 2.27 -0.27
C GLY A 7 -22.10 3.49 -0.54
N PRO A 8 -20.77 3.33 -0.51
CA PRO A 8 -19.82 4.41 -0.75
C PRO A 8 -19.82 4.86 -2.21
N ASP A 9 -19.67 6.17 -2.42
CA ASP A 9 -19.64 6.72 -3.77
C ASP A 9 -18.21 6.90 -4.26
N PHE A 10 -17.90 6.28 -5.40
CA PHE A 10 -16.56 6.36 -5.97
C PHE A 10 -16.36 7.70 -6.67
N THR A 11 -15.34 8.44 -6.23
CA THR A 11 -15.03 9.74 -6.81
C THR A 11 -14.14 9.60 -8.04
N PRO A 12 -14.33 10.50 -9.01
CA PRO A 12 -13.54 10.50 -10.25
C PRO A 12 -12.09 10.90 -10.02
N GLN A 13 -11.77 11.30 -8.80
CA GLN A 13 -10.43 11.71 -8.45
C GLN A 13 -9.60 10.53 -7.94
N LYS A 14 -8.61 10.12 -8.73
CA LYS A 14 -7.75 8.99 -8.37
C LYS A 14 -6.32 9.46 -8.12
N PHE A 15 -5.86 9.32 -6.88
CA PHE A 15 -4.52 9.73 -6.51
C PHE A 15 -3.48 8.76 -7.08
N LYS A 16 -2.88 9.15 -8.21
CA LYS A 16 -1.87 8.32 -8.86
C LYS A 16 -0.60 9.12 -9.14
N GLU A 17 -0.20 9.92 -8.16
CA GLU A 17 1.00 10.74 -8.30
C GLU A 17 1.52 11.19 -6.93
N LYS A 18 2.68 10.67 -6.55
CA LYS A 18 3.28 11.01 -5.26
C LYS A 18 4.71 11.51 -5.45
N THR A 19 5.21 12.24 -4.46
CA THR A 19 6.56 12.78 -4.51
C THR A 19 7.55 11.89 -3.78
N ALA A 20 8.80 11.87 -4.24
CA ALA A 20 9.83 11.06 -3.61
C ALA A 20 9.73 11.10 -2.09
N GLU A 21 9.82 12.31 -1.54
CA GLU A 21 9.75 12.48 -0.09
C GLU A 21 8.62 11.64 0.50
N GLN A 22 7.43 11.79 -0.04
CA GLN A 22 6.26 11.04 0.43
C GLN A 22 6.53 9.54 0.37
N LEU A 23 7.07 9.09 -0.76
CA LEU A 23 7.36 7.67 -0.94
C LEU A 23 8.38 7.19 0.08
N ARG A 24 9.58 7.78 0.04
CA ARG A 24 10.64 7.41 0.96
C ARG A 24 10.07 7.05 2.33
N VAL A 25 9.08 7.80 2.77
CA VAL A 25 8.44 7.56 4.06
C VAL A 25 7.51 6.35 4.00
N LEU A 26 6.48 6.45 3.17
CA LEU A 26 5.51 5.37 3.03
C LEU A 26 6.22 4.04 2.84
N GLN A 27 7.11 3.98 1.85
CA GLN A 27 7.86 2.75 1.57
C GLN A 27 8.57 2.25 2.82
N ALA A 28 9.16 3.17 3.57
CA ALA A 28 9.87 2.82 4.79
C ALA A 28 8.92 2.23 5.83
N SER A 29 7.71 2.77 5.89
CA SER A 29 6.71 2.30 6.84
C SER A 29 6.13 0.96 6.40
N PHE A 30 5.50 0.94 5.23
CA PHE A 30 4.91 -0.28 4.69
C PHE A 30 5.83 -1.47 4.89
N LEU A 31 7.08 -1.32 4.45
CA LEU A 31 8.06 -2.40 4.58
C LEU A 31 7.97 -3.06 5.95
N ASN A 32 8.17 -2.27 7.00
CA ASN A 32 8.11 -2.77 8.37
C ASN A 32 6.88 -3.64 8.56
N SER A 33 5.70 -3.08 8.30
CA SER A 33 4.44 -3.79 8.45
C SER A 33 3.56 -3.62 7.22
N SER A 34 3.61 -4.59 6.32
CA SER A 34 2.83 -4.54 5.09
C SER A 34 1.45 -3.96 5.37
N VAL A 35 0.91 -4.24 6.54
CA VAL A 35 -0.41 -3.73 6.93
C VAL A 35 -0.29 -2.43 7.70
N LEU A 36 -1.20 -1.50 7.43
CA LEU A 36 -1.21 -0.21 8.10
C LEU A 36 -2.16 -0.21 9.30
N THR A 37 -1.82 0.56 10.32
CA THR A 37 -2.63 0.64 11.52
C THR A 37 -3.05 2.07 11.81
N ASP A 38 -4.11 2.24 12.60
CA ASP A 38 -4.60 3.57 12.95
C ASP A 38 -3.47 4.46 13.44
N GLU A 39 -2.68 3.94 14.38
CA GLU A 39 -1.56 4.68 14.93
C GLU A 39 -0.59 5.12 13.83
N GLU A 40 0.15 4.15 13.29
CA GLU A 40 1.11 4.42 12.24
C GLU A 40 0.52 5.37 11.19
N LEU A 41 -0.67 5.03 10.70
CA LEU A 41 -1.35 5.84 9.71
C LEU A 41 -1.20 7.34 10.02
N ASN A 42 -1.65 7.74 11.20
CA ASN A 42 -1.57 9.13 11.62
C ASN A 42 -0.18 9.70 11.33
N ARG A 43 0.83 9.17 12.02
CA ARG A 43 2.20 9.63 11.84
C ARG A 43 2.46 9.99 10.38
N LEU A 44 2.19 9.05 9.49
CA LEU A 44 2.41 9.27 8.06
C LEU A 44 1.55 10.42 7.56
N ARG A 45 0.30 10.48 8.02
CA ARG A 45 -0.63 11.53 7.60
C ARG A 45 0.04 12.90 7.73
N ALA A 46 0.98 13.02 8.66
CA ALA A 46 1.69 14.27 8.88
C ALA A 46 2.96 14.33 8.04
N GLN A 47 3.78 13.30 8.15
CA GLN A 47 5.05 13.24 7.41
C GLN A 47 4.80 13.42 5.92
N THR A 48 4.01 12.53 5.34
CA THR A 48 3.69 12.60 3.92
C THR A 48 2.76 13.77 3.61
N LYS A 49 1.97 14.15 4.60
CA LYS A 49 1.03 15.27 4.44
C LYS A 49 -0.06 14.90 3.43
N LEU A 50 -0.56 13.68 3.52
CA LEU A 50 -1.62 13.22 2.63
C LEU A 50 -2.86 12.80 3.41
N THR A 51 -3.88 12.33 2.70
CA THR A 51 -5.12 11.91 3.32
C THR A 51 -5.01 10.47 3.82
N ARG A 52 -5.60 10.20 4.98
CA ARG A 52 -5.56 8.87 5.57
C ARG A 52 -5.95 7.81 4.54
N ARG A 53 -6.96 8.12 3.73
CA ARG A 53 -7.42 7.21 2.69
C ARG A 53 -6.32 6.90 1.69
N GLU A 54 -5.59 7.94 1.28
CA GLU A 54 -4.51 7.79 0.32
C GLU A 54 -3.45 6.81 0.84
N ILE A 55 -2.94 7.09 2.04
CA ILE A 55 -1.92 6.24 2.64
C ILE A 55 -2.41 4.79 2.75
N ASP A 56 -3.50 4.59 3.47
CA ASP A 56 -4.07 3.25 3.64
C ASP A 56 -4.15 2.52 2.30
N ALA A 57 -4.78 3.16 1.33
CA ALA A 57 -4.92 2.56 0.00
C ALA A 57 -3.56 2.22 -0.59
N TRP A 58 -2.61 3.13 -0.44
CA TRP A 58 -1.27 2.92 -0.96
C TRP A 58 -0.68 1.61 -0.45
N PHE A 59 -0.55 1.50 0.87
CA PHE A 59 0.00 0.30 1.49
C PHE A 59 -0.57 -0.95 0.84
N THR A 60 -1.86 -0.90 0.51
CA THR A 60 -2.54 -2.04 -0.12
C THR A 60 -1.81 -2.47 -1.39
N GLU A 61 -1.79 -1.59 -2.39
CA GLU A 61 -1.13 -1.89 -3.66
C GLU A 61 0.26 -2.48 -3.42
N LYS A 62 1.03 -1.83 -2.55
CA LYS A 62 2.38 -2.29 -2.23
C LYS A 62 2.39 -3.78 -1.93
N LYS A 63 1.41 -4.23 -1.16
CA LYS A 63 1.30 -5.64 -0.79
C LYS A 63 1.42 -6.53 -2.03
N LYS A 64 0.68 -6.19 -3.08
CA LYS A 64 0.71 -6.96 -4.31
C LYS A 64 2.15 -7.20 -4.78
N SER A 65 3.05 -6.32 -4.35
CA SER A 65 4.46 -6.43 -4.73
C SER A 65 5.05 -7.74 -4.21
N LYS A 66 4.63 -8.15 -3.02
CA LYS A 66 5.12 -9.38 -2.41
C LYS A 66 4.88 -10.57 -3.34
N ALA A 67 3.76 -10.56 -4.04
CA ALA A 67 3.41 -11.63 -4.96
C ALA A 67 4.52 -11.84 -5.99
N LEU A 68 5.07 -10.74 -6.50
CA LEU A 68 6.14 -10.80 -7.49
C LEU A 68 7.30 -11.65 -6.98
N LYS A 69 8.17 -12.07 -7.89
CA LYS A 69 9.33 -12.88 -7.54
C LYS A 69 8.90 -14.21 -6.93
N GLU A 70 7.87 -14.81 -7.50
CA GLU A 70 7.35 -16.09 -7.01
C GLU A 70 8.21 -17.24 -7.52
N GLU A 71 8.14 -18.37 -6.83
CA GLU A 71 8.92 -19.55 -7.20
C GLU A 71 8.73 -19.88 -8.68
N LYS A 72 9.42 -20.92 -9.14
CA LYS A 72 9.34 -21.33 -10.53
C LYS A 72 7.92 -21.18 -11.07
N MET A 73 7.68 -20.10 -11.82
CA MET A 73 6.37 -19.84 -12.39
C MET A 73 6.48 -19.01 -13.66
N GLU A 74 5.41 -18.99 -14.45
CA GLU A 74 5.40 -18.24 -15.70
C GLU A 74 4.83 -16.84 -15.48
N ILE A 75 5.68 -15.82 -15.60
CA ILE A 75 5.25 -14.45 -15.41
C ILE A 75 6.03 -13.51 -16.34
N ASP A 76 5.31 -12.59 -16.98
CA ASP A 76 5.92 -11.63 -17.89
C ASP A 76 6.22 -10.32 -17.18
N GLU A 77 7.39 -10.23 -16.55
CA GLU A 77 7.79 -9.04 -15.83
C GLU A 77 8.60 -8.10 -16.74
N SER A 78 8.97 -6.94 -16.20
CA SER A 78 9.72 -5.96 -16.96
C SER A 78 10.73 -5.24 -16.06
N ASN A 79 11.54 -4.38 -16.66
CA ASN A 79 12.55 -3.64 -15.92
C ASN A 79 12.74 -2.24 -16.50
N ALA A 80 13.14 -1.29 -15.67
CA ALA A 80 13.36 0.08 -16.09
C ALA A 80 13.95 0.93 -14.98
N GLY A 81 14.43 2.12 -15.33
CA GLY A 81 15.01 3.01 -14.34
C GLY A 81 15.67 4.21 -14.96
N SER A 82 15.98 5.21 -14.14
CA SER A 82 16.62 6.43 -14.62
C SER A 82 17.05 7.32 -13.46
N SER A 83 17.84 8.34 -13.76
CA SER A 83 18.33 9.25 -12.74
C SER A 83 19.02 10.45 -13.37
N SER A 84 19.41 11.42 -12.53
CA SER A 84 20.08 12.62 -13.01
C SER A 84 20.55 13.49 -11.84
N GLY A 85 21.22 14.58 -12.16
CA GLY A 85 21.70 15.48 -11.13
C GLY A 85 22.43 16.69 -11.70
N PRO A 86 22.22 17.85 -11.07
CA PRO A 86 22.86 19.11 -11.51
C PRO A 86 24.36 19.12 -11.25
N SER A 87 25.00 20.24 -11.56
CA SER A 87 26.44 20.37 -11.37
C SER A 87 26.88 21.82 -11.56
N SER A 88 27.82 22.27 -10.72
CA SER A 88 28.32 23.64 -10.80
C SER A 88 29.50 23.73 -11.76
N GLY A 89 29.99 24.94 -11.95
CA GLY A 89 31.12 25.15 -12.86
C GLY A 89 31.42 26.62 -13.07
N GLY A 1 -23.58 25.65 18.96
CA GLY A 1 -23.71 25.47 17.54
C GLY A 1 -23.84 24.02 17.13
N SER A 2 -23.82 23.76 15.83
CA SER A 2 -23.95 22.41 15.32
C SER A 2 -22.95 22.15 14.19
N SER A 3 -22.66 20.87 13.93
CA SER A 3 -21.72 20.51 12.89
C SER A 3 -22.45 19.92 11.68
N GLY A 4 -21.85 20.08 10.50
CA GLY A 4 -22.46 19.57 9.29
C GLY A 4 -21.76 18.33 8.76
N SER A 5 -22.20 17.85 7.61
CA SER A 5 -21.62 16.66 7.01
C SER A 5 -20.99 16.98 5.66
N SER A 6 -20.32 18.13 5.58
CA SER A 6 -19.69 18.56 4.34
C SER A 6 -18.76 17.48 3.81
N GLY A 7 -18.94 17.12 2.55
CA GLY A 7 -18.11 16.09 1.93
C GLY A 7 -17.08 16.67 0.98
N PRO A 8 -15.90 16.04 0.91
CA PRO A 8 -14.81 16.48 0.03
C PRO A 8 -15.13 16.26 -1.44
N ASP A 9 -14.31 16.85 -2.31
CA ASP A 9 -14.50 16.73 -3.75
C ASP A 9 -13.28 16.08 -4.40
N PHE A 10 -13.44 14.83 -4.84
CA PHE A 10 -12.35 14.11 -5.49
C PHE A 10 -12.87 12.85 -6.18
N THR A 11 -12.19 12.44 -7.23
CA THR A 11 -12.58 11.26 -7.99
C THR A 11 -12.04 9.98 -7.35
N PRO A 12 -12.75 8.87 -7.57
CA PRO A 12 -12.36 7.56 -7.00
C PRO A 12 -11.09 7.01 -7.65
N GLN A 13 -10.66 7.64 -8.73
CA GLN A 13 -9.46 7.22 -9.44
C GLN A 13 -8.31 6.98 -8.46
N LYS A 14 -7.30 6.23 -8.91
CA LYS A 14 -6.15 5.93 -8.08
C LYS A 14 -5.26 7.17 -7.91
N PHE A 15 -4.41 7.14 -6.89
CA PHE A 15 -3.51 8.25 -6.62
C PHE A 15 -2.09 7.92 -7.05
N LYS A 16 -1.66 8.52 -8.16
CA LYS A 16 -0.32 8.28 -8.68
C LYS A 16 0.44 9.60 -8.83
N GLU A 17 0.30 10.47 -7.84
CA GLU A 17 0.98 11.77 -7.87
C GLU A 17 1.75 12.00 -6.57
N LYS A 18 2.52 10.99 -6.15
CA LYS A 18 3.31 11.08 -4.93
C LYS A 18 4.72 11.57 -5.25
N THR A 19 5.28 12.35 -4.32
CA THR A 19 6.63 12.88 -4.49
C THR A 19 7.65 12.03 -3.76
N ALA A 20 8.85 11.91 -4.34
CA ALA A 20 9.91 11.12 -3.73
C ALA A 20 9.86 11.21 -2.20
N GLU A 21 10.02 12.42 -1.68
CA GLU A 21 10.01 12.65 -0.24
C GLU A 21 8.89 11.84 0.41
N GLN A 22 7.70 11.91 -0.16
CA GLN A 22 6.55 11.18 0.38
C GLN A 22 6.78 9.68 0.32
N LEU A 23 7.26 9.19 -0.82
CA LEU A 23 7.53 7.78 -0.99
C LEU A 23 8.57 7.29 0.01
N ARG A 24 9.76 7.87 -0.05
CA ARG A 24 10.84 7.50 0.86
C ARG A 24 10.28 7.13 2.24
N VAL A 25 9.35 7.93 2.72
CA VAL A 25 8.73 7.70 4.03
C VAL A 25 7.79 6.51 3.98
N LEU A 26 6.68 6.65 3.26
CA LEU A 26 5.70 5.59 3.14
C LEU A 26 6.39 4.23 2.98
N GLN A 27 7.29 4.14 2.01
CA GLN A 27 8.02 2.91 1.76
C GLN A 27 8.71 2.41 3.03
N ALA A 28 9.44 3.31 3.68
CA ALA A 28 10.16 2.97 4.90
C ALA A 28 9.19 2.50 5.99
N SER A 29 7.90 2.76 5.80
CA SER A 29 6.88 2.38 6.75
C SER A 29 6.25 1.03 6.37
N PHE A 30 5.57 1.01 5.24
CA PHE A 30 4.92 -0.20 4.76
C PHE A 30 5.85 -1.40 4.89
N LEU A 31 7.13 -1.18 4.65
CA LEU A 31 8.13 -2.25 4.74
C LEU A 31 8.03 -2.96 6.09
N ASN A 32 8.27 -2.23 7.17
CA ASN A 32 8.21 -2.80 8.51
C ASN A 32 7.02 -3.73 8.65
N SER A 33 5.84 -3.26 8.25
CA SER A 33 4.62 -4.06 8.33
C SER A 33 3.60 -3.59 7.31
N SER A 34 3.38 -4.40 6.28
CA SER A 34 2.43 -4.06 5.22
C SER A 34 1.09 -3.65 5.82
N VAL A 35 0.69 -4.33 6.90
CA VAL A 35 -0.57 -4.03 7.56
C VAL A 35 -0.51 -2.68 8.27
N LEU A 36 -1.16 -1.68 7.68
CA LEU A 36 -1.19 -0.34 8.26
C LEU A 36 -2.03 -0.31 9.52
N THR A 37 -1.52 0.34 10.56
CA THR A 37 -2.24 0.44 11.83
C THR A 37 -2.60 1.89 12.14
N ASP A 38 -3.79 2.08 12.71
CA ASP A 38 -4.25 3.42 13.05
C ASP A 38 -3.09 4.32 13.48
N GLU A 39 -2.26 3.81 14.38
CA GLU A 39 -1.11 4.56 14.87
C GLU A 39 -0.20 4.98 13.72
N GLU A 40 0.30 3.98 13.00
CA GLU A 40 1.19 4.24 11.87
C GLU A 40 0.55 5.22 10.89
N LEU A 41 -0.68 4.94 10.50
CA LEU A 41 -1.42 5.80 9.57
C LEU A 41 -1.32 7.26 10.00
N ASN A 42 -1.57 7.52 11.29
CA ASN A 42 -1.52 8.86 11.83
C ASN A 42 -0.14 9.49 11.59
N ARG A 43 0.89 8.84 12.10
CA ARG A 43 2.25 9.34 11.95
C ARG A 43 2.52 9.77 10.51
N LEU A 44 2.14 8.92 9.57
CA LEU A 44 2.35 9.22 8.15
C LEU A 44 1.46 10.39 7.71
N ARG A 45 0.19 10.33 8.08
CA ARG A 45 -0.75 11.38 7.72
C ARG A 45 -0.13 12.76 7.92
N ALA A 46 0.85 12.84 8.81
CA ALA A 46 1.53 14.09 9.10
C ALA A 46 2.84 14.20 8.32
N GLN A 47 3.57 13.09 8.24
CA GLN A 47 4.84 13.06 7.53
C GLN A 47 4.63 13.24 6.03
N THR A 48 3.82 12.37 5.44
CA THR A 48 3.53 12.43 4.01
C THR A 48 2.48 13.48 3.71
N LYS A 49 1.93 14.08 4.76
CA LYS A 49 0.91 15.12 4.61
C LYS A 49 -0.21 14.63 3.69
N LEU A 50 -0.50 13.34 3.74
CA LEU A 50 -1.55 12.76 2.92
C LEU A 50 -2.78 12.41 3.75
N THR A 51 -3.84 11.98 3.08
CA THR A 51 -5.07 11.61 3.77
C THR A 51 -5.13 10.11 4.04
N ARG A 52 -6.12 9.68 4.81
CA ARG A 52 -6.28 8.28 5.14
C ARG A 52 -6.39 7.43 3.87
N ARG A 53 -7.32 7.80 2.99
CA ARG A 53 -7.52 7.08 1.75
C ARG A 53 -6.20 6.93 0.98
N GLU A 54 -5.54 8.06 0.74
CA GLU A 54 -4.26 8.05 0.03
C GLU A 54 -3.32 6.99 0.59
N ILE A 55 -2.98 7.14 1.87
CA ILE A 55 -2.08 6.20 2.53
C ILE A 55 -2.67 4.79 2.54
N ASP A 56 -3.71 4.60 3.35
CA ASP A 56 -4.37 3.30 3.44
C ASP A 56 -4.41 2.60 2.08
N ALA A 57 -4.77 3.37 1.06
CA ALA A 57 -4.85 2.82 -0.30
C ALA A 57 -3.47 2.40 -0.80
N TRP A 58 -2.49 3.27 -0.62
CA TRP A 58 -1.12 2.98 -1.05
C TRP A 58 -0.64 1.65 -0.49
N PHE A 59 -0.61 1.55 0.83
CA PHE A 59 -0.16 0.33 1.49
C PHE A 59 -0.85 -0.89 0.90
N THR A 60 -2.18 -0.88 0.89
CA THR A 60 -2.96 -1.99 0.35
C THR A 60 -2.39 -2.44 -1.00
N GLU A 61 -1.99 -1.48 -1.82
CA GLU A 61 -1.44 -1.78 -3.14
C GLU A 61 -0.05 -2.41 -3.01
N LYS A 62 0.82 -1.79 -2.22
CA LYS A 62 2.16 -2.30 -2.02
C LYS A 62 2.14 -3.78 -1.68
N LYS A 63 1.12 -4.20 -0.96
CA LYS A 63 0.97 -5.60 -0.57
C LYS A 63 1.08 -6.52 -1.79
N LYS A 64 0.29 -6.23 -2.80
CA LYS A 64 0.28 -7.03 -4.02
C LYS A 64 1.68 -7.06 -4.65
N SER A 65 2.34 -5.90 -4.67
CA SER A 65 3.67 -5.80 -5.25
C SER A 65 4.61 -6.85 -4.64
N LYS A 66 4.31 -7.26 -3.41
CA LYS A 66 5.12 -8.26 -2.73
C LYS A 66 5.12 -9.58 -3.50
N ALA A 67 4.02 -9.87 -4.17
CA ALA A 67 3.89 -11.10 -4.95
C ALA A 67 4.99 -11.18 -6.01
N LEU A 68 5.02 -10.20 -6.90
CA LEU A 68 6.00 -10.16 -7.98
C LEU A 68 7.34 -10.72 -7.50
N LYS A 69 8.07 -11.35 -8.41
CA LYS A 69 9.37 -11.93 -8.09
C LYS A 69 9.38 -12.48 -6.66
N GLU A 70 8.35 -13.25 -6.32
CA GLU A 70 8.24 -13.84 -4.99
C GLU A 70 9.51 -14.60 -4.63
N GLU A 71 9.64 -14.94 -3.35
CA GLU A 71 10.81 -15.66 -2.87
C GLU A 71 10.51 -17.15 -2.70
N LYS A 72 9.34 -17.44 -2.13
CA LYS A 72 8.92 -18.82 -1.91
C LYS A 72 7.51 -19.06 -2.42
N MET A 73 7.34 -20.11 -3.21
CA MET A 73 6.03 -20.44 -3.77
C MET A 73 5.67 -21.89 -3.46
N GLU A 74 4.40 -22.23 -3.70
CA GLU A 74 3.92 -23.59 -3.45
C GLU A 74 2.61 -23.85 -4.19
N ILE A 75 2.69 -24.65 -5.25
CA ILE A 75 1.52 -24.97 -6.05
C ILE A 75 0.41 -25.56 -5.18
N ASP A 76 -0.69 -24.83 -5.06
CA ASP A 76 -1.82 -25.28 -4.26
C ASP A 76 -2.94 -25.82 -5.16
N GLU A 77 -3.43 -27.01 -4.83
CA GLU A 77 -4.50 -27.63 -5.60
C GLU A 77 -5.80 -27.70 -4.79
N SER A 78 -6.89 -28.06 -5.46
CA SER A 78 -8.19 -28.17 -4.80
C SER A 78 -8.89 -29.46 -5.18
N ASN A 79 -9.99 -29.76 -4.51
CA ASN A 79 -10.75 -30.96 -4.77
C ASN A 79 -10.89 -31.20 -6.28
N ALA A 80 -11.21 -32.43 -6.65
CA ALA A 80 -11.38 -32.79 -8.05
C ALA A 80 -12.85 -32.88 -8.43
N GLY A 81 -13.14 -32.84 -9.73
CA GLY A 81 -14.50 -32.93 -10.20
C GLY A 81 -14.64 -33.72 -11.48
N SER A 82 -15.43 -34.79 -11.43
CA SER A 82 -15.63 -35.63 -12.61
C SER A 82 -17.09 -36.05 -12.73
N SER A 83 -17.43 -36.68 -13.85
CA SER A 83 -18.80 -37.12 -14.09
C SER A 83 -19.03 -38.51 -13.52
N SER A 84 -20.29 -38.96 -13.54
CA SER A 84 -20.64 -40.27 -13.01
C SER A 84 -22.06 -40.65 -13.43
N GLY A 85 -22.22 -41.89 -13.89
CA GLY A 85 -23.52 -42.36 -14.32
C GLY A 85 -24.50 -42.52 -13.16
N PRO A 86 -25.77 -42.19 -13.41
CA PRO A 86 -26.82 -42.29 -12.39
C PRO A 86 -27.15 -43.74 -12.02
N SER A 87 -28.18 -43.92 -11.21
CA SER A 87 -28.59 -45.25 -10.78
C SER A 87 -30.02 -45.55 -11.26
N SER A 88 -30.13 -46.42 -12.25
CA SER A 88 -31.43 -46.79 -12.80
C SER A 88 -32.38 -47.19 -11.70
N GLY A 89 -31.93 -48.11 -10.83
CA GLY A 89 -32.75 -48.57 -9.73
C GLY A 89 -32.11 -49.69 -8.94
N GLY A 1 -30.82 -4.59 13.24
CA GLY A 1 -29.83 -5.08 12.31
C GLY A 1 -28.69 -4.12 12.11
N SER A 2 -27.76 -4.47 11.22
CA SER A 2 -26.61 -3.62 10.94
C SER A 2 -26.01 -3.94 9.57
N SER A 3 -26.04 -2.97 8.67
CA SER A 3 -25.50 -3.15 7.34
C SER A 3 -24.00 -2.89 7.31
N GLY A 4 -23.34 -3.38 6.26
CA GLY A 4 -21.90 -3.20 6.14
C GLY A 4 -21.47 -2.96 4.70
N SER A 5 -20.47 -2.11 4.52
CA SER A 5 -19.97 -1.79 3.19
C SER A 5 -18.61 -1.11 3.27
N SER A 6 -17.91 -1.05 2.13
CA SER A 6 -16.60 -0.43 2.08
C SER A 6 -16.14 -0.25 0.63
N GLY A 7 -15.34 0.78 0.39
CA GLY A 7 -14.84 1.04 -0.95
C GLY A 7 -15.93 0.95 -1.99
N PRO A 8 -16.73 2.03 -2.12
CA PRO A 8 -17.83 2.08 -3.09
C PRO A 8 -17.33 2.16 -4.53
N ASP A 9 -16.41 3.08 -4.79
CA ASP A 9 -15.84 3.24 -6.12
C ASP A 9 -14.58 4.10 -6.07
N PHE A 10 -13.45 3.48 -6.39
CA PHE A 10 -12.16 4.17 -6.39
C PHE A 10 -12.24 5.45 -7.23
N THR A 11 -11.41 6.42 -6.87
CA THR A 11 -11.37 7.69 -7.59
C THR A 11 -11.23 7.47 -9.09
N PRO A 12 -11.89 8.33 -9.88
CA PRO A 12 -11.84 8.25 -11.35
C PRO A 12 -10.48 8.63 -11.90
N GLN A 13 -9.89 9.68 -11.35
CA GLN A 13 -8.58 10.15 -11.80
C GLN A 13 -7.46 9.31 -11.18
N LYS A 14 -6.26 9.42 -11.75
CA LYS A 14 -5.11 8.67 -11.25
C LYS A 14 -4.54 9.32 -10.00
N PHE A 15 -3.96 8.50 -9.13
CA PHE A 15 -3.37 9.00 -7.89
C PHE A 15 -2.00 8.37 -7.66
N LYS A 16 -1.10 8.53 -8.63
CA LYS A 16 0.25 7.98 -8.53
C LYS A 16 1.29 9.07 -8.74
N GLU A 17 0.85 10.33 -8.69
CA GLU A 17 1.75 11.46 -8.88
C GLU A 17 2.40 11.87 -7.56
N LYS A 18 2.78 10.88 -6.76
CA LYS A 18 3.41 11.13 -5.47
C LYS A 18 4.82 11.66 -5.65
N THR A 19 5.40 12.17 -4.57
CA THR A 19 6.75 12.72 -4.61
C THR A 19 7.72 11.84 -3.83
N ALA A 20 9.00 11.90 -4.20
CA ALA A 20 10.03 11.12 -3.54
C ALA A 20 9.84 11.13 -2.02
N GLU A 21 9.99 12.30 -1.41
CA GLU A 21 9.84 12.44 0.03
C GLU A 21 8.67 11.60 0.53
N GLN A 22 7.50 11.79 -0.07
CA GLN A 22 6.31 11.05 0.32
C GLN A 22 6.58 9.55 0.34
N LEU A 23 7.07 9.04 -0.79
CA LEU A 23 7.37 7.61 -0.91
C LEU A 23 8.37 7.18 0.15
N ARG A 24 9.55 7.81 0.13
CA ARG A 24 10.61 7.50 1.09
C ARG A 24 10.01 7.12 2.44
N VAL A 25 9.09 7.94 2.94
CA VAL A 25 8.45 7.68 4.22
C VAL A 25 7.57 6.45 4.16
N LEU A 26 6.53 6.50 3.31
CA LEU A 26 5.61 5.37 3.17
C LEU A 26 6.37 4.06 3.02
N GLN A 27 7.22 3.98 2.01
CA GLN A 27 8.00 2.78 1.76
C GLN A 27 8.71 2.33 3.03
N ALA A 28 9.29 3.29 3.75
CA ALA A 28 10.00 2.98 4.99
C ALA A 28 9.06 2.39 6.03
N SER A 29 7.81 2.86 6.02
CA SER A 29 6.82 2.38 6.98
C SER A 29 6.25 1.04 6.54
N PHE A 30 5.56 1.04 5.41
CA PHE A 30 4.96 -0.18 4.87
C PHE A 30 5.91 -1.36 5.02
N LEU A 31 7.13 -1.20 4.54
CA LEU A 31 8.13 -2.25 4.62
C LEU A 31 8.11 -2.93 5.98
N ASN A 32 8.33 -2.14 7.02
CA ASN A 32 8.33 -2.67 8.39
C ASN A 32 7.08 -3.50 8.65
N SER A 33 5.92 -2.89 8.46
CA SER A 33 4.65 -3.57 8.67
C SER A 33 3.72 -3.39 7.48
N SER A 34 3.39 -4.50 6.82
CA SER A 34 2.52 -4.46 5.66
C SER A 34 1.13 -3.96 6.04
N VAL A 35 0.67 -4.34 7.22
CA VAL A 35 -0.63 -3.92 7.70
C VAL A 35 -0.56 -2.58 8.43
N LEU A 36 -1.19 -1.56 7.87
CA LEU A 36 -1.20 -0.23 8.48
C LEU A 36 -2.13 -0.19 9.68
N THR A 37 -1.70 0.51 10.73
CA THR A 37 -2.50 0.64 11.94
C THR A 37 -2.91 2.09 12.18
N ASP A 38 -3.99 2.28 12.93
CA ASP A 38 -4.48 3.61 13.23
C ASP A 38 -3.34 4.53 13.66
N GLU A 39 -2.43 3.99 14.46
CA GLU A 39 -1.30 4.76 14.96
C GLU A 39 -0.37 5.16 13.80
N GLU A 40 0.28 4.16 13.20
CA GLU A 40 1.19 4.41 12.09
C GLU A 40 0.55 5.34 11.05
N LEU A 41 -0.66 4.99 10.63
CA LEU A 41 -1.37 5.79 9.64
C LEU A 41 -1.26 7.28 9.96
N ASN A 42 -1.53 7.63 11.21
CA ASN A 42 -1.46 9.02 11.64
C ASN A 42 -0.09 9.62 11.32
N ARG A 43 0.94 9.15 12.01
CA ARG A 43 2.29 9.64 11.80
C ARG A 43 2.54 9.93 10.31
N LEU A 44 2.13 9.00 9.46
CA LEU A 44 2.29 9.15 8.03
C LEU A 44 1.44 10.30 7.48
N ARG A 45 0.19 10.36 7.95
CA ARG A 45 -0.73 11.40 7.51
C ARG A 45 -0.10 12.78 7.66
N ALA A 46 0.87 12.89 8.56
CA ALA A 46 1.55 14.15 8.80
C ALA A 46 2.88 14.20 8.04
N GLN A 47 3.53 13.06 7.92
CA GLN A 47 4.80 12.98 7.21
C GLN A 47 4.62 13.19 5.72
N THR A 48 3.78 12.37 5.11
CA THR A 48 3.51 12.47 3.67
C THR A 48 2.55 13.61 3.38
N LYS A 49 1.96 14.18 4.41
CA LYS A 49 1.02 15.29 4.26
C LYS A 49 -0.16 14.88 3.39
N LEU A 50 -0.48 13.60 3.40
CA LEU A 50 -1.60 13.09 2.61
C LEU A 50 -2.75 12.64 3.51
N THR A 51 -3.88 12.33 2.89
CA THR A 51 -5.05 11.88 3.64
C THR A 51 -4.95 10.40 3.99
N ARG A 52 -5.69 10.00 5.02
CA ARG A 52 -5.69 8.60 5.46
C ARG A 52 -6.14 7.68 4.33
N ARG A 53 -7.01 8.18 3.47
CA ARG A 53 -7.52 7.40 2.35
C ARG A 53 -6.40 7.04 1.39
N GLU A 54 -5.57 8.04 1.05
CA GLU A 54 -4.46 7.83 0.14
C GLU A 54 -3.48 6.80 0.68
N ILE A 55 -2.88 7.12 1.82
CA ILE A 55 -1.92 6.22 2.46
C ILE A 55 -2.48 4.80 2.56
N ASP A 56 -3.52 4.65 3.38
CA ASP A 56 -4.14 3.35 3.57
C ASP A 56 -4.16 2.55 2.27
N ALA A 57 -4.70 3.16 1.21
CA ALA A 57 -4.77 2.51 -0.09
C ALA A 57 -3.39 2.11 -0.58
N TRP A 58 -2.45 3.05 -0.54
CA TRP A 58 -1.09 2.81 -0.98
C TRP A 58 -0.55 1.51 -0.38
N PHE A 59 -0.46 1.47 0.95
CA PHE A 59 0.05 0.29 1.65
C PHE A 59 -0.56 -0.98 1.06
N THR A 60 -1.87 -0.96 0.84
CA THR A 60 -2.57 -2.11 0.28
C THR A 60 -1.97 -2.53 -1.06
N GLU A 61 -2.19 -1.72 -2.08
CA GLU A 61 -1.67 -2.01 -3.41
C GLU A 61 -0.25 -2.56 -3.33
N LYS A 62 0.60 -1.88 -2.57
CA LYS A 62 1.99 -2.30 -2.41
C LYS A 62 2.07 -3.81 -2.20
N LYS A 63 1.21 -4.33 -1.33
CA LYS A 63 1.19 -5.76 -1.05
C LYS A 63 1.22 -6.58 -2.34
N LYS A 64 0.54 -6.09 -3.36
CA LYS A 64 0.49 -6.76 -4.65
C LYS A 64 1.83 -6.66 -5.37
N SER A 65 2.51 -5.52 -5.21
CA SER A 65 3.79 -5.30 -5.84
C SER A 65 4.82 -6.35 -5.39
N LYS A 66 4.73 -6.76 -4.13
CA LYS A 66 5.62 -7.76 -3.59
C LYS A 66 5.27 -9.15 -4.10
N ALA A 67 4.21 -9.23 -4.89
CA ALA A 67 3.76 -10.50 -5.45
C ALA A 67 4.05 -10.57 -6.94
N LEU A 68 5.04 -9.82 -7.39
CA LEU A 68 5.41 -9.79 -8.80
C LEU A 68 6.63 -10.68 -9.06
N LYS A 69 7.11 -10.66 -10.30
CA LYS A 69 8.26 -11.46 -10.68
C LYS A 69 9.27 -11.54 -9.54
N GLU A 70 9.62 -12.75 -9.15
CA GLU A 70 10.58 -12.96 -8.07
C GLU A 70 10.03 -12.44 -6.74
N GLU A 71 8.79 -12.82 -6.44
CA GLU A 71 8.14 -12.38 -5.20
C GLU A 71 8.86 -12.95 -3.99
N LYS A 72 8.56 -12.40 -2.82
CA LYS A 72 9.18 -12.84 -1.58
C LYS A 72 9.34 -14.36 -1.57
N MET A 73 10.59 -14.81 -1.49
CA MET A 73 10.87 -16.24 -1.47
C MET A 73 10.97 -16.75 -0.03
N GLU A 74 9.89 -17.36 0.44
CA GLU A 74 9.85 -17.90 1.80
C GLU A 74 10.20 -19.39 1.81
N ILE A 75 11.39 -19.71 2.31
CA ILE A 75 11.83 -21.10 2.37
C ILE A 75 10.67 -22.04 2.64
N ASP A 76 10.30 -22.82 1.63
CA ASP A 76 9.20 -23.77 1.75
C ASP A 76 9.20 -24.76 0.59
N GLU A 77 9.01 -26.03 0.91
CA GLU A 77 9.00 -27.08 -0.11
C GLU A 77 8.01 -26.73 -1.23
N SER A 78 8.54 -26.49 -2.42
CA SER A 78 7.72 -26.14 -3.57
C SER A 78 8.43 -26.47 -4.88
N ASN A 79 7.67 -26.48 -5.97
CA ASN A 79 8.23 -26.78 -7.28
C ASN A 79 7.31 -26.28 -8.40
N ALA A 80 7.77 -25.27 -9.12
CA ALA A 80 6.98 -24.70 -10.21
C ALA A 80 7.86 -24.44 -11.43
N GLY A 81 7.22 -24.21 -12.58
CA GLY A 81 7.96 -23.95 -13.80
C GLY A 81 7.08 -24.00 -15.03
N SER A 82 7.35 -23.12 -15.99
CA SER A 82 6.56 -23.07 -17.22
C SER A 82 7.33 -22.32 -18.31
N SER A 83 6.89 -22.50 -19.56
CA SER A 83 7.53 -21.84 -20.69
C SER A 83 6.65 -21.92 -21.93
N SER A 84 6.87 -21.01 -22.87
CA SER A 84 6.10 -20.97 -24.10
C SER A 84 6.64 -19.91 -25.06
N GLY A 85 6.63 -20.23 -26.35
CA GLY A 85 7.12 -19.29 -27.34
C GLY A 85 6.33 -19.35 -28.63
N PRO A 86 6.18 -18.19 -29.29
CA PRO A 86 5.43 -18.08 -30.54
C PRO A 86 6.16 -18.75 -31.71
N SER A 87 5.57 -18.67 -32.89
CA SER A 87 6.16 -19.27 -34.08
C SER A 87 5.40 -18.86 -35.34
N SER A 88 6.05 -18.96 -36.49
CA SER A 88 5.44 -18.59 -37.76
C SER A 88 5.58 -19.73 -38.77
N GLY A 89 4.98 -19.54 -39.94
CA GLY A 89 5.05 -20.55 -40.98
C GLY A 89 4.47 -20.06 -42.30
N GLY A 1 -39.29 5.37 3.15
CA GLY A 1 -37.96 5.92 3.18
C GLY A 1 -37.62 6.67 1.90
N SER A 2 -36.32 6.75 1.60
CA SER A 2 -35.86 7.44 0.40
C SER A 2 -34.57 6.84 -0.12
N SER A 3 -34.44 6.76 -1.44
CA SER A 3 -33.25 6.20 -2.06
C SER A 3 -32.08 7.19 -2.00
N GLY A 4 -30.86 6.66 -2.02
CA GLY A 4 -29.68 7.50 -1.96
C GLY A 4 -29.50 8.34 -3.21
N SER A 5 -29.61 9.65 -3.07
CA SER A 5 -29.46 10.56 -4.20
C SER A 5 -28.00 10.66 -4.63
N SER A 6 -27.14 11.01 -3.68
CA SER A 6 -25.70 11.14 -3.96
C SER A 6 -24.93 9.96 -3.38
N GLY A 7 -24.58 9.01 -4.23
CA GLY A 7 -23.84 7.85 -3.78
C GLY A 7 -22.85 7.36 -4.82
N PRO A 8 -23.36 6.71 -5.88
CA PRO A 8 -22.53 6.18 -6.96
C PRO A 8 -21.91 7.28 -7.81
N ASP A 9 -22.31 8.52 -7.54
CA ASP A 9 -21.79 9.67 -8.28
C ASP A 9 -20.28 9.55 -8.47
N PHE A 10 -19.86 9.41 -9.73
CA PHE A 10 -18.44 9.28 -10.06
C PHE A 10 -17.80 10.65 -10.22
N THR A 11 -16.47 10.69 -10.18
CA THR A 11 -15.73 11.94 -10.32
C THR A 11 -14.41 11.72 -11.06
N PRO A 12 -14.03 12.70 -11.89
CA PRO A 12 -12.79 12.63 -12.67
C PRO A 12 -11.55 12.76 -11.80
N GLN A 13 -11.74 13.30 -10.60
CA GLN A 13 -10.62 13.48 -9.66
C GLN A 13 -9.70 12.27 -9.68
N LYS A 14 -8.42 12.51 -9.91
CA LYS A 14 -7.43 11.44 -9.95
C LYS A 14 -6.47 11.53 -8.77
N PHE A 15 -6.57 10.58 -7.86
CA PHE A 15 -5.70 10.56 -6.68
C PHE A 15 -4.53 9.60 -6.88
N LYS A 16 -3.86 9.74 -8.01
CA LYS A 16 -2.71 8.89 -8.33
C LYS A 16 -1.48 9.74 -8.64
N GLU A 17 -0.90 10.34 -7.60
CA GLU A 17 0.28 11.18 -7.76
C GLU A 17 1.00 11.36 -6.44
N LYS A 18 2.17 10.74 -6.31
CA LYS A 18 2.97 10.82 -5.10
C LYS A 18 4.29 11.54 -5.37
N THR A 19 4.98 11.91 -4.29
CA THR A 19 6.26 12.60 -4.40
C THR A 19 7.37 11.84 -3.67
N ALA A 20 8.58 11.90 -4.22
CA ALA A 20 9.72 11.23 -3.62
C ALA A 20 9.62 11.23 -2.10
N GLU A 21 9.69 12.41 -1.50
CA GLU A 21 9.61 12.54 -0.05
C GLU A 21 8.54 11.62 0.52
N GLN A 22 7.32 11.73 0.00
CA GLN A 22 6.22 10.90 0.46
C GLN A 22 6.56 9.42 0.36
N LEU A 23 7.00 9.00 -0.83
CA LEU A 23 7.37 7.61 -1.05
C LEU A 23 8.39 7.13 -0.02
N ARG A 24 9.55 7.77 -0.01
CA ARG A 24 10.61 7.42 0.93
C ARG A 24 10.03 7.05 2.30
N VAL A 25 9.16 7.91 2.80
CA VAL A 25 8.52 7.68 4.10
C VAL A 25 7.67 6.42 4.08
N LEU A 26 6.57 6.47 3.32
CA LEU A 26 5.67 5.33 3.21
C LEU A 26 6.44 4.03 3.03
N GLN A 27 7.24 3.97 1.97
CA GLN A 27 8.04 2.78 1.69
C GLN A 27 8.79 2.32 2.93
N ALA A 28 9.22 3.28 3.75
CA ALA A 28 9.94 2.97 4.97
C ALA A 28 9.03 2.35 6.02
N SER A 29 7.77 2.80 6.04
CA SER A 29 6.80 2.29 6.99
C SER A 29 6.22 0.97 6.52
N PHE A 30 5.60 0.98 5.34
CA PHE A 30 5.01 -0.23 4.78
C PHE A 30 5.96 -1.41 4.88
N LEU A 31 7.22 -1.18 4.51
CA LEU A 31 8.23 -2.22 4.55
C LEU A 31 8.29 -2.87 5.93
N ASN A 32 8.53 -2.05 6.95
CA ASN A 32 8.61 -2.53 8.32
C ASN A 32 7.42 -3.42 8.66
N SER A 33 6.23 -3.00 8.22
CA SER A 33 5.01 -3.76 8.47
C SER A 33 4.01 -3.58 7.33
N SER A 34 3.81 -4.65 6.55
CA SER A 34 2.90 -4.61 5.42
C SER A 34 1.56 -4.00 5.83
N VAL A 35 1.07 -4.39 7.00
CA VAL A 35 -0.20 -3.88 7.51
C VAL A 35 -0.02 -2.51 8.15
N LEU A 36 -0.99 -1.63 7.93
CA LEU A 36 -0.95 -0.28 8.49
C LEU A 36 -1.78 -0.20 9.76
N THR A 37 -1.14 0.16 10.87
CA THR A 37 -1.82 0.28 12.15
C THR A 37 -2.43 1.66 12.31
N ASP A 38 -3.70 1.70 12.71
CA ASP A 38 -4.41 2.96 12.91
C ASP A 38 -3.46 4.04 13.43
N GLU A 39 -2.68 3.69 14.45
CA GLU A 39 -1.74 4.62 15.04
C GLU A 39 -0.72 5.11 14.00
N GLU A 40 -0.05 4.17 13.35
CA GLU A 40 0.94 4.51 12.34
C GLU A 40 0.34 5.40 11.26
N LEU A 41 -0.79 4.98 10.71
CA LEU A 41 -1.47 5.74 9.67
C LEU A 41 -1.34 7.25 9.93
N ASN A 42 -1.68 7.66 11.14
CA ASN A 42 -1.59 9.07 11.52
C ASN A 42 -0.18 9.60 11.30
N ARG A 43 0.80 8.91 11.86
CA ARG A 43 2.20 9.32 11.73
C ARG A 43 2.52 9.70 10.29
N LEU A 44 2.10 8.85 9.35
CA LEU A 44 2.35 9.09 7.93
C LEU A 44 1.49 10.24 7.43
N ARG A 45 0.26 10.32 7.91
CA ARG A 45 -0.67 11.37 7.50
C ARG A 45 -0.04 12.75 7.67
N ALA A 46 0.95 12.83 8.55
CA ALA A 46 1.65 14.09 8.81
C ALA A 46 2.94 14.17 8.01
N GLN A 47 3.69 13.07 7.99
CA GLN A 47 4.95 13.02 7.26
C GLN A 47 4.72 13.14 5.76
N THR A 48 3.92 12.24 5.21
CA THR A 48 3.62 12.25 3.78
C THR A 48 2.54 13.29 3.45
N LYS A 49 2.05 13.96 4.49
CA LYS A 49 1.02 14.98 4.30
C LYS A 49 -0.10 14.48 3.40
N LEU A 50 -0.33 13.16 3.43
CA LEU A 50 -1.37 12.55 2.61
C LEU A 50 -2.60 12.20 3.45
N THR A 51 -3.74 12.08 2.80
CA THR A 51 -4.98 11.74 3.49
C THR A 51 -5.05 10.25 3.80
N ARG A 52 -5.56 9.92 4.98
CA ARG A 52 -5.69 8.52 5.40
C ARG A 52 -6.10 7.65 4.23
N ARG A 53 -6.82 8.24 3.27
CA ARG A 53 -7.28 7.50 2.10
C ARG A 53 -6.11 7.15 1.18
N GLU A 54 -5.30 8.15 0.86
CA GLU A 54 -4.14 7.95 -0.01
C GLU A 54 -3.16 6.95 0.60
N ILE A 55 -2.70 7.25 1.81
CA ILE A 55 -1.76 6.37 2.51
C ILE A 55 -2.32 4.96 2.62
N ASP A 56 -3.39 4.81 3.39
CA ASP A 56 -4.03 3.52 3.59
C ASP A 56 -4.17 2.78 2.26
N ALA A 57 -4.63 3.49 1.24
CA ALA A 57 -4.81 2.90 -0.09
C ALA A 57 -3.47 2.47 -0.68
N TRP A 58 -2.43 3.23 -0.39
CA TRP A 58 -1.09 2.92 -0.89
C TRP A 58 -0.58 1.61 -0.31
N PHE A 59 -0.45 1.56 1.01
CA PHE A 59 0.04 0.36 1.68
C PHE A 59 -0.62 -0.89 1.11
N THR A 60 -1.93 -0.82 0.90
CA THR A 60 -2.67 -1.95 0.35
C THR A 60 -2.07 -2.42 -0.97
N GLU A 61 -2.20 -1.59 -1.99
CA GLU A 61 -1.66 -1.92 -3.31
C GLU A 61 -0.26 -2.50 -3.20
N LYS A 62 0.61 -1.80 -2.48
CA LYS A 62 1.98 -2.25 -2.30
C LYS A 62 2.04 -3.75 -2.04
N LYS A 63 1.24 -4.21 -1.08
CA LYS A 63 1.19 -5.63 -0.74
C LYS A 63 1.21 -6.50 -2.00
N LYS A 64 0.45 -6.09 -3.01
CA LYS A 64 0.39 -6.82 -4.26
C LYS A 64 1.78 -7.24 -4.72
N SER A 65 2.74 -6.33 -4.57
CA SER A 65 4.11 -6.61 -4.97
C SER A 65 4.65 -7.86 -4.27
N LYS A 66 4.35 -7.98 -2.98
CA LYS A 66 4.79 -9.13 -2.20
C LYS A 66 4.28 -10.43 -2.80
N ALA A 67 3.27 -10.32 -3.66
CA ALA A 67 2.69 -11.49 -4.30
C ALA A 67 3.27 -11.69 -5.70
N LEU A 68 4.55 -11.38 -5.86
CA LEU A 68 5.22 -11.52 -7.14
C LEU A 68 6.10 -12.76 -7.16
N LYS A 69 6.77 -13.00 -8.28
CA LYS A 69 7.65 -14.15 -8.42
C LYS A 69 9.05 -13.72 -8.87
N GLU A 70 10.03 -14.59 -8.62
CA GLU A 70 11.41 -14.30 -9.00
C GLU A 70 11.63 -14.53 -10.48
N GLU A 71 12.53 -13.75 -11.07
CA GLU A 71 12.83 -13.89 -12.49
C GLU A 71 13.29 -15.31 -12.83
N LYS A 72 14.25 -15.81 -12.07
CA LYS A 72 14.77 -17.15 -12.29
C LYS A 72 13.89 -18.19 -11.58
N MET A 73 12.89 -18.70 -12.30
CA MET A 73 11.99 -19.70 -11.74
C MET A 73 11.39 -20.55 -12.86
N GLU A 74 10.47 -21.44 -12.48
CA GLU A 74 9.82 -22.32 -13.44
C GLU A 74 8.50 -21.72 -13.92
N ILE A 75 8.46 -21.39 -15.21
CA ILE A 75 7.26 -20.81 -15.80
C ILE A 75 6.56 -21.80 -16.72
N ASP A 76 5.23 -21.77 -16.71
CA ASP A 76 4.44 -22.66 -17.55
C ASP A 76 3.07 -22.07 -17.84
N GLU A 77 2.86 -21.71 -19.11
CA GLU A 77 1.58 -21.13 -19.53
C GLU A 77 1.18 -21.63 -20.91
N SER A 78 0.01 -21.20 -21.36
CA SER A 78 -0.50 -21.62 -22.67
C SER A 78 -0.48 -20.45 -23.66
N ASN A 79 -0.76 -20.74 -24.91
CA ASN A 79 -0.78 -19.73 -25.96
C ASN A 79 -2.13 -19.71 -26.68
N ALA A 80 -2.65 -18.52 -26.91
CA ALA A 80 -3.92 -18.36 -27.61
C ALA A 80 -4.14 -16.92 -28.04
N GLY A 81 -5.22 -16.69 -28.79
CA GLY A 81 -5.52 -15.35 -29.26
C GLY A 81 -6.61 -15.33 -30.32
N SER A 82 -7.40 -14.28 -30.33
CA SER A 82 -8.49 -14.15 -31.30
C SER A 82 -8.78 -12.68 -31.60
N SER A 83 -9.61 -12.45 -32.61
CA SER A 83 -9.97 -11.09 -33.01
C SER A 83 -11.30 -11.08 -33.76
N SER A 84 -11.82 -9.88 -34.00
CA SER A 84 -13.08 -9.73 -34.72
C SER A 84 -13.13 -8.40 -35.46
N GLY A 85 -13.93 -8.35 -36.53
CA GLY A 85 -14.05 -7.13 -37.30
C GLY A 85 -14.99 -6.12 -36.66
N PRO A 86 -15.10 -4.94 -37.29
CA PRO A 86 -15.96 -3.86 -36.78
C PRO A 86 -17.44 -4.19 -36.92
N SER A 87 -18.13 -4.27 -35.78
CA SER A 87 -19.55 -4.59 -35.78
C SER A 87 -20.34 -3.52 -36.52
N SER A 88 -19.75 -2.34 -36.66
CA SER A 88 -20.41 -1.23 -37.34
C SER A 88 -19.97 -1.16 -38.81
N GLY A 89 -20.79 -0.53 -39.64
CA GLY A 89 -20.47 -0.41 -41.04
C GLY A 89 -20.12 -1.73 -41.68
N GLY A 1 -11.08 19.89 7.19
CA GLY A 1 -11.82 19.32 8.29
C GLY A 1 -11.64 17.82 8.41
N SER A 2 -11.31 17.36 9.61
CA SER A 2 -11.10 15.94 9.85
C SER A 2 -12.41 15.24 10.13
N SER A 3 -12.38 13.91 10.17
CA SER A 3 -13.57 13.12 10.43
C SER A 3 -13.22 11.64 10.55
N GLY A 4 -14.20 10.83 10.97
CA GLY A 4 -13.98 9.40 11.12
C GLY A 4 -14.97 8.58 10.33
N SER A 5 -14.53 8.08 9.18
CA SER A 5 -15.39 7.27 8.32
C SER A 5 -14.56 6.46 7.33
N SER A 6 -15.22 5.57 6.61
CA SER A 6 -14.55 4.72 5.63
C SER A 6 -15.55 4.06 4.70
N GLY A 7 -15.22 4.00 3.41
CA GLY A 7 -16.10 3.39 2.44
C GLY A 7 -15.37 2.97 1.19
N PRO A 8 -16.13 2.51 0.17
CA PRO A 8 -15.57 2.05 -1.10
C PRO A 8 -15.00 3.21 -1.92
N ASP A 9 -14.18 2.88 -2.91
CA ASP A 9 -13.57 3.88 -3.76
C ASP A 9 -13.85 3.58 -5.24
N PHE A 10 -13.50 2.37 -5.67
CA PHE A 10 -13.71 1.96 -7.06
C PHE A 10 -13.36 3.10 -8.02
N THR A 11 -12.32 3.86 -7.68
CA THR A 11 -11.90 4.98 -8.51
C THR A 11 -10.83 4.54 -9.51
N PRO A 12 -10.89 5.10 -10.73
CA PRO A 12 -9.92 4.79 -11.78
C PRO A 12 -8.54 5.34 -11.49
N GLN A 13 -7.64 5.22 -12.46
CA GLN A 13 -6.26 5.70 -12.31
C GLN A 13 -6.25 7.17 -11.89
N LYS A 14 -6.08 7.40 -10.60
CA LYS A 14 -6.04 8.76 -10.06
C LYS A 14 -5.22 8.81 -8.77
N PHE A 15 -5.09 10.01 -8.21
CA PHE A 15 -4.32 10.20 -6.98
C PHE A 15 -3.10 9.28 -6.95
N LYS A 16 -2.33 9.30 -8.03
CA LYS A 16 -1.13 8.48 -8.12
C LYS A 16 0.11 9.34 -8.37
N GLU A 17 -0.01 10.63 -8.07
CA GLU A 17 1.09 11.57 -8.26
C GLU A 17 1.68 11.98 -6.91
N LYS A 18 2.60 11.17 -6.39
CA LYS A 18 3.24 11.45 -5.12
C LYS A 18 4.68 11.92 -5.32
N THR A 19 5.24 12.56 -4.30
CA THR A 19 6.60 13.06 -4.37
C THR A 19 7.57 12.11 -3.68
N ALA A 20 8.85 12.23 -4.02
CA ALA A 20 9.87 11.37 -3.44
C ALA A 20 9.75 11.32 -1.91
N GLU A 21 9.92 12.47 -1.27
CA GLU A 21 9.81 12.55 0.18
C GLU A 21 8.67 11.67 0.70
N GLN A 22 7.47 11.93 0.20
CA GLN A 22 6.29 11.18 0.61
C GLN A 22 6.56 9.67 0.53
N LEU A 23 7.08 9.22 -0.60
CA LEU A 23 7.38 7.80 -0.79
C LEU A 23 8.45 7.34 0.19
N ARG A 24 9.63 7.95 0.11
CA ARG A 24 10.73 7.60 1.00
C ARG A 24 10.22 7.27 2.40
N VAL A 25 9.10 7.88 2.77
CA VAL A 25 8.51 7.66 4.08
C VAL A 25 7.55 6.48 4.06
N LEU A 26 6.52 6.59 3.23
CA LEU A 26 5.52 5.52 3.11
C LEU A 26 6.19 4.17 2.91
N GLN A 27 7.14 4.12 1.98
CA GLN A 27 7.85 2.88 1.69
C GLN A 27 8.60 2.38 2.92
N ALA A 28 9.10 3.32 3.72
CA ALA A 28 9.83 2.98 4.93
C ALA A 28 8.90 2.40 6.00
N SER A 29 7.62 2.75 5.90
CA SER A 29 6.63 2.27 6.86
C SER A 29 6.04 0.94 6.41
N PHE A 30 5.39 0.94 5.26
CA PHE A 30 4.77 -0.27 4.72
C PHE A 30 5.69 -1.47 4.91
N LEU A 31 6.99 -1.24 4.78
CA LEU A 31 7.97 -2.31 4.93
C LEU A 31 7.88 -2.93 6.32
N ASN A 32 8.16 -2.13 7.34
CA ASN A 32 8.11 -2.60 8.72
C ASN A 32 6.85 -3.42 8.97
N SER A 33 5.69 -2.81 8.73
CA SER A 33 4.42 -3.47 8.94
C SER A 33 3.51 -3.30 7.72
N SER A 34 3.54 -4.28 6.82
CA SER A 34 2.73 -4.23 5.61
C SER A 34 1.31 -3.75 5.92
N VAL A 35 0.72 -4.34 6.96
CA VAL A 35 -0.64 -3.98 7.37
C VAL A 35 -0.65 -2.68 8.16
N LEU A 36 -1.01 -1.59 7.48
CA LEU A 36 -1.06 -0.28 8.12
C LEU A 36 -1.81 -0.35 9.45
N THR A 37 -1.39 0.49 10.40
CA THR A 37 -2.03 0.53 11.71
C THR A 37 -2.46 1.94 12.07
N ASP A 38 -3.66 2.06 12.63
CA ASP A 38 -4.19 3.36 13.02
C ASP A 38 -3.09 4.27 13.55
N GLU A 39 -2.11 3.66 14.24
CA GLU A 39 -0.99 4.42 14.79
C GLU A 39 -0.08 4.94 13.69
N GLU A 40 0.51 4.02 12.94
CA GLU A 40 1.40 4.39 11.84
C GLU A 40 0.72 5.35 10.89
N LEU A 41 -0.49 5.00 10.45
CA LEU A 41 -1.24 5.84 9.53
C LEU A 41 -1.11 7.32 9.90
N ASN A 42 -1.48 7.65 11.12
CA ASN A 42 -1.39 9.03 11.60
C ASN A 42 -0.01 9.62 11.31
N ARG A 43 1.00 9.08 11.97
CA ARG A 43 2.37 9.55 11.79
C ARG A 43 2.61 9.96 10.34
N LEU A 44 2.34 9.04 9.42
CA LEU A 44 2.53 9.32 7.99
C LEU A 44 1.67 10.50 7.54
N ARG A 45 0.42 10.53 8.00
CA ARG A 45 -0.50 11.60 7.64
C ARG A 45 0.16 12.96 7.84
N ALA A 46 1.15 13.01 8.72
CA ALA A 46 1.86 14.26 8.99
C ALA A 46 3.17 14.33 8.21
N GLN A 47 3.90 13.22 8.20
CA GLN A 47 5.18 13.15 7.49
C GLN A 47 4.97 13.27 5.98
N THR A 48 4.16 12.36 5.43
CA THR A 48 3.88 12.37 4.00
C THR A 48 2.87 13.46 3.64
N LYS A 49 2.34 14.13 4.65
CA LYS A 49 1.37 15.20 4.45
C LYS A 49 0.25 14.73 3.52
N LEU A 50 -0.10 13.45 3.60
CA LEU A 50 -1.15 12.88 2.77
C LEU A 50 -2.40 12.59 3.59
N THR A 51 -3.43 12.09 2.94
CA THR A 51 -4.69 11.77 3.61
C THR A 51 -4.83 10.27 3.82
N ARG A 52 -5.39 9.88 4.95
CA ARG A 52 -5.59 8.47 5.28
C ARG A 52 -5.97 7.68 4.03
N ARG A 53 -7.14 7.98 3.48
CA ARG A 53 -7.62 7.30 2.28
C ARG A 53 -6.45 6.93 1.36
N GLU A 54 -5.81 7.95 0.81
CA GLU A 54 -4.68 7.74 -0.09
C GLU A 54 -3.69 6.74 0.51
N ILE A 55 -3.13 7.09 1.67
CA ILE A 55 -2.17 6.23 2.34
C ILE A 55 -2.67 4.79 2.41
N ASP A 56 -3.76 4.58 3.14
CA ASP A 56 -4.35 3.26 3.29
C ASP A 56 -4.30 2.50 1.97
N ALA A 57 -4.94 3.04 0.95
CA ALA A 57 -4.97 2.42 -0.37
C ALA A 57 -3.57 2.05 -0.82
N TRP A 58 -2.66 3.01 -0.77
CA TRP A 58 -1.28 2.77 -1.19
C TRP A 58 -0.75 1.47 -0.60
N PHE A 59 -0.72 1.40 0.73
CA PHE A 59 -0.23 0.21 1.42
C PHE A 59 -0.87 -1.05 0.85
N THR A 60 -2.20 -1.04 0.77
CA THR A 60 -2.94 -2.18 0.24
C THR A 60 -2.37 -2.63 -1.10
N GLU A 61 -1.98 -1.68 -1.92
CA GLU A 61 -1.42 -1.98 -3.24
C GLU A 61 -0.01 -2.55 -3.12
N LYS A 62 0.84 -1.86 -2.36
CA LYS A 62 2.21 -2.30 -2.14
C LYS A 62 2.26 -3.79 -1.83
N LYS A 63 1.27 -4.28 -1.11
CA LYS A 63 1.19 -5.69 -0.75
C LYS A 63 1.28 -6.58 -1.99
N LYS A 64 0.57 -6.19 -3.03
CA LYS A 64 0.57 -6.95 -4.28
C LYS A 64 1.98 -7.10 -4.83
N SER A 65 2.88 -6.22 -4.39
CA SER A 65 4.27 -6.26 -4.83
C SER A 65 4.95 -7.55 -4.37
N LYS A 66 4.54 -8.04 -3.21
CA LYS A 66 5.11 -9.25 -2.65
C LYS A 66 4.69 -10.48 -3.45
N ALA A 67 3.50 -10.41 -4.04
CA ALA A 67 2.97 -11.50 -4.84
C ALA A 67 3.94 -11.87 -5.96
N LEU A 68 4.61 -10.87 -6.52
CA LEU A 68 5.57 -11.10 -7.60
C LEU A 68 6.61 -12.14 -7.19
N LYS A 69 7.49 -12.46 -8.12
CA LYS A 69 8.54 -13.44 -7.87
C LYS A 69 7.96 -14.84 -7.76
N GLU A 70 6.99 -15.15 -8.62
CA GLU A 70 6.35 -16.46 -8.61
C GLU A 70 7.37 -17.57 -8.34
N GLU A 71 6.89 -18.70 -7.86
CA GLU A 71 7.77 -19.84 -7.55
C GLU A 71 8.64 -20.18 -8.75
N LYS A 72 8.03 -20.33 -9.91
CA LYS A 72 8.75 -20.66 -11.14
C LYS A 72 8.72 -19.49 -12.12
N MET A 73 9.88 -19.15 -12.66
CA MET A 73 9.98 -18.05 -13.62
C MET A 73 11.28 -18.15 -14.41
N GLU A 74 11.35 -17.40 -15.51
CA GLU A 74 12.53 -17.40 -16.36
C GLU A 74 13.41 -16.19 -16.08
N ILE A 75 14.64 -16.43 -15.65
CA ILE A 75 15.58 -15.36 -15.34
C ILE A 75 16.61 -15.20 -16.46
N ASP A 76 16.68 -14.00 -17.02
CA ASP A 76 17.63 -13.71 -18.08
C ASP A 76 18.69 -12.71 -17.61
N GLU A 77 19.15 -12.88 -16.38
CA GLU A 77 20.16 -12.01 -15.81
C GLU A 77 20.77 -12.62 -14.55
N SER A 78 21.80 -11.97 -14.01
CA SER A 78 22.47 -12.46 -12.82
C SER A 78 21.69 -12.08 -11.56
N ASN A 79 21.13 -13.08 -10.90
CA ASN A 79 20.35 -12.86 -9.69
C ASN A 79 21.26 -12.44 -8.53
N ALA A 80 20.66 -11.82 -7.52
CA ALA A 80 21.41 -11.36 -6.36
C ALA A 80 21.08 -12.20 -5.13
N GLY A 81 20.97 -13.51 -5.32
CA GLY A 81 20.66 -14.40 -4.22
C GLY A 81 19.16 -14.61 -4.04
N SER A 82 18.80 -15.56 -3.20
CA SER A 82 17.40 -15.87 -2.94
C SER A 82 17.07 -15.75 -1.46
N SER A 83 16.04 -14.97 -1.14
CA SER A 83 15.63 -14.78 0.24
C SER A 83 15.74 -16.09 1.03
N SER A 84 16.75 -16.18 1.88
CA SER A 84 16.97 -17.38 2.69
C SER A 84 17.01 -17.03 4.17
N GLY A 85 16.25 -17.76 4.97
CA GLY A 85 16.21 -17.52 6.40
C GLY A 85 15.95 -16.06 6.72
N PRO A 86 14.66 -15.67 6.73
CA PRO A 86 14.25 -14.30 7.03
C PRO A 86 14.46 -13.94 8.50
N SER A 87 15.26 -12.91 8.74
CA SER A 87 15.55 -12.46 10.10
C SER A 87 15.75 -13.66 11.02
N SER A 88 16.46 -14.67 10.53
CA SER A 88 16.72 -15.87 11.32
C SER A 88 17.91 -16.64 10.76
N GLY A 89 18.44 -17.57 11.55
CA GLY A 89 19.58 -18.36 11.12
C GLY A 89 19.28 -19.84 11.11
N GLY A 1 -44.50 5.33 -1.16
CA GLY A 1 -43.11 5.58 -1.50
C GLY A 1 -42.17 4.53 -0.94
N SER A 2 -40.98 4.44 -1.52
CA SER A 2 -39.99 3.46 -1.07
C SER A 2 -38.64 3.69 -1.76
N SER A 3 -37.57 3.20 -1.15
CA SER A 3 -36.24 3.36 -1.70
C SER A 3 -35.33 2.21 -1.28
N GLY A 4 -34.18 2.09 -1.94
CA GLY A 4 -33.25 1.03 -1.61
C GLY A 4 -32.29 0.73 -2.74
N SER A 5 -31.08 0.32 -2.39
CA SER A 5 -30.06 0.00 -3.39
C SER A 5 -29.50 -1.40 -3.17
N SER A 6 -28.68 -1.86 -4.12
CA SER A 6 -28.09 -3.19 -4.03
C SER A 6 -26.59 -3.09 -3.76
N GLY A 7 -25.92 -2.19 -4.46
CA GLY A 7 -24.49 -2.01 -4.28
C GLY A 7 -23.77 -1.75 -5.59
N PRO A 8 -23.60 -0.46 -5.93
CA PRO A 8 -22.92 -0.06 -7.17
C PRO A 8 -21.42 -0.36 -7.13
N ASP A 9 -20.73 -0.04 -8.23
CA ASP A 9 -19.30 -0.28 -8.33
C ASP A 9 -18.66 0.70 -9.30
N PHE A 10 -17.36 0.92 -9.14
CA PHE A 10 -16.62 1.84 -10.00
C PHE A 10 -15.21 1.33 -10.25
N THR A 11 -14.54 1.90 -11.25
CA THR A 11 -13.18 1.52 -11.59
C THR A 11 -12.29 1.48 -10.36
N PRO A 12 -11.35 0.51 -10.33
CA PRO A 12 -10.43 0.35 -9.20
C PRO A 12 -9.41 1.48 -9.14
N GLN A 13 -9.73 2.52 -8.39
CA GLN A 13 -8.84 3.66 -8.25
C GLN A 13 -7.48 3.24 -7.68
N LYS A 14 -6.41 3.75 -8.27
CA LYS A 14 -5.06 3.42 -7.83
C LYS A 14 -4.25 4.68 -7.59
N PHE A 15 -3.97 4.97 -6.32
CA PHE A 15 -3.19 6.14 -5.95
C PHE A 15 -1.71 5.94 -6.25
N LYS A 16 -1.22 6.59 -7.31
CA LYS A 16 0.18 6.48 -7.69
C LYS A 16 0.86 7.84 -7.64
N GLU A 17 0.16 8.87 -8.10
CA GLU A 17 0.71 10.22 -8.10
C GLU A 17 1.26 10.60 -6.73
N LYS A 18 2.57 10.44 -6.57
CA LYS A 18 3.23 10.76 -5.30
C LYS A 18 4.61 11.36 -5.54
N THR A 19 5.17 11.98 -4.51
CA THR A 19 6.49 12.59 -4.60
C THR A 19 7.53 11.77 -3.85
N ALA A 20 8.79 11.88 -4.27
CA ALA A 20 9.88 11.16 -3.63
C ALA A 20 9.71 11.15 -2.11
N GLU A 21 9.82 12.32 -1.50
CA GLU A 21 9.68 12.45 -0.06
C GLU A 21 8.55 11.56 0.46
N GLN A 22 7.34 11.79 -0.05
CA GLN A 22 6.18 11.01 0.35
C GLN A 22 6.49 9.52 0.36
N LEU A 23 6.94 9.02 -0.79
CA LEU A 23 7.28 7.61 -0.92
C LEU A 23 8.33 7.19 0.11
N ARG A 24 9.51 7.81 0.03
CA ARG A 24 10.59 7.50 0.95
C ARG A 24 10.05 7.18 2.33
N VAL A 25 9.09 7.98 2.80
CA VAL A 25 8.49 7.77 4.10
C VAL A 25 7.60 6.52 4.11
N LEU A 26 6.56 6.54 3.29
CA LEU A 26 5.64 5.41 3.20
C LEU A 26 6.40 4.10 3.06
N GLN A 27 7.22 4.02 2.01
CA GLN A 27 8.01 2.81 1.76
C GLN A 27 8.75 2.36 3.02
N ALA A 28 9.23 3.33 3.78
CA ALA A 28 9.96 3.03 5.02
C ALA A 28 9.04 2.40 6.05
N SER A 29 7.79 2.85 6.09
CA SER A 29 6.81 2.34 7.03
C SER A 29 6.23 1.01 6.55
N PHE A 30 5.55 1.05 5.40
CA PHE A 30 4.94 -0.15 4.82
C PHE A 30 5.87 -1.34 4.95
N LEU A 31 7.13 -1.15 4.55
CA LEU A 31 8.13 -2.22 4.62
C LEU A 31 8.08 -2.92 5.97
N ASN A 32 8.40 -2.18 7.02
CA ASN A 32 8.39 -2.73 8.37
C ASN A 32 7.20 -3.67 8.58
N SER A 33 6.03 -3.22 8.16
CA SER A 33 4.82 -4.02 8.30
C SER A 33 3.83 -3.71 7.18
N SER A 34 3.53 -4.72 6.36
CA SER A 34 2.60 -4.55 5.25
C SER A 34 1.29 -3.95 5.72
N VAL A 35 0.74 -4.52 6.79
CA VAL A 35 -0.52 -4.04 7.35
C VAL A 35 -0.34 -2.71 8.06
N LEU A 36 -1.12 -1.71 7.65
CA LEU A 36 -1.04 -0.39 8.25
C LEU A 36 -1.81 -0.34 9.57
N THR A 37 -1.21 0.29 10.58
CA THR A 37 -1.85 0.40 11.89
C THR A 37 -2.36 1.82 12.12
N ASP A 38 -3.61 1.93 12.56
CA ASP A 38 -4.22 3.22 12.82
C ASP A 38 -3.19 4.21 13.36
N GLU A 39 -2.48 3.79 14.42
CA GLU A 39 -1.47 4.64 15.03
C GLU A 39 -0.45 5.11 14.00
N GLU A 40 0.12 4.16 13.26
CA GLU A 40 1.11 4.47 12.24
C GLU A 40 0.53 5.42 11.19
N LEU A 41 -0.67 5.09 10.70
CA LEU A 41 -1.33 5.90 9.69
C LEU A 41 -1.26 7.39 10.06
N ASN A 42 -1.59 7.68 11.32
CA ASN A 42 -1.56 9.06 11.80
C ASN A 42 -0.24 9.73 11.48
N ARG A 43 0.84 9.21 12.05
CA ARG A 43 2.17 9.76 11.82
C ARG A 43 2.41 10.01 10.34
N LEU A 44 2.09 9.01 9.52
CA LEU A 44 2.27 9.12 8.07
C LEU A 44 1.47 10.29 7.51
N ARG A 45 0.25 10.47 8.03
CA ARG A 45 -0.60 11.56 7.58
C ARG A 45 0.08 12.91 7.74
N ALA A 46 0.96 13.01 8.73
CA ALA A 46 1.69 14.24 8.99
C ALA A 46 3.02 14.25 8.26
N GLN A 47 3.71 13.12 8.26
CA GLN A 47 5.01 13.00 7.59
C GLN A 47 4.86 13.25 6.10
N THR A 48 3.86 12.64 5.49
CA THR A 48 3.62 12.78 4.06
C THR A 48 2.56 13.85 3.79
N LYS A 49 1.98 14.38 4.86
CA LYS A 49 0.96 15.43 4.74
C LYS A 49 -0.10 15.03 3.71
N LEU A 50 -0.48 13.75 3.73
CA LEU A 50 -1.48 13.24 2.80
C LEU A 50 -2.75 12.83 3.54
N THR A 51 -3.72 12.32 2.80
CA THR A 51 -4.98 11.88 3.39
C THR A 51 -4.92 10.42 3.78
N ARG A 52 -5.70 10.05 4.81
CA ARG A 52 -5.73 8.68 5.30
C ARG A 52 -6.13 7.72 4.18
N ARG A 53 -6.93 8.20 3.24
CA ARG A 53 -7.38 7.38 2.12
C ARG A 53 -6.23 7.06 1.18
N GLU A 54 -5.39 8.05 0.92
CA GLU A 54 -4.24 7.87 0.04
C GLU A 54 -3.26 6.85 0.61
N ILE A 55 -2.80 7.11 1.83
CA ILE A 55 -1.86 6.22 2.50
C ILE A 55 -2.40 4.79 2.55
N ASP A 56 -3.43 4.59 3.38
CA ASP A 56 -4.03 3.27 3.51
C ASP A 56 -4.08 2.54 2.18
N ALA A 57 -4.71 3.19 1.18
CA ALA A 57 -4.81 2.60 -0.15
C ALA A 57 -3.45 2.19 -0.68
N TRP A 58 -2.48 3.08 -0.57
CA TRP A 58 -1.13 2.80 -1.05
C TRP A 58 -0.59 1.50 -0.45
N PHE A 59 -0.54 1.43 0.87
CA PHE A 59 -0.06 0.25 1.56
C PHE A 59 -0.68 -1.02 0.98
N THR A 60 -1.99 -0.96 0.72
CA THR A 60 -2.70 -2.11 0.16
C THR A 60 -2.06 -2.56 -1.15
N GLU A 61 -2.13 -1.71 -2.17
CA GLU A 61 -1.56 -2.03 -3.47
C GLU A 61 -0.14 -2.57 -3.32
N LYS A 62 0.67 -1.87 -2.54
CA LYS A 62 2.06 -2.27 -2.32
C LYS A 62 2.15 -3.77 -2.09
N LYS A 63 1.28 -4.29 -1.24
CA LYS A 63 1.25 -5.73 -0.94
C LYS A 63 1.25 -6.55 -2.22
N LYS A 64 0.29 -6.25 -3.11
CA LYS A 64 0.17 -6.96 -4.37
C LYS A 64 1.54 -7.23 -4.98
N SER A 65 2.46 -6.28 -4.81
CA SER A 65 3.81 -6.42 -5.35
C SER A 65 4.49 -7.67 -4.80
N LYS A 66 4.31 -7.92 -3.51
CA LYS A 66 4.91 -9.09 -2.87
C LYS A 66 4.32 -10.39 -3.44
N ALA A 67 3.16 -10.27 -4.09
CA ALA A 67 2.50 -11.42 -4.68
C ALA A 67 2.88 -11.57 -6.15
N LEU A 68 4.11 -11.19 -6.48
CA LEU A 68 4.61 -11.28 -7.85
C LEU A 68 5.70 -12.35 -7.96
N LYS A 69 6.15 -12.59 -9.19
CA LYS A 69 7.20 -13.57 -9.43
C LYS A 69 8.53 -12.90 -9.74
N GLU A 70 9.62 -13.48 -9.25
CA GLU A 70 10.95 -12.92 -9.47
C GLU A 70 11.04 -12.30 -10.86
N GLU A 71 11.88 -11.28 -10.99
CA GLU A 71 12.07 -10.60 -12.26
C GLU A 71 12.85 -11.47 -13.24
N LYS A 72 13.94 -12.06 -12.76
CA LYS A 72 14.77 -12.92 -13.60
C LYS A 72 15.06 -14.24 -12.89
N MET A 73 14.68 -15.35 -13.52
CA MET A 73 14.91 -16.66 -12.94
C MET A 73 15.92 -17.46 -13.77
N GLU A 74 16.22 -18.67 -13.34
CA GLU A 74 17.17 -19.52 -14.03
C GLU A 74 16.57 -20.04 -15.34
N ILE A 75 17.09 -19.55 -16.46
CA ILE A 75 16.61 -19.96 -17.77
C ILE A 75 17.77 -20.14 -18.75
N ASP A 76 17.58 -21.02 -19.73
CA ASP A 76 18.61 -21.27 -20.74
C ASP A 76 18.57 -20.22 -21.83
N GLU A 77 18.60 -18.95 -21.43
CA GLU A 77 18.56 -17.85 -22.38
C GLU A 77 19.64 -16.81 -22.05
N SER A 78 19.89 -15.90 -22.99
CA SER A 78 20.89 -14.86 -22.80
C SER A 78 20.33 -13.50 -23.17
N ASN A 79 20.70 -12.47 -22.41
CA ASN A 79 20.24 -11.12 -22.66
C ASN A 79 21.04 -10.11 -21.84
N ALA A 80 21.87 -9.33 -22.54
CA ALA A 80 22.69 -8.32 -21.88
C ALA A 80 21.83 -7.29 -21.18
N GLY A 81 22.43 -6.57 -20.22
CA GLY A 81 21.70 -5.56 -19.49
C GLY A 81 22.28 -5.31 -18.12
N SER A 82 23.03 -4.21 -17.97
CA SER A 82 23.65 -3.86 -16.70
C SER A 82 24.11 -2.41 -16.71
N SER A 83 24.15 -1.81 -15.52
CA SER A 83 24.57 -0.41 -15.39
C SER A 83 25.48 -0.24 -14.18
N SER A 84 26.15 0.91 -14.11
CA SER A 84 27.06 1.20 -13.00
C SER A 84 27.45 2.67 -13.00
N GLY A 85 28.23 3.07 -12.00
CA GLY A 85 28.67 4.45 -11.90
C GLY A 85 29.42 4.72 -10.61
N PRO A 86 30.72 4.41 -10.61
CA PRO A 86 31.59 4.63 -9.43
C PRO A 86 31.84 6.10 -9.17
N SER A 87 32.73 6.38 -8.22
CA SER A 87 33.05 7.75 -7.86
C SER A 87 34.28 7.80 -6.95
N SER A 88 34.99 8.93 -6.98
CA SER A 88 36.19 9.09 -6.16
C SER A 88 36.73 10.52 -6.29
N GLY A 89 37.79 10.81 -5.53
CA GLY A 89 38.38 12.13 -5.57
C GLY A 89 39.65 12.17 -6.39
N GLY A 1 -39.02 23.52 -30.51
CA GLY A 1 -37.96 22.67 -29.99
C GLY A 1 -36.81 23.47 -29.41
N SER A 2 -36.68 23.44 -28.09
CA SER A 2 -35.61 24.16 -27.40
C SER A 2 -35.10 23.37 -26.21
N SER A 3 -33.77 23.41 -26.01
CA SER A 3 -33.15 22.69 -24.92
C SER A 3 -31.80 23.32 -24.55
N GLY A 4 -31.47 23.27 -23.27
CA GLY A 4 -30.21 23.84 -22.81
C GLY A 4 -29.82 23.36 -21.43
N SER A 5 -28.79 22.52 -21.36
CA SER A 5 -28.33 21.98 -20.09
C SER A 5 -26.85 22.28 -19.88
N SER A 6 -26.54 23.04 -18.83
CA SER A 6 -25.17 23.40 -18.52
C SER A 6 -24.37 22.18 -18.09
N GLY A 7 -23.46 21.74 -18.95
CA GLY A 7 -22.64 20.58 -18.63
C GLY A 7 -21.16 20.90 -18.62
N PRO A 8 -20.68 21.43 -17.49
CA PRO A 8 -19.27 21.79 -17.32
C PRO A 8 -18.36 20.57 -17.26
N ASP A 9 -17.21 20.65 -17.93
CA ASP A 9 -16.25 19.55 -17.94
C ASP A 9 -15.13 19.80 -16.92
N PHE A 10 -15.13 18.99 -15.86
CA PHE A 10 -14.11 19.12 -14.82
C PHE A 10 -13.56 17.75 -14.43
N THR A 11 -12.51 17.32 -15.13
CA THR A 11 -11.90 16.03 -14.86
C THR A 11 -11.31 15.98 -13.45
N PRO A 12 -11.38 14.80 -12.82
CA PRO A 12 -10.87 14.60 -11.46
C PRO A 12 -9.35 14.66 -11.40
N GLN A 13 -8.80 14.67 -10.20
CA GLN A 13 -7.36 14.73 -10.00
C GLN A 13 -6.81 13.37 -9.59
N LYS A 14 -5.69 12.98 -10.20
CA LYS A 14 -5.06 11.70 -9.90
C LYS A 14 -4.52 11.68 -8.47
N PHE A 15 -4.49 10.50 -7.86
CA PHE A 15 -4.00 10.35 -6.50
C PHE A 15 -3.03 9.18 -6.40
N LYS A 16 -2.23 8.98 -7.44
CA LYS A 16 -1.26 7.89 -7.48
C LYS A 16 0.16 8.44 -7.47
N GLU A 17 0.51 9.18 -8.51
CA GLU A 17 1.85 9.75 -8.63
C GLU A 17 2.23 10.49 -7.34
N LYS A 18 3.06 9.83 -6.53
CA LYS A 18 3.50 10.42 -5.26
C LYS A 18 4.86 11.06 -5.42
N THR A 19 5.24 11.90 -4.46
CA THR A 19 6.52 12.59 -4.49
C THR A 19 7.57 11.83 -3.68
N ALA A 20 8.82 11.90 -4.13
CA ALA A 20 9.91 11.22 -3.45
C ALA A 20 9.71 11.22 -1.94
N GLU A 21 9.75 12.40 -1.34
CA GLU A 21 9.56 12.54 0.10
C GLU A 21 8.46 11.62 0.60
N GLN A 22 7.28 11.74 0.00
CA GLN A 22 6.14 10.91 0.39
C GLN A 22 6.49 9.43 0.32
N LEU A 23 7.00 9.00 -0.83
CA LEU A 23 7.38 7.61 -1.01
C LEU A 23 8.37 7.16 0.06
N ARG A 24 9.53 7.81 0.11
CA ARG A 24 10.55 7.48 1.09
C ARG A 24 9.92 7.07 2.42
N VAL A 25 9.09 7.95 2.97
CA VAL A 25 8.43 7.68 4.24
C VAL A 25 7.58 6.42 4.16
N LEU A 26 6.54 6.47 3.33
CA LEU A 26 5.65 5.33 3.16
C LEU A 26 6.44 4.02 3.01
N GLN A 27 7.25 3.95 1.96
CA GLN A 27 8.07 2.76 1.71
C GLN A 27 8.78 2.32 2.99
N ALA A 28 9.30 3.29 3.74
CA ALA A 28 10.01 3.00 4.97
C ALA A 28 9.08 2.36 6.00
N SER A 29 7.83 2.83 6.03
CA SER A 29 6.85 2.30 6.98
C SER A 29 6.26 0.99 6.47
N PHE A 30 5.57 1.06 5.33
CA PHE A 30 4.95 -0.11 4.74
C PHE A 30 5.84 -1.34 4.90
N LEU A 31 7.12 -1.18 4.57
CA LEU A 31 8.08 -2.27 4.69
C LEU A 31 8.01 -2.92 6.06
N ASN A 32 8.22 -2.13 7.10
CA ASN A 32 8.18 -2.63 8.47
C ASN A 32 7.01 -3.58 8.66
N SER A 33 5.80 -3.07 8.46
CA SER A 33 4.60 -3.88 8.61
C SER A 33 3.61 -3.62 7.48
N SER A 34 3.38 -4.63 6.65
CA SER A 34 2.47 -4.50 5.51
C SER A 34 1.14 -3.91 5.96
N VAL A 35 0.61 -4.41 7.07
CA VAL A 35 -0.65 -3.93 7.60
C VAL A 35 -0.51 -2.52 8.19
N LEU A 36 -1.50 -1.68 7.93
CA LEU A 36 -1.48 -0.30 8.43
C LEU A 36 -2.43 -0.14 9.61
N THR A 37 -1.94 0.48 10.68
CA THR A 37 -2.74 0.69 11.88
C THR A 37 -2.92 2.17 12.15
N ASP A 38 -4.05 2.53 12.77
CA ASP A 38 -4.35 3.92 13.10
C ASP A 38 -3.09 4.65 13.55
N GLU A 39 -2.29 3.98 14.38
CA GLU A 39 -1.05 4.57 14.90
C GLU A 39 -0.18 5.06 13.76
N GLU A 40 0.43 4.13 13.04
CA GLU A 40 1.31 4.46 11.93
C GLU A 40 0.61 5.42 10.96
N LEU A 41 -0.62 5.08 10.58
CA LEU A 41 -1.39 5.90 9.66
C LEU A 41 -1.33 7.37 10.06
N ASN A 42 -1.51 7.64 11.36
CA ASN A 42 -1.47 9.00 11.87
C ASN A 42 -0.15 9.68 11.53
N ARG A 43 0.94 9.12 12.04
CA ARG A 43 2.26 9.68 11.79
C ARG A 43 2.46 9.95 10.31
N LEU A 44 2.16 8.96 9.48
CA LEU A 44 2.30 9.08 8.03
C LEU A 44 1.40 10.20 7.50
N ARG A 45 0.21 10.31 8.06
CA ARG A 45 -0.74 11.34 7.63
C ARG A 45 -0.12 12.73 7.76
N ALA A 46 0.84 12.87 8.66
CA ALA A 46 1.49 14.15 8.87
C ALA A 46 2.81 14.22 8.10
N GLN A 47 3.58 13.13 8.15
CA GLN A 47 4.86 13.08 7.46
C GLN A 47 4.68 13.28 5.96
N THR A 48 3.91 12.38 5.34
CA THR A 48 3.66 12.45 3.90
C THR A 48 2.68 13.58 3.58
N LYS A 49 2.00 14.07 4.60
CA LYS A 49 1.03 15.16 4.43
C LYS A 49 -0.09 14.73 3.49
N LEU A 50 -0.51 13.47 3.59
CA LEU A 50 -1.57 12.95 2.75
C LEU A 50 -2.76 12.49 3.60
N THR A 51 -3.88 12.21 2.94
CA THR A 51 -5.08 11.76 3.64
C THR A 51 -5.01 10.26 3.95
N ARG A 52 -5.67 9.86 5.03
CA ARG A 52 -5.67 8.47 5.44
C ARG A 52 -6.06 7.56 4.27
N ARG A 53 -6.98 8.04 3.44
CA ARG A 53 -7.44 7.27 2.29
C ARG A 53 -6.28 6.95 1.35
N GLU A 54 -5.45 7.94 1.06
CA GLU A 54 -4.31 7.77 0.18
C GLU A 54 -3.33 6.74 0.77
N ILE A 55 -2.74 7.08 1.91
CA ILE A 55 -1.79 6.20 2.56
C ILE A 55 -2.34 4.77 2.65
N ASP A 56 -3.54 4.65 3.18
CA ASP A 56 -4.18 3.34 3.31
C ASP A 56 -4.17 2.58 1.99
N ALA A 57 -4.65 3.23 0.93
CA ALA A 57 -4.69 2.63 -0.38
C ALA A 57 -3.30 2.19 -0.83
N TRP A 58 -2.36 3.13 -0.84
CA TRP A 58 -1.00 2.84 -1.25
C TRP A 58 -0.49 1.56 -0.59
N PHE A 59 -0.40 1.57 0.74
CA PHE A 59 0.06 0.42 1.49
C PHE A 59 -0.59 -0.87 0.98
N THR A 60 -1.89 -0.81 0.71
CA THR A 60 -2.63 -1.95 0.22
C THR A 60 -2.02 -2.48 -1.07
N GLU A 61 -2.06 -1.67 -2.12
CA GLU A 61 -1.51 -2.05 -3.42
C GLU A 61 -0.09 -2.58 -3.26
N LYS A 62 0.74 -1.84 -2.54
CA LYS A 62 2.13 -2.24 -2.32
C LYS A 62 2.22 -3.73 -2.00
N LYS A 63 1.22 -4.25 -1.31
CA LYS A 63 1.19 -5.66 -0.94
C LYS A 63 1.15 -6.54 -2.19
N LYS A 64 0.19 -6.26 -3.07
CA LYS A 64 0.04 -7.03 -4.30
C LYS A 64 1.40 -7.21 -4.99
N SER A 65 2.22 -6.17 -4.95
CA SER A 65 3.54 -6.21 -5.56
C SER A 65 4.38 -7.35 -5.00
N LYS A 66 4.31 -7.52 -3.69
CA LYS A 66 5.06 -8.58 -3.01
C LYS A 66 4.61 -9.95 -3.49
N ALA A 67 3.30 -10.10 -3.71
CA ALA A 67 2.74 -11.36 -4.18
C ALA A 67 3.64 -12.01 -5.22
N LEU A 68 4.00 -11.25 -6.25
CA LEU A 68 4.85 -11.75 -7.31
C LEU A 68 5.96 -12.63 -6.75
N LYS A 69 6.36 -13.64 -7.53
CA LYS A 69 7.42 -14.55 -7.11
C LYS A 69 8.61 -13.78 -6.55
N GLU A 70 8.88 -13.98 -5.26
CA GLU A 70 10.00 -13.30 -4.61
C GLU A 70 10.87 -14.29 -3.84
N GLU A 71 12.09 -14.50 -4.32
CA GLU A 71 13.01 -15.43 -3.66
C GLU A 71 12.94 -15.29 -2.14
N LYS A 72 13.32 -16.36 -1.45
CA LYS A 72 13.31 -16.36 0.01
C LYS A 72 13.66 -14.97 0.56
N MET A 73 13.01 -14.60 1.66
CA MET A 73 13.26 -13.31 2.29
C MET A 73 14.06 -13.47 3.57
N GLU A 74 14.61 -12.37 4.07
CA GLU A 74 15.40 -12.39 5.29
C GLU A 74 14.76 -11.52 6.37
N ILE A 75 14.03 -12.16 7.28
CA ILE A 75 13.37 -11.44 8.37
C ILE A 75 13.38 -12.25 9.66
N ASP A 76 13.77 -11.61 10.75
CA ASP A 76 13.83 -12.27 12.05
C ASP A 76 13.31 -11.35 13.15
N GLU A 77 12.85 -11.95 14.24
CA GLU A 77 12.32 -11.19 15.37
C GLU A 77 12.95 -11.66 16.68
N SER A 78 12.66 -10.93 17.76
CA SER A 78 13.19 -11.27 19.07
C SER A 78 12.38 -10.58 20.18
N ASN A 79 12.63 -10.99 21.42
CA ASN A 79 11.93 -10.42 22.56
C ASN A 79 12.88 -10.24 23.75
N ALA A 80 12.60 -9.23 24.56
CA ALA A 80 13.43 -8.95 25.73
C ALA A 80 12.72 -9.37 27.01
N GLY A 81 13.50 -9.58 28.08
CA GLY A 81 12.93 -9.98 29.35
C GLY A 81 13.45 -9.15 30.51
N SER A 82 13.42 -9.73 31.71
CA SER A 82 13.88 -9.03 32.90
C SER A 82 14.91 -9.87 33.64
N SER A 83 15.43 -9.33 34.74
CA SER A 83 16.43 -10.03 35.54
C SER A 83 16.11 -9.90 37.03
N SER A 84 16.85 -10.64 37.85
CA SER A 84 16.64 -10.62 39.29
C SER A 84 17.86 -10.01 40.01
N GLY A 85 17.76 -9.90 41.33
CA GLY A 85 18.85 -9.33 42.10
C GLY A 85 19.49 -10.35 43.02
N PRO A 86 20.82 -10.22 43.22
CA PRO A 86 21.58 -11.12 44.09
C PRO A 86 21.24 -10.94 45.57
N SER A 87 21.46 -11.99 46.35
CA SER A 87 21.17 -11.95 47.78
C SER A 87 22.46 -11.90 48.59
N SER A 88 23.42 -12.72 48.21
CA SER A 88 24.71 -12.78 48.91
C SER A 88 25.26 -11.37 49.14
N GLY A 89 25.93 -11.19 50.28
CA GLY A 89 26.49 -9.89 50.59
C GLY A 89 25.62 -9.10 51.55
N GLY A 1 -13.68 5.20 4.82
CA GLY A 1 -14.55 4.40 3.96
C GLY A 1 -15.54 3.59 4.77
N SER A 2 -16.74 3.39 4.20
CA SER A 2 -17.79 2.65 4.87
C SER A 2 -18.07 1.33 4.13
N SER A 3 -18.00 0.22 4.86
CA SER A 3 -18.25 -1.09 4.28
C SER A 3 -19.67 -1.55 4.54
N GLY A 4 -20.43 -1.75 3.48
CA GLY A 4 -21.81 -2.18 3.61
C GLY A 4 -22.66 -1.83 2.40
N SER A 5 -23.23 -0.62 2.41
CA SER A 5 -24.06 -0.17 1.31
C SER A 5 -23.21 0.41 0.19
N SER A 6 -23.53 0.03 -1.05
CA SER A 6 -22.79 0.51 -2.21
C SER A 6 -22.66 2.02 -2.19
N GLY A 7 -23.79 2.72 -2.04
CA GLY A 7 -23.77 4.17 -2.01
C GLY A 7 -23.36 4.77 -3.34
N PRO A 8 -22.89 6.03 -3.29
CA PRO A 8 -22.46 6.75 -4.49
C PRO A 8 -21.17 6.18 -5.09
N ASP A 9 -21.03 6.30 -6.40
CA ASP A 9 -19.85 5.80 -7.09
C ASP A 9 -18.63 6.66 -6.80
N PHE A 10 -17.77 6.19 -5.92
CA PHE A 10 -16.57 6.93 -5.54
C PHE A 10 -15.80 7.36 -6.79
N THR A 11 -15.23 8.56 -6.73
CA THR A 11 -14.47 9.10 -7.86
C THR A 11 -13.31 8.18 -8.23
N PRO A 12 -13.03 8.09 -9.53
CA PRO A 12 -11.95 7.23 -10.05
C PRO A 12 -10.56 7.76 -9.69
N GLN A 13 -10.54 8.87 -8.94
CA GLN A 13 -9.28 9.47 -8.52
C GLN A 13 -8.22 8.41 -8.27
N LYS A 14 -7.23 8.34 -9.15
CA LYS A 14 -6.15 7.38 -9.03
C LYS A 14 -4.87 8.04 -8.55
N PHE A 15 -4.55 7.86 -7.27
CA PHE A 15 -3.35 8.45 -6.69
C PHE A 15 -2.10 7.71 -7.16
N LYS A 16 -1.33 8.34 -8.04
CA LYS A 16 -0.11 7.74 -8.57
C LYS A 16 1.03 8.75 -8.55
N GLU A 17 0.72 10.01 -8.80
CA GLU A 17 1.73 11.06 -8.81
C GLU A 17 2.19 11.38 -7.38
N LYS A 18 3.06 10.54 -6.85
CA LYS A 18 3.58 10.73 -5.49
C LYS A 18 4.97 11.35 -5.53
N THR A 19 5.29 12.16 -4.52
CA THR A 19 6.59 12.81 -4.45
C THR A 19 7.63 11.87 -3.84
N ALA A 20 8.89 12.29 -3.90
CA ALA A 20 9.98 11.48 -3.35
C ALA A 20 9.85 11.34 -1.83
N GLU A 21 9.71 12.46 -1.14
CA GLU A 21 9.59 12.45 0.31
C GLU A 21 8.39 11.61 0.74
N GLN A 22 7.26 11.79 0.06
CA GLN A 22 6.06 11.03 0.38
C GLN A 22 6.30 9.53 0.25
N LEU A 23 7.03 9.15 -0.79
CA LEU A 23 7.32 7.74 -1.03
C LEU A 23 8.32 7.21 0.00
N ARG A 24 9.52 7.80 0.01
CA ARG A 24 10.56 7.39 0.95
C ARG A 24 9.95 6.97 2.29
N VAL A 25 9.14 7.86 2.85
CA VAL A 25 8.49 7.58 4.14
C VAL A 25 7.62 6.33 4.05
N LEU A 26 6.59 6.39 3.21
CA LEU A 26 5.68 5.26 3.04
C LEU A 26 6.46 3.96 2.84
N GLN A 27 7.26 3.91 1.79
CA GLN A 27 8.06 2.73 1.48
C GLN A 27 8.80 2.23 2.72
N ALA A 28 9.22 3.18 3.57
CA ALA A 28 9.94 2.84 4.79
C ALA A 28 9.00 2.21 5.82
N SER A 29 7.82 2.78 5.96
CA SER A 29 6.82 2.29 6.91
C SER A 29 6.26 0.95 6.45
N PHE A 30 5.56 0.96 5.31
CA PHE A 30 4.97 -0.24 4.76
C PHE A 30 5.89 -1.45 4.98
N LEU A 31 7.17 -1.28 4.65
CA LEU A 31 8.13 -2.36 4.82
C LEU A 31 8.21 -2.81 6.26
N ASN A 32 8.14 -1.85 7.18
CA ASN A 32 8.19 -2.16 8.61
C ASN A 32 6.94 -2.90 9.07
N SER A 33 5.82 -2.61 8.40
CA SER A 33 4.55 -3.25 8.74
C SER A 33 3.54 -3.10 7.60
N SER A 34 3.33 -4.19 6.88
CA SER A 34 2.40 -4.18 5.75
C SER A 34 1.03 -3.64 6.17
N VAL A 35 0.52 -4.18 7.28
CA VAL A 35 -0.79 -3.76 7.79
C VAL A 35 -0.70 -2.39 8.46
N LEU A 36 -1.35 -1.41 7.87
CA LEU A 36 -1.34 -0.04 8.40
C LEU A 36 -2.25 0.06 9.62
N THR A 37 -1.66 0.45 10.75
CA THR A 37 -2.40 0.58 12.00
C THR A 37 -2.82 2.04 12.23
N ASP A 38 -4.03 2.23 12.74
CA ASP A 38 -4.56 3.56 13.01
C ASP A 38 -3.43 4.49 13.45
N GLU A 39 -2.60 4.01 14.38
CA GLU A 39 -1.50 4.81 14.90
C GLU A 39 -0.50 5.14 13.79
N GLU A 40 0.05 4.09 13.16
CA GLU A 40 1.01 4.27 12.09
C GLU A 40 0.48 5.23 11.03
N LEU A 41 -0.79 5.07 10.67
CA LEU A 41 -1.42 5.91 9.67
C LEU A 41 -1.27 7.40 10.04
N ASN A 42 -1.55 7.71 11.30
CA ASN A 42 -1.45 9.08 11.78
C ASN A 42 -0.09 9.68 11.43
N ARG A 43 0.97 9.09 11.95
CA ARG A 43 2.33 9.57 11.70
C ARG A 43 2.50 9.93 10.23
N LEU A 44 2.35 8.94 9.36
CA LEU A 44 2.49 9.15 7.92
C LEU A 44 1.61 10.31 7.45
N ARG A 45 0.34 10.27 7.84
CA ARG A 45 -0.60 11.30 7.46
C ARG A 45 0.03 12.69 7.56
N ALA A 46 0.90 12.86 8.56
CA ALA A 46 1.59 14.13 8.77
C ALA A 46 2.88 14.19 7.97
N GLN A 47 3.69 13.15 8.07
CA GLN A 47 4.96 13.08 7.36
C GLN A 47 4.75 13.24 5.87
N THR A 48 3.97 12.35 5.27
CA THR A 48 3.69 12.40 3.85
C THR A 48 2.69 13.49 3.52
N LYS A 49 2.01 14.00 4.54
CA LYS A 49 1.02 15.05 4.36
C LYS A 49 -0.12 14.59 3.46
N LEU A 50 -0.37 13.28 3.47
CA LEU A 50 -1.44 12.71 2.65
C LEU A 50 -2.64 12.34 3.50
N THR A 51 -3.78 12.09 2.85
CA THR A 51 -5.00 11.73 3.55
C THR A 51 -5.04 10.23 3.86
N ARG A 52 -5.50 9.90 5.05
CA ARG A 52 -5.59 8.50 5.47
C ARG A 52 -5.93 7.60 4.29
N ARG A 53 -6.97 7.96 3.56
CA ARG A 53 -7.40 7.18 2.40
C ARG A 53 -6.21 6.84 1.50
N GLU A 54 -5.53 7.88 1.03
CA GLU A 54 -4.36 7.70 0.15
C GLU A 54 -3.40 6.68 0.75
N ILE A 55 -2.69 7.09 1.79
CA ILE A 55 -1.73 6.22 2.45
C ILE A 55 -2.28 4.81 2.59
N ASP A 56 -3.39 4.68 3.30
CA ASP A 56 -4.01 3.38 3.51
C ASP A 56 -4.09 2.60 2.20
N ALA A 57 -4.60 3.23 1.16
CA ALA A 57 -4.72 2.60 -0.14
C ALA A 57 -3.37 2.18 -0.68
N TRP A 58 -2.40 3.09 -0.62
CA TRP A 58 -1.05 2.82 -1.09
C TRP A 58 -0.51 1.52 -0.49
N PHE A 59 -0.45 1.49 0.84
CA PHE A 59 0.05 0.30 1.54
C PHE A 59 -0.63 -0.96 1.04
N THR A 60 -1.97 -0.92 0.97
CA THR A 60 -2.74 -2.06 0.51
C THR A 60 -2.31 -2.49 -0.89
N GLU A 61 -1.92 -1.52 -1.71
CA GLU A 61 -1.49 -1.78 -3.07
C GLU A 61 -0.11 -2.43 -3.09
N LYS A 62 0.83 -1.80 -2.38
CA LYS A 62 2.20 -2.31 -2.31
C LYS A 62 2.21 -3.82 -2.14
N LYS A 63 1.26 -4.34 -1.36
CA LYS A 63 1.17 -5.77 -1.12
C LYS A 63 1.10 -6.54 -2.44
N LYS A 64 0.30 -6.05 -3.37
CA LYS A 64 0.14 -6.67 -4.68
C LYS A 64 1.50 -7.17 -5.20
N SER A 65 2.53 -6.37 -4.98
CA SER A 65 3.88 -6.72 -5.43
C SER A 65 4.32 -8.05 -4.83
N LYS A 66 4.00 -8.25 -3.56
CA LYS A 66 4.37 -9.48 -2.87
C LYS A 66 3.96 -10.71 -3.68
N ALA A 67 2.91 -10.54 -4.49
CA ALA A 67 2.42 -11.64 -5.31
C ALA A 67 3.33 -11.87 -6.52
N LEU A 68 3.25 -10.97 -7.50
CA LEU A 68 4.07 -11.07 -8.70
C LEU A 68 4.30 -12.52 -9.08
N LYS A 69 3.26 -13.34 -8.95
CA LYS A 69 3.34 -14.75 -9.28
C LYS A 69 4.72 -15.31 -8.96
N GLU A 70 5.21 -15.02 -7.76
CA GLU A 70 6.52 -15.49 -7.33
C GLU A 70 6.50 -16.99 -7.06
N GLU A 71 7.63 -17.52 -6.61
CA GLU A 71 7.75 -18.95 -6.33
C GLU A 71 6.97 -19.31 -5.07
N LYS A 72 6.70 -20.61 -4.90
CA LYS A 72 5.97 -21.08 -3.73
C LYS A 72 4.62 -20.38 -3.62
N MET A 73 3.92 -20.27 -4.74
CA MET A 73 2.61 -19.61 -4.75
C MET A 73 1.61 -20.42 -5.58
N GLU A 74 0.35 -20.38 -5.18
CA GLU A 74 -0.70 -21.11 -5.89
C GLU A 74 -1.89 -20.21 -6.18
N ILE A 75 -2.23 -20.07 -7.46
CA ILE A 75 -3.34 -19.24 -7.87
C ILE A 75 -4.33 -20.02 -8.73
N ASP A 76 -5.62 -19.86 -8.44
CA ASP A 76 -6.66 -20.55 -9.18
C ASP A 76 -6.77 -20.02 -10.61
N GLU A 77 -7.28 -20.85 -11.51
CA GLU A 77 -7.42 -20.46 -12.91
C GLU A 77 -8.68 -19.60 -13.11
N SER A 78 -8.46 -18.31 -13.34
CA SER A 78 -9.57 -17.38 -13.55
C SER A 78 -9.48 -16.71 -14.92
N ASN A 79 -10.57 -16.09 -15.34
CA ASN A 79 -10.61 -15.42 -16.64
C ASN A 79 -9.94 -14.06 -16.57
N ALA A 80 -8.85 -13.90 -17.32
CA ALA A 80 -8.10 -12.65 -17.33
C ALA A 80 -7.44 -12.42 -18.70
N GLY A 81 -7.78 -11.31 -19.34
CA GLY A 81 -7.21 -10.99 -20.63
C GLY A 81 -6.95 -9.51 -20.80
N SER A 82 -7.96 -8.70 -20.55
CA SER A 82 -7.84 -7.26 -20.69
C SER A 82 -6.49 -6.77 -20.16
N SER A 83 -5.80 -5.95 -20.94
CA SER A 83 -4.51 -5.41 -20.55
C SER A 83 -4.13 -4.21 -21.40
N SER A 84 -3.83 -3.09 -20.73
CA SER A 84 -3.46 -1.87 -21.43
C SER A 84 -2.01 -1.50 -21.13
N GLY A 85 -1.37 -0.82 -22.08
CA GLY A 85 0.01 -0.41 -21.91
C GLY A 85 0.49 0.48 -23.02
N PRO A 86 0.21 1.79 -22.91
CA PRO A 86 0.62 2.78 -23.92
C PRO A 86 2.12 3.02 -23.93
N SER A 87 2.71 3.00 -25.11
CA SER A 87 4.15 3.21 -25.25
C SER A 87 4.45 4.65 -25.65
N SER A 88 5.56 5.18 -25.14
CA SER A 88 5.96 6.55 -25.43
C SER A 88 7.33 6.86 -24.82
N GLY A 89 8.16 7.57 -25.57
CA GLY A 89 9.48 7.93 -25.10
C GLY A 89 10.37 6.71 -24.92
N GLY A 1 -37.04 26.76 -7.08
CA GLY A 1 -37.79 26.64 -8.32
C GLY A 1 -37.12 25.74 -9.32
N SER A 2 -35.79 25.87 -9.44
CA SER A 2 -35.02 25.06 -10.38
C SER A 2 -33.76 24.52 -9.72
N SER A 3 -33.42 23.27 -10.04
CA SER A 3 -32.24 22.63 -9.47
C SER A 3 -31.03 23.54 -9.58
N GLY A 4 -30.88 24.20 -10.72
CA GLY A 4 -29.76 25.09 -10.93
C GLY A 4 -28.77 24.58 -11.95
N SER A 5 -28.01 25.49 -12.55
CA SER A 5 -27.03 25.11 -13.57
C SER A 5 -25.84 24.42 -12.94
N SER A 6 -25.47 23.26 -13.47
CA SER A 6 -24.34 22.49 -12.95
C SER A 6 -23.08 23.35 -12.94
N GLY A 7 -22.09 22.90 -12.17
CA GLY A 7 -20.84 23.63 -12.07
C GLY A 7 -19.64 22.80 -12.48
N PRO A 8 -18.99 22.16 -11.49
CA PRO A 8 -17.82 21.32 -11.73
C PRO A 8 -18.17 20.02 -12.46
N ASP A 9 -17.14 19.28 -12.86
CA ASP A 9 -17.35 18.03 -13.57
C ASP A 9 -16.40 16.95 -13.04
N PHE A 10 -16.68 15.70 -13.40
CA PHE A 10 -15.85 14.59 -12.97
C PHE A 10 -14.37 14.97 -12.95
N THR A 11 -13.60 14.31 -12.09
CA THR A 11 -12.18 14.59 -11.97
C THR A 11 -11.41 13.34 -11.54
N PRO A 12 -10.18 13.19 -12.06
CA PRO A 12 -9.33 12.05 -11.75
C PRO A 12 -8.81 12.08 -10.32
N GLN A 13 -9.36 11.22 -9.47
CA GLN A 13 -8.95 11.16 -8.08
C GLN A 13 -7.83 10.15 -7.88
N LYS A 14 -6.92 10.08 -8.83
CA LYS A 14 -5.80 9.17 -8.78
C LYS A 14 -4.69 9.70 -7.87
N PHE A 15 -3.93 8.80 -7.26
CA PHE A 15 -2.84 9.19 -6.37
C PHE A 15 -1.55 8.44 -6.73
N LYS A 16 -1.04 8.70 -7.93
CA LYS A 16 0.17 8.05 -8.40
C LYS A 16 1.30 9.07 -8.54
N GLU A 17 0.93 10.34 -8.71
CA GLU A 17 1.91 11.40 -8.87
C GLU A 17 2.49 11.82 -7.51
N LYS A 18 2.85 10.82 -6.71
CA LYS A 18 3.42 11.08 -5.39
C LYS A 18 4.82 11.66 -5.50
N THR A 19 5.34 12.17 -4.38
CA THR A 19 6.66 12.76 -4.36
C THR A 19 7.64 11.88 -3.58
N ALA A 20 8.88 11.83 -4.04
CA ALA A 20 9.91 11.04 -3.39
C ALA A 20 9.75 11.07 -1.88
N GLU A 21 9.80 12.27 -1.30
CA GLU A 21 9.66 12.43 0.15
C GLU A 21 8.52 11.56 0.68
N GLN A 22 7.35 11.69 0.06
CA GLN A 22 6.19 10.92 0.48
C GLN A 22 6.47 9.43 0.43
N LEU A 23 7.04 8.97 -0.68
CA LEU A 23 7.37 7.57 -0.85
C LEU A 23 8.38 7.11 0.20
N ARG A 24 9.58 7.70 0.15
CA ARG A 24 10.64 7.35 1.09
C ARG A 24 10.06 7.01 2.47
N VAL A 25 9.11 7.84 2.92
CA VAL A 25 8.48 7.63 4.21
C VAL A 25 7.55 6.42 4.19
N LEU A 26 6.52 6.50 3.35
CA LEU A 26 5.55 5.40 3.22
C LEU A 26 6.27 4.07 3.09
N GLN A 27 7.13 3.95 2.08
CA GLN A 27 7.87 2.71 1.85
C GLN A 27 8.55 2.24 3.13
N ALA A 28 9.11 3.18 3.88
CA ALA A 28 9.79 2.86 5.13
C ALA A 28 8.83 2.25 6.14
N SER A 29 7.57 2.70 6.09
CA SER A 29 6.55 2.22 7.01
C SER A 29 5.96 0.89 6.50
N PHE A 30 5.37 0.92 5.31
CA PHE A 30 4.77 -0.26 4.72
C PHE A 30 5.68 -1.48 4.89
N LEU A 31 6.97 -1.27 4.63
CA LEU A 31 7.95 -2.35 4.74
C LEU A 31 7.88 -3.00 6.11
N ASN A 32 8.06 -2.20 7.15
CA ASN A 32 8.01 -2.71 8.53
C ASN A 32 6.79 -3.61 8.73
N SER A 33 5.61 -3.02 8.58
CA SER A 33 4.37 -3.76 8.76
C SER A 33 3.41 -3.51 7.59
N SER A 34 3.31 -4.49 6.70
CA SER A 34 2.44 -4.37 5.53
C SER A 34 1.08 -3.80 5.93
N VAL A 35 0.49 -4.35 6.98
CA VAL A 35 -0.80 -3.90 7.46
C VAL A 35 -0.68 -2.57 8.20
N LEU A 36 -1.26 -1.52 7.62
CA LEU A 36 -1.22 -0.19 8.22
C LEU A 36 -2.06 -0.15 9.50
N THR A 37 -1.57 0.57 10.51
CA THR A 37 -2.28 0.70 11.77
C THR A 37 -2.72 2.15 12.02
N ASP A 38 -3.72 2.31 12.86
CA ASP A 38 -4.24 3.65 13.18
C ASP A 38 -3.10 4.57 13.60
N GLU A 39 -2.17 4.04 14.39
CA GLU A 39 -1.04 4.82 14.87
C GLU A 39 -0.13 5.23 13.70
N GLU A 40 0.56 4.26 13.14
CA GLU A 40 1.46 4.51 12.02
C GLU A 40 0.81 5.43 10.99
N LEU A 41 -0.43 5.13 10.65
CA LEU A 41 -1.17 5.93 9.67
C LEU A 41 -1.08 7.42 10.01
N ASN A 42 -1.43 7.77 11.25
CA ASN A 42 -1.38 9.15 11.70
C ASN A 42 -0.02 9.79 11.38
N ARG A 43 1.03 9.25 11.99
CA ARG A 43 2.38 9.75 11.76
C ARG A 43 2.58 10.15 10.30
N LEU A 44 2.38 9.19 9.41
CA LEU A 44 2.53 9.43 7.98
C LEU A 44 1.61 10.56 7.51
N ARG A 45 0.36 10.52 7.96
CA ARG A 45 -0.62 11.53 7.59
C ARG A 45 -0.01 12.93 7.69
N ALA A 46 0.98 13.08 8.55
CA ALA A 46 1.65 14.37 8.74
C ALA A 46 2.92 14.45 7.90
N GLN A 47 3.76 13.43 8.01
CA GLN A 47 5.02 13.40 7.26
C GLN A 47 4.76 13.53 5.77
N THR A 48 3.94 12.63 5.23
CA THR A 48 3.62 12.65 3.81
C THR A 48 2.61 13.76 3.48
N LYS A 49 1.87 14.18 4.50
CA LYS A 49 0.87 15.23 4.33
C LYS A 49 -0.25 14.77 3.39
N LEU A 50 -0.65 13.52 3.52
CA LEU A 50 -1.71 12.96 2.70
C LEU A 50 -2.87 12.48 3.55
N THR A 51 -3.98 12.13 2.90
CA THR A 51 -5.16 11.65 3.60
C THR A 51 -5.06 10.17 3.92
N ARG A 52 -5.74 9.75 4.98
CA ARG A 52 -5.72 8.35 5.39
C ARG A 52 -6.18 7.44 4.26
N ARG A 53 -7.15 7.91 3.48
CA ARG A 53 -7.67 7.13 2.37
C ARG A 53 -6.58 6.80 1.37
N GLU A 54 -5.72 7.78 1.08
CA GLU A 54 -4.63 7.59 0.15
C GLU A 54 -3.58 6.64 0.71
N ILE A 55 -3.04 6.98 1.88
CA ILE A 55 -2.04 6.15 2.53
C ILE A 55 -2.52 4.70 2.65
N ASP A 56 -3.64 4.51 3.32
CA ASP A 56 -4.20 3.18 3.52
C ASP A 56 -4.22 2.41 2.20
N ALA A 57 -4.73 3.04 1.15
CA ALA A 57 -4.81 2.41 -0.16
C ALA A 57 -3.42 2.07 -0.68
N TRP A 58 -2.54 3.05 -0.69
CA TRP A 58 -1.17 2.85 -1.16
C TRP A 58 -0.58 1.55 -0.60
N PHE A 59 -0.60 1.43 0.72
CA PHE A 59 -0.07 0.24 1.39
C PHE A 59 -0.67 -1.03 0.78
N THR A 60 -1.98 -1.18 0.90
CA THR A 60 -2.67 -2.35 0.37
C THR A 60 -2.26 -2.61 -1.08
N GLU A 61 -1.96 -1.54 -1.81
CA GLU A 61 -1.56 -1.66 -3.21
C GLU A 61 -0.15 -2.26 -3.32
N LYS A 62 0.78 -1.70 -2.56
CA LYS A 62 2.16 -2.16 -2.57
C LYS A 62 2.23 -3.68 -2.39
N LYS A 63 1.41 -4.19 -1.47
CA LYS A 63 1.35 -5.63 -1.20
C LYS A 63 1.48 -6.43 -2.49
N LYS A 64 0.81 -5.96 -3.54
CA LYS A 64 0.84 -6.63 -4.84
C LYS A 64 2.24 -6.54 -5.46
N SER A 65 2.77 -5.34 -5.53
CA SER A 65 4.10 -5.12 -6.11
C SER A 65 5.11 -6.12 -5.53
N LYS A 66 4.92 -6.48 -4.27
CA LYS A 66 5.81 -7.42 -3.60
C LYS A 66 5.93 -8.71 -4.41
N ALA A 67 4.82 -9.14 -5.01
CA ALA A 67 4.80 -10.35 -5.81
C ALA A 67 6.07 -10.46 -6.67
N LEU A 68 6.33 -9.42 -7.46
CA LEU A 68 7.50 -9.40 -8.33
C LEU A 68 8.72 -9.94 -7.60
N LYS A 69 9.47 -10.82 -8.28
CA LYS A 69 10.67 -11.41 -7.70
C LYS A 69 10.35 -12.12 -6.39
N GLU A 70 9.24 -12.85 -6.37
CA GLU A 70 8.83 -13.59 -5.18
C GLU A 70 10.04 -14.18 -4.46
N GLU A 71 10.11 -13.96 -3.14
CA GLU A 71 11.20 -14.48 -2.34
C GLU A 71 11.13 -16.00 -2.22
N LYS A 72 9.93 -16.49 -1.93
CA LYS A 72 9.71 -17.93 -1.78
C LYS A 72 9.65 -18.61 -3.16
N MET A 73 10.02 -19.88 -3.20
CA MET A 73 9.99 -20.65 -4.43
C MET A 73 9.72 -22.13 -4.16
N GLU A 74 9.56 -22.90 -5.23
CA GLU A 74 9.29 -24.33 -5.10
C GLU A 74 10.58 -25.11 -4.87
N ILE A 75 10.74 -25.64 -3.67
CA ILE A 75 11.94 -26.41 -3.33
C ILE A 75 11.56 -27.75 -2.73
N ASP A 76 12.23 -28.81 -3.18
CA ASP A 76 11.98 -30.16 -2.69
C ASP A 76 12.77 -30.43 -1.41
N GLU A 77 12.07 -30.84 -0.35
CA GLU A 77 12.72 -31.13 0.92
C GLU A 77 11.75 -31.86 1.85
N SER A 78 12.27 -32.85 2.57
CA SER A 78 11.46 -33.63 3.50
C SER A 78 10.98 -32.77 4.65
N ASN A 79 10.14 -33.35 5.50
CA ASN A 79 9.60 -32.63 6.65
C ASN A 79 9.21 -33.59 7.77
N ALA A 80 9.07 -33.07 8.98
CA ALA A 80 8.70 -33.88 10.13
C ALA A 80 8.42 -33.01 11.35
N GLY A 81 7.89 -33.63 12.40
CA GLY A 81 7.58 -32.90 13.61
C GLY A 81 7.15 -33.81 14.75
N SER A 82 6.05 -33.46 15.41
CA SER A 82 5.53 -34.24 16.52
C SER A 82 4.07 -33.89 16.80
N SER A 83 3.32 -34.87 17.30
CA SER A 83 1.91 -34.67 17.61
C SER A 83 1.64 -34.92 19.09
N SER A 84 0.39 -34.71 19.49
CA SER A 84 0.00 -34.91 20.88
C SER A 84 -1.47 -35.31 20.98
N GLY A 85 -1.91 -35.64 22.19
CA GLY A 85 -3.29 -36.03 22.41
C GLY A 85 -3.67 -36.05 23.87
N PRO A 86 -4.03 -34.88 24.41
CA PRO A 86 -4.43 -34.73 25.81
C PRO A 86 -5.77 -35.39 26.11
N SER A 87 -6.14 -35.43 27.38
CA SER A 87 -7.40 -36.04 27.80
C SER A 87 -7.71 -35.70 29.25
N SER A 88 -8.99 -35.48 29.54
CA SER A 88 -9.42 -35.15 30.90
C SER A 88 -10.77 -35.79 31.21
N GLY A 89 -10.84 -36.51 32.33
CA GLY A 89 -12.09 -37.15 32.71
C GLY A 89 -12.15 -38.60 32.26
N GLY A 1 -40.45 10.88 10.87
CA GLY A 1 -39.37 11.43 11.66
C GLY A 1 -38.01 10.95 11.19
N SER A 2 -37.55 11.47 10.06
CA SER A 2 -36.25 11.09 9.51
C SER A 2 -35.55 12.28 8.88
N SER A 3 -34.39 12.64 9.43
CA SER A 3 -33.63 13.77 8.92
C SER A 3 -32.21 13.35 8.56
N GLY A 4 -31.80 13.64 7.34
CA GLY A 4 -30.47 13.28 6.89
C GLY A 4 -30.48 12.43 5.63
N SER A 5 -29.30 12.16 5.09
CA SER A 5 -29.19 11.37 3.87
C SER A 5 -27.77 10.82 3.71
N SER A 6 -27.65 9.71 2.99
CA SER A 6 -26.36 9.08 2.77
C SER A 6 -26.07 8.96 1.27
N GLY A 7 -25.31 9.92 0.74
CA GLY A 7 -24.97 9.90 -0.67
C GLY A 7 -23.52 9.50 -0.90
N PRO A 8 -22.99 9.88 -2.07
CA PRO A 8 -21.60 9.57 -2.45
C PRO A 8 -20.59 10.35 -1.62
N ASP A 9 -19.40 9.75 -1.44
CA ASP A 9 -18.35 10.39 -0.66
C ASP A 9 -17.04 10.42 -1.46
N PHE A 10 -16.58 9.25 -1.87
CA PHE A 10 -15.34 9.14 -2.63
C PHE A 10 -15.62 8.61 -4.03
N THR A 11 -14.68 8.87 -4.94
CA THR A 11 -14.81 8.42 -6.32
C THR A 11 -13.61 7.58 -6.75
N PRO A 12 -13.85 6.61 -7.64
CA PRO A 12 -12.81 5.72 -8.16
C PRO A 12 -11.82 6.45 -9.06
N GLN A 13 -10.70 6.86 -8.48
CA GLN A 13 -9.67 7.57 -9.24
C GLN A 13 -8.28 7.21 -8.72
N LYS A 14 -7.35 6.99 -9.65
CA LYS A 14 -5.98 6.65 -9.29
C LYS A 14 -5.22 7.88 -8.78
N PHE A 15 -4.45 7.68 -7.72
CA PHE A 15 -3.67 8.77 -7.13
C PHE A 15 -2.17 8.54 -7.34
N LYS A 16 -1.58 9.28 -8.26
CA LYS A 16 -0.16 9.15 -8.55
C LYS A 16 0.53 10.52 -8.51
N GLU A 17 0.23 11.30 -7.47
CA GLU A 17 0.82 12.62 -7.32
C GLU A 17 1.70 12.69 -6.08
N LYS A 18 2.27 11.54 -5.70
CA LYS A 18 3.13 11.47 -4.54
C LYS A 18 4.54 11.96 -4.87
N THR A 19 5.24 12.46 -3.87
CA THR A 19 6.60 12.96 -4.05
C THR A 19 7.62 12.02 -3.41
N ALA A 20 8.86 12.09 -3.90
CA ALA A 20 9.93 11.26 -3.38
C ALA A 20 9.87 11.16 -1.85
N GLU A 21 9.69 12.31 -1.20
CA GLU A 21 9.62 12.37 0.25
C GLU A 21 8.45 11.53 0.76
N GLN A 22 7.28 11.73 0.18
CA GLN A 22 6.09 10.99 0.58
C GLN A 22 6.32 9.49 0.46
N LEU A 23 6.90 9.07 -0.65
CA LEU A 23 7.18 7.66 -0.90
C LEU A 23 8.25 7.14 0.06
N ARG A 24 9.44 7.73 0.00
CA ARG A 24 10.54 7.32 0.86
C ARG A 24 10.03 6.93 2.25
N VAL A 25 9.10 7.71 2.77
CA VAL A 25 8.52 7.46 4.08
C VAL A 25 7.56 6.26 4.04
N LEU A 26 6.55 6.37 3.19
CA LEU A 26 5.56 5.30 3.07
C LEU A 26 6.24 3.95 2.85
N GLN A 27 7.08 3.87 1.82
CA GLN A 27 7.79 2.64 1.52
C GLN A 27 8.56 2.14 2.73
N ALA A 28 9.07 3.08 3.53
CA ALA A 28 9.83 2.72 4.73
C ALA A 28 8.90 2.20 5.83
N SER A 29 7.67 2.67 5.82
CA SER A 29 6.69 2.24 6.82
C SER A 29 6.03 0.93 6.42
N PHE A 30 5.35 0.95 5.27
CA PHE A 30 4.66 -0.24 4.77
C PHE A 30 5.53 -1.48 4.96
N LEU A 31 6.84 -1.32 4.77
CA LEU A 31 7.77 -2.42 4.92
C LEU A 31 7.70 -3.02 6.32
N ASN A 32 8.06 -2.22 7.32
CA ASN A 32 8.04 -2.66 8.71
C ASN A 32 6.86 -3.60 8.96
N SER A 33 5.68 -3.20 8.47
CA SER A 33 4.48 -4.00 8.65
C SER A 33 3.47 -3.73 7.53
N SER A 34 3.17 -4.74 6.75
CA SER A 34 2.22 -4.61 5.65
C SER A 34 0.94 -3.93 6.12
N VAL A 35 0.39 -4.42 7.22
CA VAL A 35 -0.84 -3.87 7.78
C VAL A 35 -0.61 -2.46 8.33
N LEU A 36 -1.62 -1.62 8.22
CA LEU A 36 -1.53 -0.24 8.71
C LEU A 36 -2.18 -0.11 10.09
N THR A 37 -1.48 0.56 11.00
CA THR A 37 -1.99 0.77 12.35
C THR A 37 -2.38 2.22 12.58
N ASP A 38 -3.53 2.43 13.20
CA ASP A 38 -4.01 3.78 13.49
C ASP A 38 -2.85 4.71 13.81
N GLU A 39 -1.97 4.27 14.71
CA GLU A 39 -0.82 5.08 15.11
C GLU A 39 0.04 5.42 13.90
N GLU A 40 0.54 4.39 13.22
CA GLU A 40 1.38 4.58 12.04
C GLU A 40 0.71 5.52 11.05
N LEU A 41 -0.58 5.30 10.80
CA LEU A 41 -1.33 6.12 9.86
C LEU A 41 -1.26 7.59 10.25
N ASN A 42 -1.56 7.88 11.52
CA ASN A 42 -1.53 9.24 12.02
C ASN A 42 -0.22 9.94 11.65
N ARG A 43 0.90 9.34 12.07
CA ARG A 43 2.21 9.90 11.79
C ARG A 43 2.37 10.17 10.30
N LEU A 44 2.27 9.11 9.49
CA LEU A 44 2.41 9.24 8.04
C LEU A 44 1.51 10.35 7.51
N ARG A 45 0.31 10.46 8.06
CA ARG A 45 -0.64 11.49 7.64
C ARG A 45 -0.04 12.88 7.78
N ALA A 46 0.86 13.03 8.75
CA ALA A 46 1.52 14.31 8.99
C ALA A 46 2.86 14.39 8.27
N GLN A 47 3.55 13.25 8.18
CA GLN A 47 4.84 13.18 7.53
C GLN A 47 4.70 13.40 6.01
N THR A 48 3.87 12.57 5.38
CA THR A 48 3.66 12.66 3.94
C THR A 48 2.58 13.70 3.63
N LYS A 49 1.98 14.26 4.67
CA LYS A 49 0.93 15.27 4.50
C LYS A 49 -0.18 14.74 3.60
N LEU A 50 -0.39 13.43 3.61
CA LEU A 50 -1.43 12.80 2.81
C LEU A 50 -2.66 12.52 3.65
N THR A 51 -3.64 11.85 3.04
CA THR A 51 -4.89 11.52 3.73
C THR A 51 -5.01 10.01 3.93
N ARG A 52 -5.59 9.62 5.06
CA ARG A 52 -5.76 8.21 5.38
C ARG A 52 -6.05 7.40 4.12
N ARG A 53 -6.97 7.91 3.30
CA ARG A 53 -7.34 7.23 2.06
C ARG A 53 -6.10 6.94 1.21
N GLU A 54 -5.39 7.98 0.82
CA GLU A 54 -4.18 7.83 0.02
C GLU A 54 -3.24 6.80 0.63
N ILE A 55 -2.78 7.08 1.85
CA ILE A 55 -1.87 6.19 2.55
C ILE A 55 -2.45 4.78 2.64
N ASP A 56 -3.54 4.64 3.38
CA ASP A 56 -4.19 3.34 3.54
C ASP A 56 -4.24 2.59 2.21
N ALA A 57 -4.88 3.19 1.21
CA ALA A 57 -5.00 2.58 -0.10
C ALA A 57 -3.64 2.14 -0.62
N TRP A 58 -2.69 3.07 -0.66
CA TRP A 58 -1.35 2.78 -1.14
C TRP A 58 -0.83 1.46 -0.56
N PHE A 59 -0.64 1.44 0.76
CA PHE A 59 -0.15 0.25 1.44
C PHE A 59 -0.69 -1.02 0.77
N THR A 60 -1.99 -1.01 0.50
CA THR A 60 -2.64 -2.16 -0.13
C THR A 60 -1.91 -2.57 -1.40
N GLU A 61 -2.02 -1.75 -2.44
CA GLU A 61 -1.36 -2.03 -3.71
C GLU A 61 0.04 -2.57 -3.50
N LYS A 62 0.83 -1.86 -2.69
CA LYS A 62 2.19 -2.27 -2.40
C LYS A 62 2.29 -3.78 -2.24
N LYS A 63 1.42 -4.35 -1.42
CA LYS A 63 1.40 -5.79 -1.19
C LYS A 63 1.59 -6.55 -2.49
N LYS A 64 0.92 -6.09 -3.55
CA LYS A 64 1.02 -6.73 -4.85
C LYS A 64 2.46 -7.12 -5.16
N SER A 65 3.39 -6.23 -4.84
CA SER A 65 4.81 -6.47 -5.08
C SER A 65 5.24 -7.81 -4.49
N LYS A 66 4.79 -8.06 -3.26
CA LYS A 66 5.13 -9.31 -2.57
C LYS A 66 4.81 -10.52 -3.44
N ALA A 67 3.97 -10.30 -4.45
CA ALA A 67 3.58 -11.38 -5.36
C ALA A 67 4.43 -11.36 -6.62
N LEU A 68 5.63 -10.81 -6.51
CA LEU A 68 6.55 -10.74 -7.64
C LEU A 68 7.40 -12.00 -7.75
N LYS A 69 8.14 -12.12 -8.85
CA LYS A 69 9.00 -13.27 -9.07
C LYS A 69 8.19 -14.56 -9.12
N GLU A 70 6.97 -14.46 -9.65
CA GLU A 70 6.08 -15.62 -9.76
C GLU A 70 6.58 -16.57 -10.84
N GLU A 71 6.30 -17.86 -10.66
CA GLU A 71 6.71 -18.87 -11.62
C GLU A 71 6.02 -18.67 -12.97
N LYS A 72 4.69 -18.68 -12.94
CA LYS A 72 3.91 -18.49 -14.16
C LYS A 72 3.46 -17.04 -14.30
N MET A 73 4.26 -16.26 -15.03
CA MET A 73 3.93 -14.85 -15.25
C MET A 73 4.84 -14.25 -16.32
N GLU A 74 4.51 -13.04 -16.75
CA GLU A 74 5.28 -12.36 -17.78
C GLU A 74 4.80 -10.92 -17.97
N ILE A 75 5.60 -9.96 -17.54
CA ILE A 75 5.25 -8.55 -17.67
C ILE A 75 6.42 -7.74 -18.20
N ASP A 76 6.17 -6.96 -19.25
CA ASP A 76 7.20 -6.13 -19.86
C ASP A 76 7.48 -4.90 -19.00
N GLU A 77 8.46 -5.01 -18.11
CA GLU A 77 8.81 -3.90 -17.23
C GLU A 77 10.23 -4.09 -16.68
N SER A 78 10.85 -2.98 -16.27
CA SER A 78 12.19 -3.01 -15.73
C SER A 78 12.22 -2.49 -14.30
N ASN A 79 12.27 -3.41 -13.34
CA ASN A 79 12.29 -3.04 -11.93
C ASN A 79 13.73 -2.97 -11.42
N ALA A 80 13.96 -2.09 -10.44
CA ALA A 80 15.29 -1.93 -9.87
C ALA A 80 15.22 -1.15 -8.56
N GLY A 81 16.00 -1.58 -7.58
CA GLY A 81 16.01 -0.91 -6.29
C GLY A 81 17.35 -1.02 -5.59
N SER A 82 17.65 -0.05 -4.74
CA SER A 82 18.93 -0.04 -4.01
C SER A 82 18.70 0.36 -2.56
N SER A 83 19.74 0.19 -1.74
CA SER A 83 19.67 0.53 -0.33
C SER A 83 21.06 0.71 0.27
N SER A 84 21.17 1.58 1.26
CA SER A 84 22.44 1.86 1.91
C SER A 84 22.24 2.65 3.20
N GLY A 85 23.33 2.90 3.91
CA GLY A 85 23.25 3.64 5.16
C GLY A 85 24.62 3.90 5.77
N PRO A 86 25.37 4.84 5.17
CA PRO A 86 26.71 5.20 5.65
C PRO A 86 26.68 5.92 7.00
N SER A 87 27.85 6.33 7.47
CA SER A 87 27.95 7.04 8.74
C SER A 87 29.26 7.82 8.82
N SER A 88 29.35 8.71 9.81
CA SER A 88 30.54 9.53 9.99
C SER A 88 30.65 9.99 11.44
N GLY A 89 31.74 10.72 11.74
CA GLY A 89 31.94 11.21 13.08
C GLY A 89 33.38 11.64 13.33
N GLY A 1 -5.38 26.05 5.44
CA GLY A 1 -5.57 26.83 4.23
C GLY A 1 -6.90 26.51 3.54
N SER A 2 -6.94 26.72 2.23
CA SER A 2 -8.16 26.46 1.46
C SER A 2 -8.12 25.06 0.83
N SER A 3 -7.94 24.06 1.68
CA SER A 3 -7.87 22.67 1.21
C SER A 3 -8.61 21.74 2.17
N GLY A 4 -9.33 20.78 1.61
CA GLY A 4 -10.08 19.83 2.42
C GLY A 4 -11.41 19.46 1.80
N SER A 5 -11.36 18.78 0.65
CA SER A 5 -12.57 18.36 -0.04
C SER A 5 -12.63 16.85 -0.15
N SER A 6 -13.78 16.28 0.20
CA SER A 6 -13.97 14.84 0.14
C SER A 6 -13.67 14.31 -1.26
N GLY A 7 -13.34 13.02 -1.34
CA GLY A 7 -13.03 12.41 -2.62
C GLY A 7 -14.09 12.70 -3.66
N PRO A 8 -13.67 12.79 -4.94
CA PRO A 8 -14.57 13.06 -6.05
C PRO A 8 -15.50 11.88 -6.35
N ASP A 9 -16.48 12.10 -7.21
CA ASP A 9 -17.43 11.06 -7.57
C ASP A 9 -17.04 10.41 -8.90
N PHE A 10 -16.71 11.24 -9.88
CA PHE A 10 -16.32 10.75 -11.20
C PHE A 10 -15.24 9.67 -11.08
N THR A 11 -15.03 8.93 -12.17
CA THR A 11 -14.03 7.88 -12.19
C THR A 11 -12.73 8.33 -11.52
N PRO A 12 -12.09 7.42 -10.80
CA PRO A 12 -10.83 7.70 -10.11
C PRO A 12 -9.67 7.90 -11.07
N GLN A 13 -8.47 8.13 -10.52
CA GLN A 13 -7.28 8.34 -11.34
C GLN A 13 -6.07 7.65 -10.72
N LYS A 14 -5.12 7.26 -11.57
CA LYS A 14 -3.92 6.58 -11.11
C LYS A 14 -3.31 7.31 -9.91
N PHE A 15 -2.77 6.54 -8.96
CA PHE A 15 -2.16 7.11 -7.77
C PHE A 15 -0.63 7.15 -7.90
N LYS A 16 -0.16 7.42 -9.11
CA LYS A 16 1.27 7.50 -9.37
C LYS A 16 1.73 8.94 -9.54
N GLU A 17 1.22 9.83 -8.68
CA GLU A 17 1.58 11.23 -8.74
C GLU A 17 2.11 11.72 -7.40
N LYS A 18 2.86 10.85 -6.72
CA LYS A 18 3.43 11.18 -5.42
C LYS A 18 4.87 11.69 -5.57
N THR A 19 5.38 12.34 -4.54
CA THR A 19 6.74 12.86 -4.55
C THR A 19 7.70 11.94 -3.80
N ALA A 20 8.98 12.05 -4.12
CA ALA A 20 9.99 11.23 -3.47
C ALA A 20 9.76 11.17 -1.95
N GLU A 21 9.82 12.32 -1.30
CA GLU A 21 9.62 12.39 0.14
C GLU A 21 8.46 11.51 0.58
N GLN A 22 7.30 11.73 -0.05
CA GLN A 22 6.11 10.95 0.28
C GLN A 22 6.39 9.46 0.20
N LEU A 23 7.17 9.05 -0.79
CA LEU A 23 7.52 7.65 -0.97
C LEU A 23 8.55 7.21 0.06
N ARG A 24 9.75 7.77 -0.04
CA ARG A 24 10.83 7.43 0.89
C ARG A 24 10.27 7.19 2.29
N VAL A 25 9.26 7.95 2.67
CA VAL A 25 8.64 7.80 3.98
C VAL A 25 7.68 6.61 4.02
N LEU A 26 6.66 6.65 3.16
CA LEU A 26 5.68 5.59 3.09
C LEU A 26 6.37 4.22 2.97
N GLN A 27 7.24 4.10 1.97
CA GLN A 27 7.96 2.85 1.74
C GLN A 27 8.66 2.39 3.01
N ALA A 28 9.19 3.34 3.77
CA ALA A 28 9.89 3.03 5.01
C ALA A 28 8.92 2.47 6.06
N SER A 29 7.64 2.83 5.92
CA SER A 29 6.63 2.37 6.86
C SER A 29 6.07 1.01 6.43
N PHE A 30 5.41 0.99 5.27
CA PHE A 30 4.83 -0.23 4.75
C PHE A 30 5.80 -1.40 4.88
N LEU A 31 7.08 -1.14 4.58
CA LEU A 31 8.11 -2.17 4.67
C LEU A 31 8.09 -2.85 6.02
N ASN A 32 8.30 -2.07 7.08
CA ASN A 32 8.31 -2.60 8.44
C ASN A 32 7.11 -3.53 8.66
N SER A 33 5.95 -3.10 8.20
CA SER A 33 4.73 -3.90 8.36
C SER A 33 3.79 -3.69 7.17
N SER A 34 3.33 -4.79 6.60
CA SER A 34 2.43 -4.75 5.46
C SER A 34 1.06 -4.21 5.87
N VAL A 35 0.69 -4.44 7.12
CA VAL A 35 -0.59 -3.98 7.64
C VAL A 35 -0.46 -2.64 8.35
N LEU A 36 -1.16 -1.64 7.83
CA LEU A 36 -1.12 -0.30 8.42
C LEU A 36 -1.93 -0.23 9.70
N THR A 37 -1.33 0.32 10.76
CA THR A 37 -2.01 0.44 12.04
C THR A 37 -2.56 1.84 12.25
N ASP A 38 -3.71 1.92 12.90
CA ASP A 38 -4.35 3.21 13.17
C ASP A 38 -3.32 4.25 13.59
N GLU A 39 -2.39 3.84 14.44
CA GLU A 39 -1.34 4.74 14.93
C GLU A 39 -0.41 5.16 13.80
N GLU A 40 0.26 4.18 13.21
CA GLU A 40 1.18 4.45 12.10
C GLU A 40 0.54 5.37 11.07
N LEU A 41 -0.67 5.01 10.64
CA LEU A 41 -1.39 5.80 9.65
C LEU A 41 -1.26 7.29 9.94
N ASN A 42 -1.65 7.69 11.14
CA ASN A 42 -1.58 9.10 11.54
C ASN A 42 -0.16 9.64 11.37
N ARG A 43 0.80 8.99 12.01
CA ARG A 43 2.20 9.40 11.92
C ARG A 43 2.55 9.82 10.49
N LEU A 44 2.11 9.02 9.52
CA LEU A 44 2.38 9.29 8.12
C LEU A 44 1.54 10.48 7.62
N ARG A 45 0.25 10.44 7.92
CA ARG A 45 -0.66 11.50 7.51
C ARG A 45 -0.04 12.87 7.77
N ALA A 46 0.88 12.93 8.71
CA ALA A 46 1.56 14.17 9.06
C ALA A 46 2.90 14.29 8.35
N GLN A 47 3.49 13.15 8.01
CA GLN A 47 4.78 13.12 7.33
C GLN A 47 4.60 13.36 5.83
N THR A 48 3.73 12.58 5.21
CA THR A 48 3.47 12.69 3.78
C THR A 48 2.41 13.76 3.49
N LYS A 49 1.91 14.37 4.56
CA LYS A 49 0.89 15.42 4.42
C LYS A 49 -0.22 14.97 3.48
N LEU A 50 -0.44 13.66 3.42
CA LEU A 50 -1.48 13.10 2.55
C LEU A 50 -2.72 12.75 3.36
N THR A 51 -3.73 12.21 2.68
CA THR A 51 -4.97 11.82 3.33
C THR A 51 -4.96 10.35 3.73
N ARG A 52 -5.55 10.05 4.88
CA ARG A 52 -5.60 8.67 5.37
C ARG A 52 -5.95 7.70 4.25
N ARG A 53 -6.79 8.16 3.33
CA ARG A 53 -7.21 7.33 2.19
C ARG A 53 -6.02 7.01 1.29
N GLU A 54 -5.30 8.06 0.88
CA GLU A 54 -4.15 7.88 0.01
C GLU A 54 -3.16 6.88 0.61
N ILE A 55 -2.87 7.04 1.90
CA ILE A 55 -1.94 6.15 2.58
C ILE A 55 -2.50 4.73 2.68
N ASP A 56 -3.53 4.56 3.49
CA ASP A 56 -4.17 3.25 3.67
C ASP A 56 -4.24 2.50 2.34
N ALA A 57 -4.71 3.18 1.31
CA ALA A 57 -4.82 2.57 -0.01
C ALA A 57 -3.45 2.19 -0.56
N TRP A 58 -2.51 3.13 -0.51
CA TRP A 58 -1.16 2.89 -1.00
C TRP A 58 -0.60 1.59 -0.44
N PHE A 59 -0.55 1.49 0.88
CA PHE A 59 -0.03 0.29 1.54
C PHE A 59 -0.66 -0.96 0.94
N THR A 60 -1.97 -0.91 0.71
CA THR A 60 -2.68 -2.05 0.13
C THR A 60 -2.03 -2.52 -1.16
N GLU A 61 -2.08 -1.68 -2.19
CA GLU A 61 -1.51 -2.00 -3.48
C GLU A 61 -0.11 -2.60 -3.31
N LYS A 62 0.71 -1.94 -2.51
CA LYS A 62 2.08 -2.41 -2.27
C LYS A 62 2.10 -3.90 -1.97
N LYS A 63 1.07 -4.38 -1.26
CA LYS A 63 0.97 -5.79 -0.91
C LYS A 63 1.06 -6.67 -2.16
N LYS A 64 0.34 -6.26 -3.21
CA LYS A 64 0.33 -7.01 -4.47
C LYS A 64 1.74 -7.15 -5.01
N SER A 65 2.45 -6.03 -5.15
CA SER A 65 3.81 -6.03 -5.66
C SER A 65 4.66 -7.07 -4.95
N LYS A 66 4.43 -7.23 -3.66
CA LYS A 66 5.17 -8.20 -2.86
C LYS A 66 4.82 -9.62 -3.25
N ALA A 67 3.55 -9.83 -3.59
CA ALA A 67 3.08 -11.16 -3.99
C ALA A 67 4.13 -11.89 -4.80
N LEU A 68 4.71 -11.19 -5.78
CA LEU A 68 5.75 -11.78 -6.64
C LEU A 68 6.86 -12.38 -5.79
N LYS A 69 7.52 -13.40 -6.35
CA LYS A 69 8.62 -14.06 -5.66
C LYS A 69 9.78 -13.10 -5.41
N GLU A 70 10.10 -12.89 -4.15
CA GLU A 70 11.18 -11.98 -3.77
C GLU A 70 12.46 -12.34 -4.53
N GLU A 71 13.30 -11.33 -4.75
CA GLU A 71 14.55 -11.53 -5.47
C GLU A 71 15.46 -12.50 -4.71
N LYS A 72 16.42 -13.07 -5.43
CA LYS A 72 17.36 -14.01 -4.83
C LYS A 72 17.72 -13.60 -3.40
N MET A 73 17.67 -14.57 -2.49
CA MET A 73 17.99 -14.30 -1.09
C MET A 73 19.32 -14.92 -0.71
N GLU A 74 19.76 -14.67 0.53
CA GLU A 74 21.03 -15.21 1.01
C GLU A 74 20.95 -16.73 1.15
N ILE A 75 21.68 -17.44 0.30
CA ILE A 75 21.71 -18.90 0.34
C ILE A 75 23.06 -19.41 0.81
N ASP A 76 23.04 -20.54 1.52
CA ASP A 76 24.27 -21.14 2.02
C ASP A 76 24.84 -22.14 1.01
N GLU A 77 26.09 -21.90 0.61
CA GLU A 77 26.76 -22.76 -0.36
C GLU A 77 28.27 -22.71 -0.17
N SER A 78 28.96 -23.72 -0.71
CA SER A 78 30.41 -23.80 -0.60
C SER A 78 31.07 -22.62 -1.31
N ASN A 79 31.55 -21.65 -0.53
CA ASN A 79 32.20 -20.47 -1.09
C ASN A 79 33.09 -19.81 -0.04
N ALA A 80 33.98 -18.94 -0.50
CA ALA A 80 34.89 -18.23 0.40
C ALA A 80 34.37 -16.83 0.72
N GLY A 81 34.14 -16.57 2.01
CA GLY A 81 33.64 -15.27 2.42
C GLY A 81 34.59 -14.56 3.36
N SER A 82 34.05 -13.60 4.11
CA SER A 82 34.86 -12.83 5.06
C SER A 82 33.98 -12.22 6.14
N SER A 83 34.58 -11.99 7.31
CA SER A 83 33.85 -11.41 8.44
C SER A 83 34.81 -10.69 9.38
N SER A 84 34.56 -9.39 9.59
CA SER A 84 35.40 -8.59 10.47
C SER A 84 34.67 -8.28 11.77
N GLY A 85 33.49 -7.67 11.66
CA GLY A 85 32.73 -7.33 12.84
C GLY A 85 33.36 -6.21 13.64
N PRO A 86 32.51 -5.42 14.33
CA PRO A 86 32.97 -4.29 15.15
C PRO A 86 33.72 -4.75 16.40
N SER A 87 34.40 -3.82 17.04
CA SER A 87 35.16 -4.13 18.25
C SER A 87 35.00 -3.02 19.29
N SER A 88 35.56 -3.25 20.47
CA SER A 88 35.47 -2.27 21.56
C SER A 88 36.68 -2.38 22.49
N GLY A 89 37.28 -1.25 22.82
CA GLY A 89 38.44 -1.25 23.70
C GLY A 89 38.29 -0.26 24.84
N GLY A 1 -31.45 -9.14 0.74
CA GLY A 1 -31.68 -7.71 0.69
C GLY A 1 -30.64 -6.93 1.47
N SER A 2 -31.11 -5.96 2.27
CA SER A 2 -30.21 -5.14 3.07
C SER A 2 -29.15 -4.48 2.18
N SER A 3 -29.58 -3.97 1.04
CA SER A 3 -28.67 -3.31 0.11
C SER A 3 -28.98 -1.82 0.00
N GLY A 4 -27.95 -1.03 -0.27
CA GLY A 4 -28.13 0.41 -0.39
C GLY A 4 -27.22 1.02 -1.45
N SER A 5 -27.70 2.08 -2.09
CA SER A 5 -26.92 2.75 -3.13
C SER A 5 -26.37 4.08 -2.62
N SER A 6 -25.21 4.02 -1.98
CA SER A 6 -24.57 5.21 -1.44
C SER A 6 -23.10 5.27 -1.84
N GLY A 7 -22.67 6.41 -2.36
CA GLY A 7 -21.28 6.57 -2.77
C GLY A 7 -21.12 7.61 -3.86
N PRO A 8 -21.06 8.88 -3.46
CA PRO A 8 -20.90 10.00 -4.40
C PRO A 8 -19.52 10.02 -5.05
N ASP A 9 -18.51 9.59 -4.30
CA ASP A 9 -17.14 9.56 -4.79
C ASP A 9 -16.64 8.12 -4.93
N PHE A 10 -17.57 7.20 -5.11
CA PHE A 10 -17.22 5.78 -5.25
C PHE A 10 -15.92 5.62 -6.03
N THR A 11 -15.92 6.06 -7.29
CA THR A 11 -14.74 5.96 -8.13
C THR A 11 -13.57 6.73 -7.54
N PRO A 12 -12.35 6.23 -7.77
CA PRO A 12 -11.13 6.86 -7.28
C PRO A 12 -10.83 8.18 -7.98
N GLN A 13 -10.08 9.05 -7.31
CA GLN A 13 -9.73 10.34 -7.86
C GLN A 13 -8.45 10.25 -8.68
N LYS A 14 -8.31 9.18 -9.45
CA LYS A 14 -7.14 8.96 -10.28
C LYS A 14 -5.89 9.51 -9.59
N PHE A 15 -5.78 9.27 -8.29
CA PHE A 15 -4.63 9.73 -7.52
C PHE A 15 -3.53 8.69 -7.49
N LYS A 16 -2.82 8.55 -8.61
CA LYS A 16 -1.74 7.58 -8.71
C LYS A 16 -0.39 8.27 -8.87
N GLU A 17 -0.20 9.38 -8.14
CA GLU A 17 1.04 10.14 -8.20
C GLU A 17 1.51 10.53 -6.80
N LYS A 18 2.81 10.47 -6.58
CA LYS A 18 3.39 10.83 -5.29
C LYS A 18 4.79 11.40 -5.45
N THR A 19 5.25 12.12 -4.44
CA THR A 19 6.58 12.73 -4.47
C THR A 19 7.59 11.88 -3.72
N ALA A 20 8.85 11.94 -4.15
CA ALA A 20 9.91 11.18 -3.51
C ALA A 20 9.77 11.21 -1.99
N GLU A 21 9.94 12.39 -1.41
CA GLU A 21 9.83 12.54 0.03
C GLU A 21 8.72 11.67 0.60
N GLN A 22 7.51 11.84 0.06
CA GLN A 22 6.35 11.07 0.51
C GLN A 22 6.66 9.58 0.49
N LEU A 23 7.04 9.07 -0.68
CA LEU A 23 7.36 7.66 -0.83
C LEU A 23 8.43 7.23 0.15
N ARG A 24 9.61 7.85 0.05
CA ARG A 24 10.72 7.53 0.94
C ARG A 24 10.21 7.18 2.34
N VAL A 25 9.12 7.81 2.75
CA VAL A 25 8.54 7.56 4.06
C VAL A 25 7.61 6.34 4.03
N LEU A 26 6.56 6.42 3.22
CA LEU A 26 5.61 5.33 3.10
C LEU A 26 6.32 4.00 2.90
N GLN A 27 7.25 3.98 1.95
CA GLN A 27 8.01 2.77 1.65
C GLN A 27 8.75 2.28 2.89
N ALA A 28 9.33 3.21 3.65
CA ALA A 28 10.07 2.87 4.85
C ALA A 28 9.12 2.39 5.95
N SER A 29 7.83 2.67 5.78
CA SER A 29 6.83 2.28 6.77
C SER A 29 6.18 0.96 6.38
N PHE A 30 5.48 0.96 5.25
CA PHE A 30 4.80 -0.24 4.76
C PHE A 30 5.68 -1.48 4.97
N LEU A 31 6.98 -1.32 4.72
CA LEU A 31 7.92 -2.42 4.88
C LEU A 31 8.06 -2.82 6.35
N ASN A 32 8.00 -1.83 7.23
CA ASN A 32 8.11 -2.09 8.67
C ASN A 32 6.83 -2.73 9.20
N SER A 33 5.74 -2.60 8.44
CA SER A 33 4.47 -3.16 8.84
C SER A 33 3.43 -3.01 7.73
N SER A 34 3.07 -4.14 7.12
CA SER A 34 2.09 -4.14 6.04
C SER A 34 0.71 -3.73 6.55
N VAL A 35 0.31 -4.32 7.68
CA VAL A 35 -0.99 -4.02 8.27
C VAL A 35 -0.98 -2.66 8.96
N LEU A 36 -1.24 -1.61 8.19
CA LEU A 36 -1.27 -0.26 8.72
C LEU A 36 -2.07 -0.20 10.02
N THR A 37 -1.56 0.55 11.00
CA THR A 37 -2.23 0.70 12.28
C THR A 37 -2.49 2.16 12.61
N ASP A 38 -3.63 2.44 13.21
CA ASP A 38 -4.00 3.79 13.58
C ASP A 38 -2.77 4.61 13.98
N GLU A 39 -2.02 4.09 14.94
CA GLU A 39 -0.82 4.77 15.41
C GLU A 39 0.07 5.17 14.24
N GLU A 40 0.35 4.22 13.35
CA GLU A 40 1.18 4.47 12.18
C GLU A 40 0.48 5.41 11.20
N LEU A 41 -0.69 5.00 10.74
CA LEU A 41 -1.46 5.79 9.80
C LEU A 41 -1.32 7.28 10.09
N ASN A 42 -1.47 7.64 11.36
CA ASN A 42 -1.36 9.03 11.78
C ASN A 42 0.01 9.59 11.42
N ARG A 43 1.05 9.07 12.07
CA ARG A 43 2.41 9.52 11.83
C ARG A 43 2.61 9.87 10.35
N LEU A 44 2.20 8.97 9.47
CA LEU A 44 2.33 9.19 8.03
C LEU A 44 1.41 10.32 7.56
N ARG A 45 0.15 10.27 8.00
CA ARG A 45 -0.82 11.28 7.62
C ARG A 45 -0.25 12.69 7.80
N ALA A 46 0.70 12.81 8.74
CA ALA A 46 1.33 14.10 9.01
C ALA A 46 2.63 14.24 8.23
N GLN A 47 3.49 13.24 8.33
CA GLN A 47 4.77 13.26 7.62
C GLN A 47 4.57 13.49 6.13
N THR A 48 3.82 12.59 5.51
CA THR A 48 3.55 12.69 4.08
C THR A 48 2.50 13.75 3.78
N LYS A 49 1.85 14.24 4.83
CA LYS A 49 0.83 15.27 4.68
C LYS A 49 -0.27 14.82 3.73
N LEU A 50 -0.53 13.51 3.72
CA LEU A 50 -1.57 12.94 2.85
C LEU A 50 -2.81 12.59 3.66
N THR A 51 -3.81 12.02 2.97
CA THR A 51 -5.05 11.63 3.63
C THR A 51 -5.13 10.11 3.79
N ARG A 52 -5.79 9.67 4.85
CA ARG A 52 -5.93 8.24 5.12
C ARG A 52 -6.05 7.46 3.83
N ARG A 53 -7.14 7.70 3.09
CA ARG A 53 -7.36 7.01 1.83
C ARG A 53 -6.08 6.89 1.02
N GLU A 54 -5.46 8.04 0.75
CA GLU A 54 -4.21 8.06 -0.01
C GLU A 54 -3.22 7.05 0.53
N ILE A 55 -2.96 7.11 1.83
CA ILE A 55 -2.02 6.19 2.47
C ILE A 55 -2.59 4.78 2.51
N ASP A 56 -3.59 4.58 3.37
CA ASP A 56 -4.22 3.28 3.51
C ASP A 56 -4.35 2.58 2.15
N ALA A 57 -4.62 3.37 1.12
CA ALA A 57 -4.77 2.84 -0.22
C ALA A 57 -3.44 2.36 -0.78
N TRP A 58 -2.42 3.22 -0.70
CA TRP A 58 -1.10 2.88 -1.18
C TRP A 58 -0.60 1.56 -0.60
N PHE A 59 -0.54 1.51 0.73
CA PHE A 59 -0.08 0.30 1.42
C PHE A 59 -0.70 -0.94 0.80
N THR A 60 -2.01 -0.88 0.53
CA THR A 60 -2.73 -2.00 -0.05
C THR A 60 -2.05 -2.48 -1.33
N GLU A 61 -2.14 -1.67 -2.39
CA GLU A 61 -1.53 -2.01 -3.67
C GLU A 61 -0.16 -2.64 -3.46
N LYS A 62 0.68 -1.98 -2.68
CA LYS A 62 2.03 -2.47 -2.40
C LYS A 62 2.02 -3.97 -2.17
N LYS A 63 1.14 -4.43 -1.29
CA LYS A 63 1.02 -5.86 -0.99
C LYS A 63 1.06 -6.69 -2.26
N LYS A 64 0.41 -6.20 -3.31
CA LYS A 64 0.37 -6.89 -4.59
C LYS A 64 1.77 -7.30 -5.03
N SER A 65 2.75 -6.42 -4.80
CA SER A 65 4.12 -6.68 -5.17
C SER A 65 4.70 -7.82 -4.33
N LYS A 66 4.22 -7.94 -3.10
CA LYS A 66 4.69 -8.98 -2.19
C LYS A 66 3.98 -10.30 -2.48
N ALA A 67 2.86 -10.23 -3.18
CA ALA A 67 2.10 -11.43 -3.51
C ALA A 67 2.83 -12.27 -4.56
N LEU A 68 3.57 -11.60 -5.43
CA LEU A 68 4.32 -12.30 -6.48
C LEU A 68 5.42 -13.17 -5.88
N LYS A 69 5.88 -14.14 -6.65
CA LYS A 69 6.93 -15.05 -6.19
C LYS A 69 8.01 -14.28 -5.45
N GLU A 70 8.22 -14.65 -4.19
CA GLU A 70 9.24 -13.99 -3.37
C GLU A 70 10.24 -15.01 -2.82
N GLU A 71 11.44 -14.54 -2.50
CA GLU A 71 12.48 -15.41 -1.97
C GLU A 71 11.96 -16.24 -0.80
N LYS A 72 12.63 -17.34 -0.51
CA LYS A 72 12.24 -18.22 0.59
C LYS A 72 11.94 -17.41 1.85
N MET A 73 10.79 -17.67 2.45
CA MET A 73 10.39 -16.96 3.66
C MET A 73 10.13 -17.96 4.80
N GLU A 74 10.34 -17.51 6.03
CA GLU A 74 10.12 -18.35 7.21
C GLU A 74 8.66 -18.35 7.61
N ILE A 75 8.02 -19.52 7.54
CA ILE A 75 6.62 -19.66 7.90
C ILE A 75 6.34 -18.99 9.24
N ASP A 76 5.17 -18.36 9.35
CA ASP A 76 4.78 -17.68 10.58
C ASP A 76 4.36 -18.69 11.64
N GLU A 77 4.87 -18.51 12.86
CA GLU A 77 4.55 -19.41 13.96
C GLU A 77 3.05 -19.47 14.20
N SER A 78 2.56 -20.60 14.70
CA SER A 78 1.15 -20.79 14.96
C SER A 78 0.82 -20.45 16.42
N ASN A 79 -0.46 -20.28 16.71
CA ASN A 79 -0.90 -19.95 18.06
C ASN A 79 -1.68 -21.12 18.67
N ALA A 80 -1.43 -21.38 19.95
CA ALA A 80 -2.09 -22.47 20.65
C ALA A 80 -3.39 -21.99 21.30
N GLY A 81 -4.50 -22.62 20.93
CA GLY A 81 -5.78 -22.23 21.49
C GLY A 81 -5.79 -22.28 23.00
N SER A 82 -5.63 -21.12 23.63
CA SER A 82 -5.63 -21.03 25.08
C SER A 82 -6.82 -20.21 25.59
N SER A 83 -7.83 -20.90 26.09
CA SER A 83 -9.03 -20.24 26.60
C SER A 83 -9.13 -20.39 28.12
N SER A 84 -9.42 -19.29 28.79
CA SER A 84 -9.54 -19.30 30.25
C SER A 84 -10.93 -19.74 30.68
N GLY A 85 -11.00 -20.87 31.37
CA GLY A 85 -12.28 -21.38 31.82
C GLY A 85 -12.21 -21.94 33.23
N PRO A 86 -13.33 -21.85 33.97
CA PRO A 86 -13.41 -22.33 35.35
C PRO A 86 -13.38 -23.86 35.43
N SER A 87 -12.64 -24.37 36.41
CA SER A 87 -12.51 -25.82 36.59
C SER A 87 -11.96 -26.48 35.33
N SER A 88 -10.87 -25.92 34.81
CA SER A 88 -10.24 -26.45 33.60
C SER A 88 -8.72 -26.38 33.70
N GLY A 89 -8.04 -27.04 32.78
CA GLY A 89 -6.59 -27.05 32.78
C GLY A 89 -6.02 -28.15 33.64
N GLY A 1 -11.39 -1.73 20.85
CA GLY A 1 -11.57 -0.63 19.93
C GLY A 1 -12.64 -0.90 18.89
N SER A 2 -13.22 0.16 18.35
CA SER A 2 -14.25 0.04 17.34
C SER A 2 -13.65 -0.04 15.94
N SER A 3 -13.57 -1.25 15.39
CA SER A 3 -13.00 -1.46 14.07
C SER A 3 -13.76 -2.57 13.32
N GLY A 4 -14.41 -2.20 12.24
CA GLY A 4 -15.16 -3.18 11.46
C GLY A 4 -14.98 -2.98 9.96
N SER A 5 -15.92 -3.52 9.18
CA SER A 5 -15.85 -3.41 7.73
C SER A 5 -17.16 -2.86 7.17
N SER A 6 -17.07 -2.15 6.05
CA SER A 6 -18.24 -1.58 5.42
C SER A 6 -18.88 -2.56 4.44
N GLY A 7 -18.10 -3.02 3.47
CA GLY A 7 -18.60 -3.96 2.48
C GLY A 7 -18.21 -3.59 1.07
N PRO A 8 -18.96 -4.09 0.09
CA PRO A 8 -18.71 -3.83 -1.33
C PRO A 8 -19.01 -2.38 -1.71
N ASP A 9 -19.58 -1.64 -0.77
CA ASP A 9 -19.91 -0.24 -1.01
C ASP A 9 -18.71 0.53 -1.55
N PHE A 10 -17.62 0.53 -0.79
CA PHE A 10 -16.40 1.22 -1.21
C PHE A 10 -15.73 0.49 -2.36
N THR A 11 -14.98 1.23 -3.17
CA THR A 11 -14.27 0.65 -4.31
C THR A 11 -12.78 0.96 -4.24
N PRO A 12 -11.96 -0.01 -4.67
CA PRO A 12 -10.50 0.14 -4.68
C PRO A 12 -10.02 1.15 -5.71
N GLN A 13 -9.65 2.33 -5.24
CA GLN A 13 -9.17 3.39 -6.12
C GLN A 13 -7.65 3.48 -6.10
N LYS A 14 -7.08 4.06 -7.14
CA LYS A 14 -5.63 4.21 -7.24
C LYS A 14 -5.23 5.69 -7.32
N PHE A 15 -4.02 5.99 -6.87
CA PHE A 15 -3.52 7.35 -6.89
C PHE A 15 -2.07 7.40 -7.38
N LYS A 16 -1.78 8.38 -8.22
CA LYS A 16 -0.42 8.54 -8.76
C LYS A 16 0.06 9.97 -8.59
N GLU A 17 -0.16 10.54 -7.40
CA GLU A 17 0.25 11.90 -7.12
C GLU A 17 1.20 11.94 -5.91
N LYS A 18 2.08 10.95 -5.83
CA LYS A 18 3.04 10.87 -4.74
C LYS A 18 4.45 11.24 -5.22
N THR A 19 5.17 11.99 -4.39
CA THR A 19 6.52 12.40 -4.72
C THR A 19 7.56 11.56 -3.99
N ALA A 20 8.76 11.50 -4.54
CA ALA A 20 9.84 10.72 -3.94
C ALA A 20 9.88 10.92 -2.42
N GLU A 21 9.84 12.17 -2.00
CA GLU A 21 9.86 12.50 -0.57
C GLU A 21 8.79 11.71 0.18
N GLN A 22 7.56 11.78 -0.31
CA GLN A 22 6.44 11.08 0.32
C GLN A 22 6.68 9.58 0.33
N LEU A 23 7.06 9.03 -0.81
CA LEU A 23 7.33 7.60 -0.93
C LEU A 23 8.39 7.16 0.07
N ARG A 24 9.57 7.76 -0.02
CA ARG A 24 10.67 7.43 0.88
C ARG A 24 10.15 7.09 2.28
N VAL A 25 9.12 7.81 2.71
CA VAL A 25 8.52 7.58 4.03
C VAL A 25 7.61 6.37 4.01
N LEU A 26 6.50 6.47 3.28
CA LEU A 26 5.55 5.38 3.19
C LEU A 26 6.27 4.04 3.00
N GLN A 27 7.18 3.99 2.03
CA GLN A 27 7.94 2.78 1.76
C GLN A 27 8.65 2.28 3.02
N ALA A 28 9.32 3.20 3.70
CA ALA A 28 10.04 2.85 4.92
C ALA A 28 9.11 2.29 5.98
N SER A 29 7.90 2.82 6.03
CA SER A 29 6.90 2.37 7.00
C SER A 29 6.29 1.04 6.57
N PHE A 30 5.57 1.05 5.46
CA PHE A 30 4.94 -0.16 4.95
C PHE A 30 5.85 -1.37 5.10
N LEU A 31 7.12 -1.19 4.74
CA LEU A 31 8.10 -2.27 4.85
C LEU A 31 8.04 -2.93 6.22
N ASN A 32 8.16 -2.13 7.27
CA ASN A 32 8.11 -2.64 8.63
C ASN A 32 6.98 -3.65 8.80
N SER A 33 5.79 -3.27 8.36
CA SER A 33 4.62 -4.13 8.46
C SER A 33 3.59 -3.80 7.38
N SER A 34 3.17 -4.82 6.64
CA SER A 34 2.20 -4.62 5.57
C SER A 34 0.89 -4.05 6.11
N VAL A 35 0.53 -4.46 7.32
CA VAL A 35 -0.69 -3.98 7.96
C VAL A 35 -0.48 -2.60 8.57
N LEU A 36 -1.40 -1.69 8.29
CA LEU A 36 -1.31 -0.33 8.81
C LEU A 36 -2.06 -0.21 10.14
N THR A 37 -1.39 0.35 11.14
CA THR A 37 -1.99 0.52 12.45
C THR A 37 -2.57 1.92 12.62
N ASP A 38 -3.81 1.99 13.10
CA ASP A 38 -4.48 3.26 13.30
C ASP A 38 -3.48 4.34 13.74
N GLU A 39 -2.62 3.99 14.69
CA GLU A 39 -1.62 4.92 15.19
C GLU A 39 -0.65 5.34 14.09
N GLU A 40 0.06 4.35 13.53
CA GLU A 40 1.01 4.62 12.46
C GLU A 40 0.39 5.49 11.38
N LEU A 41 -0.77 5.09 10.90
CA LEU A 41 -1.46 5.84 9.85
C LEU A 41 -1.40 7.34 10.12
N ASN A 42 -1.78 7.73 11.33
CA ASN A 42 -1.76 9.14 11.71
C ASN A 42 -0.41 9.77 11.41
N ARG A 43 0.63 9.25 12.06
CA ARG A 43 1.98 9.76 11.86
C ARG A 43 2.24 10.06 10.38
N LEU A 44 2.11 9.03 9.55
CA LEU A 44 2.33 9.17 8.12
C LEU A 44 1.44 10.27 7.53
N ARG A 45 0.22 10.37 8.06
CA ARG A 45 -0.73 11.37 7.59
C ARG A 45 -0.13 12.77 7.68
N ALA A 46 0.79 12.96 8.64
CA ALA A 46 1.44 14.25 8.83
C ALA A 46 2.75 14.32 8.05
N GLN A 47 3.60 13.32 8.24
CA GLN A 47 4.88 13.27 7.56
C GLN A 47 4.70 13.42 6.04
N THR A 48 3.85 12.58 5.47
CA THR A 48 3.59 12.62 4.03
C THR A 48 2.63 13.75 3.69
N LYS A 49 1.89 14.23 4.67
CA LYS A 49 0.94 15.31 4.47
C LYS A 49 -0.15 14.90 3.48
N LEU A 50 -0.62 13.66 3.60
CA LEU A 50 -1.66 13.15 2.72
C LEU A 50 -2.87 12.68 3.52
N THR A 51 -3.92 12.26 2.81
CA THR A 51 -5.13 11.80 3.46
C THR A 51 -5.02 10.33 3.85
N ARG A 52 -5.61 9.98 4.99
CA ARG A 52 -5.57 8.60 5.48
C ARG A 52 -5.85 7.61 4.35
N ARG A 53 -6.87 7.92 3.56
CA ARG A 53 -7.25 7.05 2.44
C ARG A 53 -6.08 6.85 1.49
N GLU A 54 -5.42 7.95 1.14
CA GLU A 54 -4.28 7.88 0.23
C GLU A 54 -3.23 6.90 0.73
N ILE A 55 -2.84 7.04 2.00
CA ILE A 55 -1.85 6.16 2.61
C ILE A 55 -2.38 4.74 2.71
N ASP A 56 -3.42 4.55 3.51
CA ASP A 56 -4.02 3.23 3.70
C ASP A 56 -4.08 2.47 2.37
N ALA A 57 -4.57 3.13 1.34
CA ALA A 57 -4.68 2.51 0.02
C ALA A 57 -3.32 2.07 -0.49
N TRP A 58 -2.38 3.02 -0.53
CA TRP A 58 -1.02 2.73 -1.00
C TRP A 58 -0.50 1.43 -0.39
N PHE A 59 -0.32 1.43 0.93
CA PHE A 59 0.17 0.26 1.64
C PHE A 59 -0.32 -1.02 0.98
N THR A 60 -1.61 -1.07 0.68
CA THR A 60 -2.21 -2.23 0.04
C THR A 60 -1.70 -2.42 -1.38
N GLU A 61 -1.93 -1.42 -2.22
CA GLU A 61 -1.48 -1.47 -3.60
C GLU A 61 -0.09 -2.09 -3.71
N LYS A 62 0.78 -1.74 -2.76
CA LYS A 62 2.14 -2.26 -2.74
C LYS A 62 2.13 -3.78 -2.60
N LYS A 63 1.42 -4.28 -1.60
CA LYS A 63 1.34 -5.72 -1.35
C LYS A 63 1.13 -6.47 -2.66
N LYS A 64 0.24 -5.96 -3.51
CA LYS A 64 -0.05 -6.58 -4.79
C LYS A 64 1.23 -7.07 -5.46
N SER A 65 2.30 -6.30 -5.31
CA SER A 65 3.59 -6.65 -5.91
C SER A 65 4.12 -7.95 -5.32
N LYS A 66 3.92 -8.13 -4.03
CA LYS A 66 4.38 -9.35 -3.34
C LYS A 66 3.70 -10.58 -3.91
N ALA A 67 2.60 -10.37 -4.64
CA ALA A 67 1.86 -11.47 -5.24
C ALA A 67 2.35 -11.75 -6.66
N LEU A 68 3.64 -11.50 -6.89
CA LEU A 68 4.24 -11.73 -8.20
C LEU A 68 5.02 -13.05 -8.22
N LYS A 69 5.39 -13.48 -9.42
CA LYS A 69 6.16 -14.72 -9.58
C LYS A 69 5.75 -15.74 -8.52
N GLU A 70 4.46 -15.85 -8.27
CA GLU A 70 3.94 -16.80 -7.28
C GLU A 70 4.72 -18.10 -7.32
N GLU A 71 4.85 -18.74 -6.17
CA GLU A 71 5.58 -20.01 -6.07
C GLU A 71 5.22 -20.93 -7.24
N LYS A 72 3.93 -21.23 -7.37
CA LYS A 72 3.45 -22.10 -8.44
C LYS A 72 3.27 -21.32 -9.73
N MET A 73 4.22 -20.44 -10.02
CA MET A 73 4.17 -19.63 -11.24
C MET A 73 5.56 -19.16 -11.64
N GLU A 74 5.83 -19.17 -12.94
CA GLU A 74 7.12 -18.75 -13.46
C GLU A 74 7.08 -18.56 -14.96
N ILE A 75 7.37 -17.34 -15.42
CA ILE A 75 7.36 -17.03 -16.84
C ILE A 75 8.55 -17.66 -17.55
N ASP A 76 8.45 -18.97 -17.79
CA ASP A 76 9.53 -19.69 -18.47
C ASP A 76 10.86 -19.47 -17.77
N GLU A 77 10.90 -19.72 -16.47
CA GLU A 77 12.11 -19.54 -15.68
C GLU A 77 12.24 -20.63 -14.61
N SER A 78 13.38 -20.64 -13.92
CA SER A 78 13.62 -21.64 -12.88
C SER A 78 12.98 -21.20 -11.57
N ASN A 79 12.59 -22.19 -10.75
CA ASN A 79 11.96 -21.91 -9.47
C ASN A 79 12.60 -20.70 -8.80
N ALA A 80 11.75 -19.83 -8.24
CA ALA A 80 12.23 -18.62 -7.58
C ALA A 80 11.08 -17.91 -6.86
N GLY A 81 11.40 -17.31 -5.72
CA GLY A 81 10.38 -16.60 -4.96
C GLY A 81 10.21 -17.16 -3.56
N SER A 82 9.47 -18.25 -3.46
CA SER A 82 9.22 -18.89 -2.16
C SER A 82 8.25 -18.06 -1.32
N SER A 83 7.22 -17.54 -1.97
CA SER A 83 6.22 -16.73 -1.28
C SER A 83 4.86 -17.43 -1.28
N SER A 84 4.64 -18.26 -0.27
CA SER A 84 3.38 -18.99 -0.14
C SER A 84 2.19 -18.04 -0.11
N GLY A 85 1.04 -18.51 -0.60
CA GLY A 85 -0.15 -17.69 -0.62
C GLY A 85 -1.41 -18.49 -0.90
N PRO A 86 -2.50 -17.78 -1.22
CA PRO A 86 -3.78 -18.43 -1.51
C PRO A 86 -3.77 -19.19 -2.83
N SER A 87 -4.85 -19.91 -3.10
CA SER A 87 -4.96 -20.69 -4.33
C SER A 87 -6.27 -20.40 -5.05
N SER A 88 -6.17 -20.05 -6.34
CA SER A 88 -7.34 -19.73 -7.14
C SER A 88 -7.72 -20.90 -8.03
N GLY A 89 -8.86 -20.78 -8.72
CA GLY A 89 -9.31 -21.84 -9.59
C GLY A 89 -9.69 -23.10 -8.84
#